data_7SGM
#
_entry.id   7SGM
#
_cell.length_a   226.847
_cell.length_b   131.252
_cell.length_c   97.296
_cell.angle_alpha   90.000
_cell.angle_beta   109.100
_cell.angle_gamma   90.000
#
_symmetry.space_group_name_H-M   'C 1 2 1'
#
loop_
_entity.id
_entity.type
_entity.pdbx_description
1 polymer 'CD40 ligand'
2 polymer '5c8* Fab heavy chain'
3 polymer '5c8* Fab light chain'
4 non-polymer 2-acetamido-2-deoxy-beta-D-glucopyranose
5 non-polymer 2-AMINO-2-HYDROXYMETHYL-PROPANE-1,3-DIOL
6 non-polymer DI(HYDROXYETHYL)ETHER
7 non-polymer 'trimethylamine oxide'
8 water water
#
loop_
_entity_poly.entity_id
_entity_poly.type
_entity_poly.pdbx_seq_one_letter_code
_entity_poly.pdbx_strand_id
1 'polypeptide(L)'
;GDQNPQIAAHVISEASSKTTSVLQWAEKGYYTMSNNLVTLENGKQLTVKRQGLYYIYAQVTFCSNREASSQAPFIASLCL
KSPGRFERILLRAANTHSSAKPCGQQSIHLGGVFELQPGASVFVNVTDPSQVSHGTGFTSFGLLKL
;
A,B,C
2 'polypeptide(L)'
;QVQLVQSGAEVVKPGASVKLSCKASGYIFTSYYMYWVKQAPGQGLELIGEINPSNGDTNFNEKFKSKATLTVDKSASTAY
MELSSLRSEDTAVYYCTRSDGRNDMDSWGQGTLVTVSSASTKGPSVFPLAPSSKSTSGGTAALGCLVKDYFPEPVTVSWN
SGALTSGVHTFPAVLQSSGLYSLSSVVTVPSSSLGTQTYICNVNHKPSNTKVDKKVEPKSCDKTHT
;
H,K,X
3 'polypeptide(L)'
;DIVLTQSPATLSVSPGERATISCRASQRVSSSTYSYMHWYQQKPGQPPKLLIKYASNLESGVPARFSGSGSGTDFTLTIS
SVEPEDFATYYCQHSWE(DV7)PPTFGGGTKLEIKRTVAAPSVFIFPPSDEQLKSGTASVVCLLNNFYPREAKVQWKVDN
ALQSGNSQESVTEQDSKDSTYSLSSTLTLSKADYEKHKVYACEVTHQGLSSPVTKSFNRGEC
;
L,M,Y
#
# COMPACT_ATOMS: atom_id res chain seq x y z
N ASN A 4 -14.08 -34.18 -2.90
CA ASN A 4 -14.11 -33.15 -1.82
C ASN A 4 -14.48 -31.80 -2.42
N PRO A 5 -15.41 -31.04 -1.79
CA PRO A 5 -15.88 -29.77 -2.34
C PRO A 5 -14.77 -28.71 -2.21
N GLN A 6 -14.80 -27.72 -3.10
CA GLN A 6 -14.05 -26.45 -3.01
C GLN A 6 -14.64 -25.66 -1.84
N ILE A 7 -13.78 -25.03 -1.06
CA ILE A 7 -14.22 -24.25 0.11
C ILE A 7 -13.63 -22.84 -0.04
N ALA A 8 -14.47 -21.82 -0.23
CA ALA A 8 -13.97 -20.45 -0.46
C ALA A 8 -15.08 -19.49 -0.15
N ALA A 9 -14.65 -18.29 0.19
CA ALA A 9 -15.53 -17.18 0.56
C ALA A 9 -14.91 -15.86 0.14
N HIS A 10 -15.77 -14.96 -0.27
CA HIS A 10 -15.46 -13.55 -0.60
C HIS A 10 -16.70 -12.71 -0.20
N VAL A 11 -16.50 -11.78 0.74
CA VAL A 11 -17.64 -10.99 1.29
C VAL A 11 -17.30 -9.49 1.10
N ILE A 12 -18.34 -8.68 1.01
CA ILE A 12 -18.35 -7.26 0.60
C ILE A 12 -18.49 -6.42 1.87
N SER A 13 -17.79 -5.29 1.92
CA SER A 13 -17.77 -4.44 3.13
C SER A 13 -19.19 -3.91 3.40
N GLU A 14 -19.55 -3.76 4.67
CA GLU A 14 -20.87 -3.24 5.12
C GLU A 14 -20.62 -2.17 6.22
N ALA A 15 -21.25 -1.00 6.09
CA ALA A 15 -21.17 0.07 7.09
C ALA A 15 -22.09 -0.31 8.26
N SER A 16 -21.85 0.29 9.40
CA SER A 16 -22.69 0.15 10.62
C SER A 16 -22.58 1.43 11.47
N SER A 17 -23.70 1.92 11.98
CA SER A 17 -23.74 3.10 12.87
C SER A 17 -23.19 2.69 14.24
N LYS A 18 -23.17 1.37 14.53
CA LYS A 18 -22.40 0.78 15.66
C LYS A 18 -20.99 0.55 15.15
N SER A 21 -14.81 -1.23 16.28
CA SER A 21 -13.46 -1.61 15.79
C SER A 21 -13.52 -2.76 14.75
N VAL A 22 -14.38 -3.74 14.94
CA VAL A 22 -14.48 -4.94 14.08
C VAL A 22 -15.25 -4.52 12.81
N LEU A 23 -14.71 -4.72 11.60
CA LEU A 23 -15.46 -4.45 10.35
C LEU A 23 -16.64 -5.42 10.19
N GLN A 24 -17.68 -4.95 9.51
CA GLN A 24 -18.87 -5.76 9.16
CA GLN A 24 -18.82 -5.82 9.19
C GLN A 24 -18.82 -6.07 7.67
N TRP A 25 -19.45 -7.16 7.28
CA TRP A 25 -19.43 -7.70 5.91
C TRP A 25 -20.82 -8.19 5.57
N ALA A 26 -21.07 -8.37 4.27
CA ALA A 26 -22.33 -8.92 3.76
C ALA A 26 -22.09 -9.84 2.57
N GLU A 27 -22.96 -10.85 2.47
CA GLU A 27 -23.14 -11.64 1.23
C GLU A 27 -24.09 -10.88 0.29
N LYS A 28 -23.53 -10.08 -0.60
CA LYS A 28 -24.31 -9.27 -1.56
C LYS A 28 -23.35 -8.87 -2.69
N GLY A 29 -23.84 -8.26 -3.76
CA GLY A 29 -23.00 -7.98 -4.93
C GLY A 29 -22.32 -9.26 -5.42
N TYR A 30 -21.07 -9.16 -5.89
CA TYR A 30 -20.32 -10.30 -6.49
C TYR A 30 -19.53 -11.01 -5.37
N TYR A 31 -20.26 -11.64 -4.46
CA TYR A 31 -19.73 -12.34 -3.26
C TYR A 31 -19.56 -13.80 -3.66
N THR A 32 -18.79 -14.52 -2.88
CA THR A 32 -18.65 -15.98 -2.99
C THR A 32 -18.88 -16.58 -1.59
N MET A 33 -19.61 -17.67 -1.59
CA MET A 33 -19.78 -18.56 -0.41
CA MET A 33 -19.84 -18.54 -0.42
C MET A 33 -20.10 -19.94 -1.02
N SER A 34 -19.08 -20.78 -1.15
CA SER A 34 -19.18 -22.02 -1.98
C SER A 34 -20.13 -23.02 -1.33
N ASN A 35 -20.25 -23.01 -0.01
CA ASN A 35 -21.05 -24.05 0.70
C ASN A 35 -21.11 -23.66 2.17
N ASN A 36 -21.79 -24.44 3.01
CA ASN A 36 -21.95 -24.21 4.48
C ASN A 36 -20.67 -24.55 5.28
N LEU A 37 -19.58 -24.93 4.62
CA LEU A 37 -18.33 -25.30 5.31
C LEU A 37 -17.51 -24.05 5.62
N VAL A 38 -17.95 -22.90 5.12
CA VAL A 38 -17.50 -21.58 5.64
C VAL A 38 -18.77 -20.75 5.76
N THR A 39 -18.92 -19.98 6.85
CA THR A 39 -20.12 -19.15 7.07
C THR A 39 -19.66 -17.77 7.54
N LEU A 40 -20.40 -16.74 7.13
CA LEU A 40 -20.20 -15.37 7.62
C LEU A 40 -21.08 -15.30 8.87
N GLU A 41 -20.52 -15.14 10.05
CA GLU A 41 -21.33 -15.15 11.31
C GLU A 41 -21.45 -13.73 11.86
N ASN A 42 -22.67 -13.34 12.22
CA ASN A 42 -23.02 -12.05 12.87
C ASN A 42 -22.46 -10.88 12.06
N GLY A 43 -22.33 -11.04 10.73
CA GLY A 43 -21.85 -9.99 9.83
C GLY A 43 -20.38 -9.65 10.05
N LYS A 44 -19.62 -10.38 10.88
CA LYS A 44 -18.31 -9.88 11.39
C LYS A 44 -17.18 -10.90 11.18
N GLN A 45 -17.47 -12.19 11.07
CA GLN A 45 -16.40 -13.18 11.04
C GLN A 45 -16.70 -14.33 10.07
N LEU A 46 -15.66 -14.79 9.40
CA LEU A 46 -15.70 -16.01 8.56
C LEU A 46 -15.27 -17.19 9.44
N THR A 47 -16.16 -18.18 9.58
CA THR A 47 -15.96 -19.36 10.44
C THR A 47 -15.87 -20.61 9.58
N VAL A 48 -14.85 -21.41 9.83
CA VAL A 48 -14.58 -22.61 8.98
C VAL A 48 -14.95 -23.85 9.79
N LYS A 49 -15.55 -24.84 9.16
CA LYS A 49 -15.89 -26.13 9.79
C LYS A 49 -14.70 -27.09 9.80
N ARG A 50 -13.83 -27.03 8.78
CA ARG A 50 -12.83 -28.07 8.51
C ARG A 50 -11.47 -27.51 8.88
N GLN A 51 -10.71 -28.29 9.64
CA GLN A 51 -9.25 -28.06 9.87
C GLN A 51 -8.54 -28.12 8.51
N GLY A 52 -7.45 -27.35 8.38
CA GLY A 52 -6.56 -27.41 7.22
C GLY A 52 -5.92 -26.05 7.00
N LEU A 53 -5.17 -26.01 5.92
CA LEU A 53 -4.51 -24.80 5.46
C LEU A 53 -5.44 -24.03 4.52
N TYR A 54 -5.47 -22.73 4.77
CA TYR A 54 -6.29 -21.76 4.05
C TYR A 54 -5.40 -20.58 3.71
N TYR A 55 -5.67 -19.99 2.56
CA TYR A 55 -5.13 -18.66 2.17
C TYR A 55 -6.23 -17.70 2.54
N ILE A 56 -5.87 -16.68 3.33
CA ILE A 56 -6.85 -15.76 3.95
C ILE A 56 -6.43 -14.34 3.61
N TYR A 57 -7.38 -13.50 3.22
CA TYR A 57 -6.99 -12.17 2.72
C TYR A 57 -8.03 -11.15 3.10
N ALA A 58 -7.58 -9.89 3.16
CA ALA A 58 -8.47 -8.75 3.30
C ALA A 58 -7.85 -7.53 2.61
N GLN A 59 -8.70 -6.71 2.02
CA GLN A 59 -8.29 -5.36 1.57
CA GLN A 59 -8.30 -5.37 1.57
C GLN A 59 -9.25 -4.33 2.16
N VAL A 60 -8.67 -3.24 2.63
CA VAL A 60 -9.42 -2.16 3.27
C VAL A 60 -8.98 -0.91 2.59
N THR A 61 -9.93 -0.20 2.00
CA THR A 61 -9.73 1.19 1.59
C THR A 61 -10.35 2.08 2.66
N PHE A 62 -9.68 3.16 2.98
CA PHE A 62 -10.15 4.13 3.99
C PHE A 62 -9.90 5.52 3.41
N CYS A 63 -10.68 6.48 3.92
CA CYS A 63 -10.68 7.89 3.50
C CYS A 63 -10.56 8.70 4.78
N SER A 64 -9.44 9.36 4.96
CA SER A 64 -9.16 10.08 6.22
C SER A 64 -8.49 11.40 5.87
N ASN A 65 -8.43 12.28 6.85
CA ASN A 65 -7.57 13.48 6.81
C ASN A 65 -6.70 13.49 8.08
N ARG A 66 -5.38 13.55 7.91
CA ARG A 66 -4.33 13.67 8.96
C ARG A 66 -4.33 15.08 9.54
N GLU A 67 -5.33 15.42 10.38
CA GLU A 67 -5.40 16.72 11.13
C GLU A 67 -6.63 16.65 12.05
N ALA A 72 -1.45 7.10 15.41
CA ALA A 72 -1.69 8.09 14.32
C ALA A 72 -1.82 7.36 13.00
N PRO A 73 -1.16 6.21 12.71
CA PRO A 73 -1.47 5.53 11.48
C PRO A 73 -2.80 4.80 11.66
N PHE A 74 -3.46 4.63 10.54
CA PHE A 74 -4.56 3.66 10.32
C PHE A 74 -3.89 2.27 10.28
N ILE A 75 -4.31 1.38 11.15
CA ILE A 75 -3.90 -0.05 11.15
C ILE A 75 -5.14 -0.94 10.92
N ALA A 76 -4.99 -1.90 10.02
CA ALA A 76 -5.94 -3.01 9.79
C ALA A 76 -5.30 -4.28 10.27
N SER A 77 -6.05 -5.14 10.97
CA SER A 77 -5.54 -6.43 11.53
C SER A 77 -6.44 -7.59 11.09
N LEU A 78 -5.86 -8.65 10.58
CA LEU A 78 -6.54 -9.93 10.34
C LEU A 78 -6.34 -10.73 11.63
N CYS A 79 -7.42 -11.01 12.33
CA CYS A 79 -7.44 -11.64 13.67
C CYS A 79 -8.04 -13.05 13.58
N LEU A 80 -7.57 -13.93 14.45
CA LEU A 80 -8.00 -15.36 14.54
C LEU A 80 -8.55 -15.57 15.97
N LYS A 81 -9.74 -16.15 16.02
CA LYS A 81 -10.35 -16.68 17.26
C LYS A 81 -10.52 -18.18 17.07
N SER A 82 -9.67 -18.96 17.71
CA SER A 82 -9.67 -20.43 17.66
C SER A 82 -10.33 -20.92 18.94
N PRO A 83 -11.14 -22.01 18.89
CA PRO A 83 -11.84 -22.50 20.08
C PRO A 83 -10.86 -22.79 21.22
N GLY A 84 -11.18 -22.34 22.44
CA GLY A 84 -10.34 -22.51 23.64
C GLY A 84 -9.08 -21.65 23.64
N ARG A 85 -8.96 -20.68 22.70
CA ARG A 85 -7.76 -19.81 22.61
C ARG A 85 -8.24 -18.37 22.67
N PHE A 86 -7.42 -17.47 23.18
CA PHE A 86 -7.70 -16.02 23.06
C PHE A 86 -7.43 -15.60 21.62
N GLU A 87 -8.13 -14.57 21.19
CA GLU A 87 -7.92 -13.95 19.86
C GLU A 87 -6.44 -13.59 19.70
N ARG A 88 -5.96 -13.63 18.47
CA ARG A 88 -4.57 -13.26 18.16
C ARG A 88 -4.56 -12.61 16.79
N ILE A 89 -3.56 -11.80 16.57
CA ILE A 89 -3.35 -11.12 15.28
C ILE A 89 -2.56 -12.06 14.37
N LEU A 90 -3.03 -12.28 13.17
CA LEU A 90 -2.26 -13.05 12.17
C LEU A 90 -1.49 -12.08 11.25
N LEU A 91 -2.15 -11.04 10.76
CA LEU A 91 -1.55 -10.07 9.81
C LEU A 91 -1.99 -8.66 10.21
N ARG A 92 -1.16 -7.68 9.95
CA ARG A 92 -1.43 -6.26 10.27
CA ARG A 92 -1.43 -6.26 10.25
C ARG A 92 -0.78 -5.42 9.17
N ALA A 93 -1.46 -4.36 8.74
CA ALA A 93 -0.84 -3.38 7.83
C ALA A 93 -1.15 -1.99 8.37
N ALA A 94 -0.31 -1.02 7.99
CA ALA A 94 -0.39 0.41 8.36
C ALA A 94 -0.43 1.26 7.09
N ASN A 95 -0.83 2.51 7.25
CA ASN A 95 -0.78 3.52 6.19
C ASN A 95 -0.96 4.84 6.96
N THR A 96 -0.08 5.82 6.80
CA THR A 96 -0.31 7.17 7.38
C THR A 96 -1.55 7.76 6.69
N HIS A 97 -2.17 8.67 7.40
CA HIS A 97 -3.35 9.41 6.91
C HIS A 97 -2.90 10.36 5.79
N SER A 98 -3.69 10.44 4.73
CA SER A 98 -3.64 11.51 3.73
C SER A 98 -3.89 12.89 4.39
N SER A 99 -3.39 13.96 3.80
CA SER A 99 -3.79 15.32 4.19
C SER A 99 -4.73 15.93 3.14
N ALA A 100 -5.27 15.15 2.19
CA ALA A 100 -6.27 15.65 1.22
C ALA A 100 -7.57 16.01 1.96
N LYS A 101 -8.26 17.06 1.49
CA LYS A 101 -9.54 17.57 2.03
C LYS A 101 -10.63 17.23 1.02
N PRO A 102 -11.83 16.80 1.44
CA PRO A 102 -12.13 16.54 2.85
C PRO A 102 -11.41 15.30 3.36
N CYS A 103 -11.03 14.37 2.48
CA CYS A 103 -10.31 13.12 2.87
C CYS A 103 -9.55 12.53 1.67
N GLY A 104 -8.44 11.86 1.96
CA GLY A 104 -7.62 11.12 0.97
C GLY A 104 -7.80 9.62 1.16
N GLN A 105 -8.07 8.91 0.09
CA GLN A 105 -8.17 7.44 0.05
C GLN A 105 -6.79 6.81 -0.02
N GLN A 106 -6.65 5.74 0.72
CA GLN A 106 -5.47 4.85 0.81
C GLN A 106 -6.00 3.43 0.92
N SER A 107 -5.22 2.44 0.52
CA SER A 107 -5.64 1.02 0.57
C SER A 107 -4.52 0.17 1.20
N ILE A 108 -4.94 -0.85 1.93
CA ILE A 108 -4.05 -1.88 2.50
C ILE A 108 -4.56 -3.21 1.95
N HIS A 109 -3.64 -4.12 1.66
CA HIS A 109 -3.96 -5.51 1.36
C HIS A 109 -3.17 -6.42 2.32
N LEU A 110 -3.81 -7.45 2.88
CA LEU A 110 -3.18 -8.48 3.74
C LEU A 110 -3.54 -9.85 3.17
N GLY A 111 -2.63 -10.79 3.24
CA GLY A 111 -2.92 -12.18 2.80
C GLY A 111 -1.82 -13.10 3.28
N GLY A 112 -2.14 -14.31 3.64
CA GLY A 112 -1.15 -15.38 3.88
C GLY A 112 -1.84 -16.69 4.15
N VAL A 113 -1.04 -17.75 4.21
CA VAL A 113 -1.46 -19.16 4.47
C VAL A 113 -1.43 -19.42 5.98
N PHE A 114 -2.52 -19.89 6.54
CA PHE A 114 -2.59 -20.29 7.97
C PHE A 114 -3.33 -21.62 8.11
N GLU A 115 -2.91 -22.39 9.11
CA GLU A 115 -3.67 -23.51 9.74
C GLU A 115 -4.89 -23.00 10.48
N LEU A 116 -6.07 -23.50 10.11
CA LEU A 116 -7.27 -23.22 10.91
C LEU A 116 -7.71 -24.54 11.55
N GLN A 117 -8.39 -24.39 12.68
N GLN A 117 -8.34 -24.42 12.71
CA GLN A 117 -8.91 -25.50 13.51
CA GLN A 117 -8.88 -25.56 13.49
C GLN A 117 -10.39 -25.57 13.23
C GLN A 117 -10.37 -25.58 13.23
N PRO A 118 -11.06 -26.71 13.46
CA PRO A 118 -12.50 -26.76 13.25
C PRO A 118 -13.12 -25.65 14.10
N GLY A 119 -14.07 -24.89 13.57
CA GLY A 119 -14.76 -23.87 14.39
C GLY A 119 -13.97 -22.56 14.52
N ALA A 120 -12.78 -22.47 13.97
CA ALA A 120 -12.00 -21.20 14.00
C ALA A 120 -12.66 -20.12 13.14
N SER A 121 -12.52 -18.88 13.53
CA SER A 121 -13.18 -17.68 12.94
C SER A 121 -12.08 -16.67 12.72
N VAL A 122 -12.05 -16.04 11.56
CA VAL A 122 -11.19 -14.87 11.34
C VAL A 122 -12.05 -13.64 11.15
N PHE A 123 -11.47 -12.51 11.48
CA PHE A 123 -12.18 -11.21 11.48
C PHE A 123 -11.16 -10.09 11.23
N VAL A 124 -11.66 -8.91 10.87
CA VAL A 124 -10.79 -7.77 10.49
C VAL A 124 -11.12 -6.64 11.47
N ASN A 125 -10.10 -6.08 12.07
CA ASN A 125 -10.23 -4.97 13.05
C ASN A 125 -9.52 -3.79 12.46
N VAL A 126 -9.97 -2.56 12.71
CA VAL A 126 -9.20 -1.39 12.24
C VAL A 126 -9.21 -0.31 13.29
N THR A 127 -8.28 0.62 13.17
CA THR A 127 -8.23 1.80 14.07
CA THR A 127 -8.21 1.85 14.02
C THR A 127 -9.54 2.60 13.92
N ASP A 128 -10.04 2.87 12.70
CA ASP A 128 -11.29 3.68 12.59
C ASP A 128 -12.27 3.19 11.55
N PRO A 129 -13.25 2.38 12.00
CA PRO A 129 -14.19 1.73 11.09
C PRO A 129 -15.02 2.79 10.36
N SER A 130 -15.27 3.95 10.95
CA SER A 130 -16.15 4.93 10.29
C SER A 130 -15.46 5.51 9.04
N GLN A 131 -14.15 5.42 8.91
CA GLN A 131 -13.32 6.00 7.80
CA GLN A 131 -13.47 6.06 7.73
C GLN A 131 -13.22 5.03 6.61
N VAL A 132 -13.71 3.79 6.75
CA VAL A 132 -13.61 2.74 5.72
C VAL A 132 -14.45 3.15 4.51
N SER A 133 -13.89 2.98 3.30
CA SER A 133 -14.64 3.23 2.04
C SER A 133 -15.44 1.96 1.70
N HIS A 134 -16.75 2.08 1.40
CA HIS A 134 -17.66 0.94 1.08
C HIS A 134 -18.08 1.00 -0.39
N GLY A 135 -17.65 2.00 -1.15
CA GLY A 135 -17.86 1.99 -2.62
C GLY A 135 -17.51 0.63 -3.23
N THR A 136 -18.13 0.32 -4.36
CA THR A 136 -18.00 -0.98 -5.07
C THR A 136 -16.51 -1.39 -5.14
N GLY A 137 -16.17 -2.55 -4.58
CA GLY A 137 -14.84 -3.14 -4.76
C GLY A 137 -13.78 -2.64 -3.78
N PHE A 138 -14.00 -1.57 -3.02
CA PHE A 138 -12.90 -0.96 -2.22
C PHE A 138 -12.46 -1.81 -1.02
N THR A 139 -13.40 -2.51 -0.38
CA THR A 139 -13.15 -3.20 0.91
C THR A 139 -13.81 -4.58 0.85
N SER A 140 -13.03 -5.64 1.12
CA SER A 140 -13.48 -7.06 0.99
C SER A 140 -12.56 -7.97 1.81
N PHE A 141 -13.02 -9.21 1.95
CA PHE A 141 -12.51 -10.16 2.96
C PHE A 141 -12.83 -11.55 2.45
N GLY A 142 -11.87 -12.44 2.47
CA GLY A 142 -12.15 -13.78 1.97
C GLY A 142 -11.11 -14.78 2.38
N LEU A 143 -11.34 -16.01 1.93
CA LEU A 143 -10.39 -17.09 2.15
C LEU A 143 -10.67 -18.22 1.16
N LEU A 144 -9.69 -19.07 1.01
CA LEU A 144 -9.89 -20.32 0.22
C LEU A 144 -9.10 -21.43 0.91
N LYS A 145 -9.68 -22.63 0.93
CA LYS A 145 -9.00 -23.81 1.48
C LYS A 145 -8.04 -24.35 0.42
N LEU A 146 -6.77 -24.55 0.77
CA LEU A 146 -5.83 -25.16 -0.20
C LEU A 146 -6.26 -26.63 -0.40
N ASN B 4 -7.04 -33.01 -13.93
CA ASN B 4 -7.35 -31.72 -14.66
C ASN B 4 -6.08 -30.87 -14.71
N PRO B 5 -5.85 -30.14 -15.83
CA PRO B 5 -4.66 -29.31 -15.96
C PRO B 5 -4.73 -28.18 -14.94
N GLN B 6 -3.56 -27.73 -14.50
CA GLN B 6 -3.37 -26.49 -13.73
C GLN B 6 -3.66 -25.31 -14.68
N ILE B 7 -4.43 -24.36 -14.18
CA ILE B 7 -4.89 -23.18 -14.97
C ILE B 7 -4.43 -21.93 -14.22
N ALA B 8 -3.48 -21.20 -14.80
CA ALA B 8 -2.86 -20.03 -14.12
C ALA B 8 -2.23 -19.15 -15.16
N ALA B 9 -2.19 -17.85 -14.85
CA ALA B 9 -1.63 -16.83 -15.74
C ALA B 9 -1.00 -15.75 -14.88
N HIS B 10 0.08 -15.18 -15.38
CA HIS B 10 0.80 -14.06 -14.75
C HIS B 10 1.38 -13.27 -15.91
N VAL B 11 0.96 -12.03 -16.09
CA VAL B 11 1.44 -11.25 -17.27
C VAL B 11 2.10 -9.96 -16.73
N ILE B 12 2.94 -9.37 -17.59
CA ILE B 12 3.87 -8.27 -17.23
C ILE B 12 3.26 -6.98 -17.81
N SER B 13 3.37 -5.86 -17.08
CA SER B 13 2.86 -4.54 -17.54
C SER B 13 3.54 -4.16 -18.87
N GLU B 14 2.76 -3.51 -19.75
CA GLU B 14 3.28 -2.93 -21.00
CA GLU B 14 3.15 -2.96 -21.07
C GLU B 14 2.71 -1.49 -21.16
N ALA B 15 3.58 -0.58 -21.55
CA ALA B 15 3.20 0.82 -21.84
C ALA B 15 2.52 0.84 -23.22
N SER B 16 1.65 1.81 -23.44
CA SER B 16 1.01 2.07 -24.76
C SER B 16 0.90 3.56 -24.90
N SER B 17 1.21 4.11 -26.06
CA SER B 17 0.99 5.54 -26.36
C SER B 17 -0.51 5.77 -26.53
N LYS B 18 -1.30 4.69 -26.69
CA LYS B 18 -2.80 4.71 -26.81
C LYS B 18 -3.40 4.97 -25.44
N THR B 20 -6.01 5.35 -23.38
CA THR B 20 -7.09 4.50 -22.80
C THR B 20 -7.02 4.59 -21.26
N SER B 21 -7.97 4.06 -20.53
CA SER B 21 -7.88 3.87 -19.07
C SER B 21 -7.51 2.41 -18.79
N VAL B 22 -7.62 1.53 -19.81
CA VAL B 22 -7.41 0.06 -19.63
C VAL B 22 -5.90 -0.21 -19.74
N LEU B 23 -5.32 -0.91 -18.76
CA LEU B 23 -3.89 -1.22 -18.78
C LEU B 23 -3.64 -2.31 -19.83
N GLN B 24 -2.46 -2.27 -20.42
CA GLN B 24 -1.94 -3.27 -21.37
C GLN B 24 -0.91 -4.18 -20.70
N TRP B 25 -0.79 -5.41 -21.21
CA TRP B 25 0.04 -6.50 -20.64
C TRP B 25 0.71 -7.27 -21.77
N ALA B 26 1.74 -8.01 -21.41
CA ALA B 26 2.45 -8.87 -22.36
C ALA B 26 2.90 -10.16 -21.67
N GLU B 27 2.97 -11.22 -22.49
CA GLU B 27 3.64 -12.49 -22.18
C GLU B 27 5.12 -12.27 -22.52
N LYS B 28 5.86 -11.82 -21.55
CA LYS B 28 7.34 -11.62 -21.72
C LYS B 28 7.96 -11.68 -20.32
N GLY B 29 9.28 -11.74 -20.21
CA GLY B 29 9.97 -11.81 -18.90
C GLY B 29 9.52 -13.06 -18.16
N TYR B 30 9.36 -13.01 -16.83
CA TYR B 30 9.01 -14.24 -16.04
C TYR B 30 7.48 -14.32 -15.93
N TYR B 31 6.83 -14.55 -17.06
CA TYR B 31 5.35 -14.58 -17.20
C TYR B 31 4.94 -16.05 -16.99
N THR B 32 3.65 -16.28 -16.80
CA THR B 32 3.05 -17.65 -16.72
C THR B 32 1.81 -17.64 -17.61
N MET B 33 1.63 -18.72 -18.34
CA MET B 33 0.43 -18.95 -19.17
CA MET B 33 0.51 -18.95 -19.26
C MET B 33 0.40 -20.46 -19.36
N SER B 34 -0.24 -21.15 -18.42
CA SER B 34 -0.08 -22.62 -18.27
C SER B 34 -0.65 -23.37 -19.47
N ASN B 35 -1.66 -22.81 -20.17
CA ASN B 35 -2.27 -23.47 -21.34
C ASN B 35 -3.22 -22.49 -22.02
N ASN B 36 -3.94 -22.94 -23.07
CA ASN B 36 -4.90 -22.11 -23.84
C ASN B 36 -6.26 -21.98 -23.12
N LEU B 37 -6.42 -22.52 -21.91
CA LEU B 37 -7.67 -22.39 -21.12
C LEU B 37 -7.72 -21.02 -20.43
N VAL B 38 -6.62 -20.29 -20.41
CA VAL B 38 -6.58 -18.83 -20.09
C VAL B 38 -5.79 -18.19 -21.22
N THR B 39 -6.24 -17.06 -21.76
CA THR B 39 -5.53 -16.37 -22.85
C THR B 39 -5.47 -14.89 -22.49
N LEU B 40 -4.34 -14.27 -22.78
CA LEU B 40 -4.29 -12.81 -22.80
C LEU B 40 -4.84 -12.39 -24.18
N GLU B 41 -5.95 -11.69 -24.24
CA GLU B 41 -6.60 -11.21 -25.49
C GLU B 41 -6.36 -9.71 -25.71
N ASN B 42 -5.95 -9.33 -26.91
CA ASN B 42 -5.78 -7.92 -27.34
C ASN B 42 -4.86 -7.16 -26.38
N GLY B 43 -3.94 -7.85 -25.71
CA GLY B 43 -2.97 -7.21 -24.78
C GLY B 43 -3.65 -6.65 -23.52
N LYS B 44 -4.94 -6.90 -23.31
CA LYS B 44 -5.77 -6.10 -22.35
C LYS B 44 -6.48 -6.97 -21.31
N GLN B 45 -6.82 -8.22 -21.62
CA GLN B 45 -7.77 -8.95 -20.74
C GLN B 45 -7.31 -10.40 -20.66
N LEU B 46 -7.51 -10.99 -19.49
CA LEU B 46 -7.33 -12.44 -19.31
C LEU B 46 -8.73 -13.02 -19.44
N THR B 47 -8.88 -13.95 -20.36
CA THR B 47 -10.13 -14.62 -20.72
C THR B 47 -10.02 -16.10 -20.37
N VAL B 48 -10.99 -16.62 -19.65
CA VAL B 48 -10.99 -18.03 -19.18
C VAL B 48 -12.00 -18.84 -19.99
N LYS B 49 -11.66 -20.07 -20.34
CA LYS B 49 -12.61 -20.96 -21.05
C LYS B 49 -13.56 -21.65 -20.07
N ARG B 50 -13.11 -21.93 -18.84
CA ARG B 50 -13.80 -22.85 -17.91
C ARG B 50 -14.47 -22.06 -16.79
N GLN B 51 -15.73 -22.34 -16.54
CA GLN B 51 -16.44 -21.88 -15.33
C GLN B 51 -15.68 -22.39 -14.10
N GLY B 52 -15.76 -21.63 -12.99
CA GLY B 52 -15.30 -22.09 -11.68
C GLY B 52 -14.76 -20.95 -10.86
N LEU B 53 -14.22 -21.30 -9.72
CA LEU B 53 -13.66 -20.34 -8.74
C LEU B 53 -12.20 -20.11 -9.17
N TYR B 54 -11.80 -18.85 -9.18
CA TYR B 54 -10.46 -18.36 -9.50
C TYR B 54 -10.08 -17.32 -8.47
N TYR B 55 -8.83 -17.35 -8.06
CA TYR B 55 -8.14 -16.27 -7.33
C TYR B 55 -7.55 -15.34 -8.40
N ILE B 56 -7.92 -14.07 -8.33
CA ILE B 56 -7.55 -13.09 -9.38
C ILE B 56 -6.82 -11.97 -8.66
N TYR B 57 -5.70 -11.49 -9.21
CA TYR B 57 -4.89 -10.47 -8.53
C TYR B 57 -4.34 -9.49 -9.53
N ALA B 58 -4.06 -8.28 -9.07
CA ALA B 58 -3.28 -7.31 -9.86
C ALA B 58 -2.46 -6.50 -8.89
N GLN B 59 -1.30 -6.11 -9.40
N GLN B 59 -1.28 -6.11 -9.32
CA GLN B 59 -0.27 -5.23 -8.79
CA GLN B 59 -0.56 -5.07 -8.56
C GLN B 59 -0.19 -3.97 -9.65
C GLN B 59 -0.07 -3.99 -9.49
N VAL B 60 -0.37 -2.76 -9.12
CA VAL B 60 -0.06 -1.56 -9.95
C VAL B 60 0.84 -0.69 -9.11
N THR B 61 2.03 -0.41 -9.62
CA THR B 61 2.89 0.67 -9.11
C THR B 61 2.72 1.87 -10.04
N PHE B 62 2.59 3.05 -9.47
CA PHE B 62 2.52 4.30 -10.25
C PHE B 62 3.47 5.32 -9.64
N CYS B 63 3.77 6.35 -10.42
CA CYS B 63 4.72 7.43 -10.09
C CYS B 63 3.98 8.70 -10.45
N SER B 64 3.68 9.52 -9.45
CA SER B 64 2.88 10.75 -9.66
C SER B 64 3.44 11.88 -8.79
N ASN B 65 3.04 13.11 -9.12
CA ASN B 65 3.18 14.28 -8.22
C ASN B 65 1.78 14.94 -8.05
N ARG B 66 1.40 15.19 -6.80
CA ARG B 66 0.13 15.85 -6.34
C ARG B 66 -0.11 17.16 -7.12
N GLU B 67 0.80 18.14 -7.01
CA GLU B 67 0.72 19.41 -7.78
C GLU B 67 0.62 19.10 -9.29
N ALA B 68 1.45 18.20 -9.83
CA ALA B 68 1.58 17.96 -11.29
C ALA B 68 0.39 17.15 -11.85
N SER B 69 -0.63 16.82 -11.06
CA SER B 69 -1.82 16.04 -11.50
C SER B 69 -3.07 16.91 -11.32
N ALA B 72 -7.86 14.44 -6.89
CA ALA B 72 -8.49 13.11 -7.11
C ALA B 72 -7.42 12.03 -7.00
N PRO B 73 -7.73 10.93 -6.29
CA PRO B 73 -6.75 9.88 -6.11
C PRO B 73 -6.49 9.14 -7.45
N PHE B 74 -5.40 8.38 -7.42
CA PHE B 74 -5.15 7.30 -8.38
C PHE B 74 -6.01 6.15 -7.92
N ILE B 75 -6.82 5.64 -8.82
CA ILE B 75 -7.65 4.45 -8.58
C ILE B 75 -7.30 3.40 -9.62
N ALA B 76 -7.11 2.18 -9.15
CA ALA B 76 -6.96 0.96 -9.96
C ALA B 76 -8.15 0.07 -9.69
N SER B 77 -8.72 -0.50 -10.75
CA SER B 77 -9.93 -1.35 -10.73
C SER B 77 -9.66 -2.67 -11.44
N LEU B 78 -9.95 -3.79 -10.79
CA LEU B 78 -10.07 -5.13 -11.43
C LEU B 78 -11.54 -5.28 -11.85
N CYS B 79 -11.78 -5.40 -13.14
CA CYS B 79 -13.08 -5.37 -13.80
C CYS B 79 -13.35 -6.74 -14.44
N LEU B 80 -14.61 -7.08 -14.55
CA LEU B 80 -15.08 -8.35 -15.11
C LEU B 80 -16.07 -8.02 -16.23
N LYS B 81 -15.88 -8.66 -17.38
CA LYS B 81 -16.87 -8.66 -18.47
C LYS B 81 -17.30 -10.11 -18.66
N SER B 82 -18.52 -10.48 -18.25
CA SER B 82 -19.07 -11.84 -18.52
C SER B 82 -19.95 -11.78 -19.76
N PRO B 83 -20.00 -12.85 -20.57
CA PRO B 83 -20.89 -12.89 -21.73
C PRO B 83 -22.34 -12.56 -21.36
N GLY B 84 -22.99 -11.68 -22.11
CA GLY B 84 -24.38 -11.28 -21.85
C GLY B 84 -24.55 -10.32 -20.67
N ARG B 85 -23.46 -9.85 -20.02
CA ARG B 85 -23.54 -8.93 -18.84
C ARG B 85 -22.73 -7.65 -19.14
N PHE B 86 -23.12 -6.53 -18.53
CA PHE B 86 -22.36 -5.26 -18.66
C PHE B 86 -21.08 -5.42 -17.82
N GLU B 87 -20.03 -4.70 -18.15
CA GLU B 87 -18.83 -4.84 -17.28
C GLU B 87 -19.18 -4.36 -15.86
N ARG B 88 -18.40 -4.79 -14.87
CA ARG B 88 -18.55 -4.33 -13.49
C ARG B 88 -17.20 -4.40 -12.78
N ILE B 89 -17.13 -3.72 -11.66
CA ILE B 89 -15.91 -3.68 -10.83
C ILE B 89 -15.99 -4.84 -9.84
N LEU B 90 -14.90 -5.59 -9.69
CA LEU B 90 -14.79 -6.62 -8.65
C LEU B 90 -13.98 -6.07 -7.50
N LEU B 91 -12.85 -5.43 -7.76
CA LEU B 91 -11.97 -4.93 -6.68
C LEU B 91 -11.46 -3.56 -7.07
N ARG B 92 -11.20 -2.72 -6.10
CA ARG B 92 -10.73 -1.34 -6.39
CA ARG B 92 -10.66 -1.39 -6.45
C ARG B 92 -9.82 -0.90 -5.28
N ALA B 93 -8.75 -0.17 -5.61
CA ALA B 93 -7.87 0.44 -4.59
C ALA B 93 -7.54 1.88 -5.00
N ALA B 94 -7.32 2.71 -4.00
CA ALA B 94 -7.01 4.14 -4.20
C ALA B 94 -5.66 4.43 -3.51
N ASN B 95 -5.11 5.59 -3.84
CA ASN B 95 -3.87 6.07 -3.21
C ASN B 95 -3.78 7.54 -3.48
N THR B 96 -3.46 8.30 -2.43
CA THR B 96 -3.06 9.72 -2.57
C THR B 96 -1.84 9.79 -3.48
N HIS B 97 -1.76 10.84 -4.27
CA HIS B 97 -0.55 11.18 -5.04
C HIS B 97 0.54 11.62 -4.07
N SER B 98 1.78 11.19 -4.28
CA SER B 98 2.99 11.65 -3.55
C SER B 98 3.22 13.12 -3.90
N SER B 99 3.97 13.85 -3.11
CA SER B 99 4.42 15.21 -3.52
C SER B 99 5.92 15.20 -3.80
N ALA B 100 6.57 14.03 -3.92
CA ALA B 100 7.99 13.93 -4.32
C ALA B 100 8.17 14.44 -5.77
N LYS B 101 9.32 15.01 -6.09
CA LYS B 101 9.63 15.53 -7.44
C LYS B 101 10.77 14.70 -8.02
N PRO B 102 10.71 14.36 -9.33
CA PRO B 102 9.63 14.82 -10.20
C PRO B 102 8.37 13.95 -9.97
N CYS B 103 8.51 12.77 -9.37
CA CYS B 103 7.35 11.95 -8.95
C CYS B 103 7.71 10.98 -7.81
N GLY B 104 6.72 10.52 -7.06
CA GLY B 104 6.92 9.47 -6.05
C GLY B 104 6.15 8.23 -6.41
N GLN B 105 6.76 7.07 -6.23
CA GLN B 105 6.13 5.77 -6.49
C GLN B 105 5.31 5.33 -5.30
N GLN B 106 4.14 4.80 -5.61
CA GLN B 106 3.21 4.13 -4.69
C GLN B 106 2.77 2.83 -5.33
N SER B 107 2.38 1.84 -4.53
CA SER B 107 1.89 0.57 -5.10
C SER B 107 0.55 0.21 -4.48
N ILE B 108 -0.24 -0.46 -5.30
CA ILE B 108 -1.57 -1.00 -4.95
C ILE B 108 -1.51 -2.49 -5.21
N HIS B 109 -2.06 -3.30 -4.33
CA HIS B 109 -2.29 -4.73 -4.61
C HIS B 109 -3.76 -5.08 -4.40
N LEU B 110 -4.37 -5.76 -5.36
CA LEU B 110 -5.79 -6.20 -5.30
C LEU B 110 -5.78 -7.72 -5.49
N GLY B 111 -6.67 -8.40 -4.83
CA GLY B 111 -6.88 -9.84 -5.12
C GLY B 111 -8.05 -10.41 -4.38
N GLY B 112 -8.70 -11.43 -4.94
CA GLY B 112 -9.79 -12.11 -4.24
C GLY B 112 -10.27 -13.29 -5.05
N VAL B 113 -11.16 -14.06 -4.46
CA VAL B 113 -11.77 -15.27 -5.09
C VAL B 113 -13.11 -14.88 -5.71
N PHE B 114 -13.29 -15.20 -6.99
CA PHE B 114 -14.53 -14.96 -7.75
C PHE B 114 -14.91 -16.18 -8.58
N GLU B 115 -16.20 -16.30 -8.79
CA GLU B 115 -16.87 -17.22 -9.75
C GLU B 115 -16.73 -16.62 -11.12
N LEU B 116 -16.13 -17.35 -12.06
CA LEU B 116 -16.12 -16.92 -13.47
C LEU B 116 -16.98 -17.89 -14.32
N GLN B 117 -17.61 -17.31 -15.36
CA GLN B 117 -18.41 -18.05 -16.35
CA GLN B 117 -18.42 -18.04 -16.36
C GLN B 117 -17.50 -18.36 -17.53
N PRO B 118 -17.81 -19.39 -18.32
CA PRO B 118 -17.01 -19.64 -19.51
C PRO B 118 -16.97 -18.37 -20.34
N GLY B 119 -15.80 -18.01 -20.89
CA GLY B 119 -15.63 -16.87 -21.81
C GLY B 119 -15.56 -15.53 -21.06
N ALA B 120 -15.61 -15.52 -19.75
CA ALA B 120 -15.51 -14.27 -18.96
C ALA B 120 -14.10 -13.72 -19.06
N SER B 121 -13.94 -12.40 -18.97
CA SER B 121 -12.66 -11.69 -19.11
C SER B 121 -12.48 -10.71 -17.97
N VAL B 122 -11.27 -10.65 -17.42
CA VAL B 122 -10.94 -9.64 -16.39
C VAL B 122 -9.88 -8.73 -17.00
N PHE B 123 -9.91 -7.48 -16.56
CA PHE B 123 -8.99 -6.45 -17.02
C PHE B 123 -8.80 -5.46 -15.90
N VAL B 124 -7.82 -4.59 -16.07
CA VAL B 124 -7.45 -3.59 -15.04
C VAL B 124 -7.55 -2.22 -15.69
N ASN B 125 -8.29 -1.33 -15.04
CA ASN B 125 -8.52 0.08 -15.43
C ASN B 125 -7.84 0.96 -14.39
N VAL B 126 -7.27 2.08 -14.80
CA VAL B 126 -6.70 3.03 -13.83
C VAL B 126 -7.10 4.43 -14.24
N THR B 127 -7.05 5.34 -13.28
CA THR B 127 -7.24 6.79 -13.49
C THR B 127 -6.27 7.34 -14.54
N ASP B 128 -5.00 6.95 -14.56
CA ASP B 128 -4.06 7.54 -15.55
C ASP B 128 -3.01 6.52 -15.92
N PRO B 129 -3.22 5.81 -17.04
CA PRO B 129 -2.32 4.73 -17.42
C PRO B 129 -0.92 5.27 -17.68
N SER B 130 -0.77 6.56 -17.99
CA SER B 130 0.56 7.11 -18.36
C SER B 130 1.49 7.15 -17.11
N GLN B 131 0.92 7.12 -15.90
CA GLN B 131 1.68 7.26 -14.63
C GLN B 131 2.12 5.90 -14.09
N VAL B 132 1.72 4.82 -14.75
CA VAL B 132 2.05 3.44 -14.31
C VAL B 132 3.56 3.19 -14.46
N SER B 133 4.16 2.55 -13.46
CA SER B 133 5.60 2.20 -13.46
C SER B 133 5.76 0.83 -14.16
N HIS B 134 6.62 0.71 -15.18
CA HIS B 134 6.75 -0.55 -15.96
C HIS B 134 8.09 -1.23 -15.70
N GLY B 135 8.91 -0.65 -14.83
CA GLY B 135 10.19 -1.28 -14.44
C GLY B 135 9.96 -2.69 -13.96
N THR B 136 10.99 -3.49 -13.96
CA THR B 136 10.89 -4.95 -13.71
C THR B 136 10.12 -5.22 -12.41
N GLY B 137 9.06 -6.02 -12.45
CA GLY B 137 8.36 -6.47 -11.23
C GLY B 137 7.30 -5.49 -10.70
N PHE B 138 7.21 -4.26 -11.18
CA PHE B 138 6.43 -3.18 -10.51
C PHE B 138 4.92 -3.45 -10.68
N THR B 139 4.53 -3.89 -11.87
CA THR B 139 3.10 -3.95 -12.30
C THR B 139 2.85 -5.28 -13.01
N SER B 140 1.87 -6.04 -12.54
CA SER B 140 1.55 -7.41 -13.03
C SER B 140 0.09 -7.75 -12.74
N PHE B 141 -0.38 -8.84 -13.33
CA PHE B 141 -1.81 -9.18 -13.39
C PHE B 141 -1.82 -10.70 -13.55
N GLY B 142 -2.64 -11.40 -12.80
CA GLY B 142 -2.72 -12.84 -13.02
C GLY B 142 -3.90 -13.45 -12.31
N LEU B 143 -4.01 -14.77 -12.44
CA LEU B 143 -5.10 -15.50 -11.79
C LEU B 143 -4.68 -16.97 -11.68
N LEU B 144 -5.38 -17.72 -10.88
CA LEU B 144 -5.22 -19.17 -10.82
C LEU B 144 -6.59 -19.77 -10.51
N LYS B 145 -6.89 -20.87 -11.17
CA LYS B 145 -8.12 -21.63 -10.95
C LYS B 145 -7.95 -22.45 -9.68
N LEU B 146 -8.88 -22.35 -8.74
CA LEU B 146 -8.81 -23.17 -7.51
C LEU B 146 -9.02 -24.64 -7.88
N ASN C 4 -0.73 -36.66 -2.89
CA ASN C 4 0.37 -35.64 -2.92
C ASN C 4 0.16 -34.67 -1.79
N PRO C 5 1.21 -34.37 -0.99
CA PRO C 5 1.05 -33.52 0.18
C PRO C 5 0.82 -32.08 -0.29
N GLN C 6 0.21 -31.32 0.59
CA GLN C 6 0.10 -29.85 0.46
C GLN C 6 1.46 -29.24 0.80
N ILE C 7 1.84 -28.27 -0.01
CA ILE C 7 3.18 -27.64 0.11
C ILE C 7 2.91 -26.14 0.28
N ALA C 8 3.21 -25.64 1.47
CA ALA C 8 2.99 -24.22 1.83
C ALA C 8 3.93 -23.85 2.95
N ALA C 9 4.22 -22.55 3.04
CA ALA C 9 5.11 -21.96 4.03
C ALA C 9 4.58 -20.55 4.30
N HIS C 10 4.67 -20.14 5.56
CA HIS C 10 4.41 -18.75 6.02
C HIS C 10 5.42 -18.51 7.15
N VAL C 11 6.31 -17.53 6.98
CA VAL C 11 7.39 -17.29 7.94
C VAL C 11 7.26 -15.83 8.42
N ILE C 12 7.79 -15.57 9.62
CA ILE C 12 7.59 -14.35 10.41
C ILE C 12 8.86 -13.50 10.33
N SER C 13 8.74 -12.18 10.22
CA SER C 13 9.91 -11.27 10.04
C SER C 13 10.84 -11.40 11.27
N GLU C 14 12.14 -11.31 11.05
CA GLU C 14 13.16 -11.38 12.14
CA GLU C 14 13.18 -11.39 12.12
C GLU C 14 14.17 -10.23 11.90
N ALA C 15 14.45 -9.47 12.94
CA ALA C 15 15.44 -8.37 12.90
C ALA C 15 16.83 -9.01 12.93
N SER C 16 17.85 -8.33 12.43
CA SER C 16 19.26 -8.77 12.55
C SER C 16 20.13 -7.53 12.64
N SER C 17 21.16 -7.53 13.46
CA SER C 17 22.15 -6.42 13.49
C SER C 17 23.09 -6.50 12.28
N LYS C 18 23.14 -7.63 11.55
CA LYS C 18 24.00 -7.83 10.33
C LYS C 18 23.63 -6.78 9.30
N THR C 20 22.77 -5.82 5.71
CA THR C 20 22.44 -6.42 4.38
C THR C 20 21.00 -6.10 3.99
N SER C 21 20.69 -5.92 2.71
CA SER C 21 19.34 -5.57 2.22
C SER C 21 18.39 -6.79 2.18
N VAL C 22 18.86 -8.01 2.36
CA VAL C 22 18.02 -9.23 2.35
C VAL C 22 17.31 -9.36 3.71
N LEU C 23 15.98 -9.47 3.74
CA LEU C 23 15.27 -9.64 5.02
C LEU C 23 15.51 -11.05 5.59
N GLN C 24 15.44 -11.15 6.92
CA GLN C 24 15.51 -12.44 7.63
C GLN C 24 14.13 -12.79 8.19
N TRP C 25 13.96 -14.08 8.45
CA TRP C 25 12.67 -14.69 8.77
C TRP C 25 12.91 -15.81 9.76
N ALA C 26 11.87 -16.19 10.48
CA ALA C 26 11.89 -17.28 11.47
C ALA C 26 10.61 -18.11 11.38
N GLU C 27 10.78 -19.39 11.64
CA GLU C 27 9.64 -20.30 11.95
C GLU C 27 9.37 -20.10 13.46
N LYS C 28 8.50 -19.17 13.80
CA LYS C 28 8.02 -18.93 15.20
C LYS C 28 6.65 -18.26 15.12
N GLY C 29 6.00 -18.02 16.26
CA GLY C 29 4.62 -17.52 16.22
C GLY C 29 3.74 -18.42 15.38
N TYR C 30 2.77 -17.83 14.66
CA TYR C 30 1.75 -18.57 13.90
C TYR C 30 2.30 -18.76 12.46
N TYR C 31 3.36 -19.56 12.33
CA TYR C 31 4.06 -19.83 11.06
C TYR C 31 3.48 -21.12 10.49
N THR C 32 3.84 -21.37 9.24
CA THR C 32 3.43 -22.57 8.50
C THR C 32 4.69 -23.11 7.81
N MET C 33 4.86 -24.40 7.92
CA MET C 33 5.91 -25.12 7.18
CA MET C 33 5.93 -25.14 7.22
C MET C 33 5.38 -26.56 7.07
N SER C 34 4.75 -26.87 5.96
CA SER C 34 3.82 -28.04 5.91
C SER C 34 4.66 -29.30 5.92
N ASN C 35 5.89 -29.22 5.40
CA ASN C 35 6.80 -30.40 5.33
C ASN C 35 8.19 -29.94 4.87
N ASN C 36 9.10 -30.92 4.65
CA ASN C 36 10.50 -30.70 4.20
C ASN C 36 10.59 -30.38 2.70
N LEU C 37 9.46 -30.26 1.99
CA LEU C 37 9.47 -29.99 0.55
C LEU C 37 9.57 -28.48 0.31
N VAL C 38 9.40 -27.67 1.35
CA VAL C 38 9.83 -26.26 1.34
C VAL C 38 10.65 -26.05 2.61
N THR C 39 11.77 -25.35 2.54
CA THR C 39 12.56 -25.08 3.78
C THR C 39 12.92 -23.58 3.82
N LEU C 40 13.00 -23.03 5.03
CA LEU C 40 13.58 -21.70 5.26
C LEU C 40 15.08 -21.95 5.41
N GLU C 41 15.92 -21.46 4.50
CA GLU C 41 17.38 -21.72 4.54
C GLU C 41 18.11 -20.44 4.98
N ASN C 42 19.02 -20.57 5.96
CA ASN C 42 19.93 -19.51 6.45
C ASN C 42 19.11 -18.32 6.94
N GLY C 43 17.85 -18.54 7.36
CA GLY C 43 16.92 -17.48 7.78
C GLY C 43 16.54 -16.47 6.69
N LYS C 44 16.81 -16.72 5.41
CA LYS C 44 16.75 -15.64 4.39
C LYS C 44 15.89 -16.02 3.18
N GLN C 45 15.72 -17.30 2.90
CA GLN C 45 15.10 -17.72 1.63
C GLN C 45 14.23 -18.95 1.85
N LEU C 46 13.12 -18.98 1.13
CA LEU C 46 12.28 -20.19 1.07
C LEU C 46 12.75 -20.97 -0.16
N THR C 47 13.12 -22.22 0.05
CA THR C 47 13.71 -23.05 -1.02
C THR C 47 12.76 -24.24 -1.24
N VAL C 48 12.38 -24.50 -2.49
CA VAL C 48 11.40 -25.57 -2.86
C VAL C 48 12.15 -26.77 -3.45
N LYS C 49 11.75 -27.97 -3.08
CA LYS C 49 12.30 -29.22 -3.67
C LYS C 49 11.71 -29.50 -5.06
N ARG C 50 10.44 -29.15 -5.28
CA ARG C 50 9.63 -29.67 -6.40
C ARG C 50 9.39 -28.55 -7.41
N GLN C 51 9.67 -28.85 -8.69
CA GLN C 51 9.24 -27.96 -9.80
C GLN C 51 7.71 -27.79 -9.73
N GLY C 52 7.23 -26.68 -10.26
CA GLY C 52 5.79 -26.44 -10.43
C GLY C 52 5.40 -24.98 -10.24
N LEU C 53 4.10 -24.73 -10.37
CA LEU C 53 3.43 -23.43 -10.16
C LEU C 53 3.28 -23.25 -8.64
N TYR C 54 3.68 -22.09 -8.13
CA TYR C 54 3.51 -21.65 -6.74
C TYR C 54 2.95 -20.22 -6.79
N TYR C 55 2.06 -19.95 -5.86
CA TYR C 55 1.65 -18.58 -5.46
C TYR C 55 2.63 -18.16 -4.37
N ILE C 56 3.32 -17.06 -4.59
CA ILE C 56 4.41 -16.59 -3.69
C ILE C 56 4.03 -15.18 -3.28
N TYR C 57 4.15 -14.87 -2.00
CA TYR C 57 3.73 -13.52 -1.50
C TYR C 57 4.68 -13.04 -0.41
N ALA C 58 4.65 -11.73 -0.19
CA ALA C 58 5.37 -11.08 0.93
C ALA C 58 4.60 -9.83 1.36
N GLN C 59 4.54 -9.56 2.67
CA GLN C 59 4.10 -8.20 3.04
CA GLN C 59 4.00 -8.31 3.27
C GLN C 59 5.15 -7.60 3.94
N VAL C 60 5.42 -6.33 3.68
CA VAL C 60 6.48 -5.65 4.45
C VAL C 60 5.89 -4.35 4.97
N THR C 61 5.88 -4.20 6.29
CA THR C 61 5.61 -2.90 6.93
C THR C 61 6.94 -2.28 7.31
N PHE C 62 7.09 -1.00 7.02
CA PHE C 62 8.30 -0.25 7.44
C PHE C 62 7.85 1.01 8.16
N CYS C 63 8.75 1.57 8.95
CA CYS C 63 8.54 2.78 9.75
C CYS C 63 9.68 3.71 9.35
N SER C 64 9.38 4.81 8.69
CA SER C 64 10.45 5.68 8.16
C SER C 64 10.09 7.14 8.36
N ASN C 65 11.07 8.01 8.20
CA ASN C 65 10.84 9.46 8.09
C ASN C 65 11.62 10.01 6.89
N ARG C 66 10.96 10.80 6.04
CA ARG C 66 11.43 11.33 4.72
C ARG C 66 12.83 11.98 4.85
N ALA C 72 14.22 9.23 -2.27
CA ALA C 72 14.26 7.86 -2.85
C ALA C 72 13.22 7.02 -2.11
N PRO C 73 12.33 6.31 -2.82
CA PRO C 73 11.29 5.58 -2.11
C PRO C 73 11.88 4.36 -1.37
N PHE C 74 11.09 3.78 -0.49
CA PHE C 74 11.34 2.43 0.06
C PHE C 74 10.89 1.45 -1.02
N ILE C 75 11.74 0.51 -1.40
CA ILE C 75 11.37 -0.55 -2.37
C ILE C 75 11.62 -1.92 -1.74
N ALA C 76 10.67 -2.82 -1.92
CA ALA C 76 10.76 -4.24 -1.55
C ALA C 76 10.63 -5.04 -2.84
N SER C 77 11.46 -6.06 -2.92
CA SER C 77 11.63 -6.89 -4.14
C SER C 77 11.50 -8.34 -3.71
N LEU C 78 10.61 -9.09 -4.33
CA LEU C 78 10.61 -10.56 -4.26
C LEU C 78 11.55 -11.07 -5.35
N CYS C 79 12.64 -11.75 -4.96
CA CYS C 79 13.74 -12.23 -5.83
C CYS C 79 13.72 -13.75 -5.94
N LEU C 80 14.20 -14.26 -7.06
CA LEU C 80 14.31 -15.68 -7.39
C LEU C 80 15.77 -15.99 -7.68
N LYS C 81 16.29 -17.01 -7.02
CA LYS C 81 17.61 -17.58 -7.37
C LYS C 81 17.30 -19.03 -7.78
N SER C 82 17.37 -19.28 -9.06
CA SER C 82 17.17 -20.63 -9.67
C SER C 82 18.54 -21.27 -9.94
N PRO C 83 18.76 -22.59 -9.72
CA PRO C 83 20.06 -23.21 -10.02
C PRO C 83 20.60 -22.95 -11.44
N GLY C 84 21.88 -22.60 -11.54
CA GLY C 84 22.53 -22.28 -12.82
C GLY C 84 22.13 -20.90 -13.36
N ARG C 85 21.31 -20.10 -12.64
CA ARG C 85 20.83 -18.78 -13.17
C ARG C 85 21.23 -17.68 -12.18
N PHE C 86 21.45 -16.48 -12.68
CA PHE C 86 21.68 -15.30 -11.83
C PHE C 86 20.35 -14.97 -11.13
N GLU C 87 20.42 -14.46 -9.93
CA GLU C 87 19.32 -13.78 -9.23
C GLU C 87 18.49 -12.89 -10.16
N ARG C 88 17.17 -12.82 -9.96
CA ARG C 88 16.31 -11.90 -10.73
C ARG C 88 15.13 -11.43 -9.87
N ILE C 89 14.58 -10.28 -10.22
CA ILE C 89 13.42 -9.70 -9.51
C ILE C 89 12.15 -10.30 -10.12
N LEU C 90 11.24 -10.80 -9.31
CA LEU C 90 9.91 -11.24 -9.80
C LEU C 90 8.87 -10.13 -9.55
N LEU C 91 8.87 -9.57 -8.36
CA LEU C 91 7.87 -8.53 -8.02
C LEU C 91 8.57 -7.45 -7.23
N ARG C 92 8.08 -6.23 -7.36
CA ARG C 92 8.64 -5.07 -6.64
CA ARG C 92 8.64 -5.06 -6.65
C ARG C 92 7.48 -4.11 -6.33
N ALA C 93 7.50 -3.48 -5.15
CA ALA C 93 6.50 -2.49 -4.69
C ALA C 93 7.26 -1.36 -4.00
N ALA C 94 6.82 -0.14 -4.19
CA ALA C 94 7.43 1.09 -3.65
C ALA C 94 6.38 1.82 -2.79
N ASN C 95 6.83 2.82 -2.05
CA ASN C 95 5.97 3.59 -1.11
C ASN C 95 6.87 4.76 -0.77
N THR C 96 6.36 5.99 -0.85
CA THR C 96 7.11 7.19 -0.43
C THR C 96 7.27 7.08 1.09
N HIS C 97 8.37 7.61 1.59
CA HIS C 97 8.61 7.76 3.05
C HIS C 97 7.54 8.70 3.63
N SER C 98 7.01 8.33 4.79
CA SER C 98 6.15 9.19 5.65
C SER C 98 6.96 10.41 6.13
N SER C 99 6.25 11.45 6.55
CA SER C 99 6.79 12.64 7.28
C SER C 99 6.48 12.52 8.77
N ALA C 100 5.84 11.45 9.21
CA ALA C 100 5.48 11.34 10.65
C ALA C 100 6.76 11.15 11.50
N LYS C 101 6.71 11.62 12.74
CA LYS C 101 7.86 11.58 13.70
C LYS C 101 7.38 10.76 14.90
N PRO C 102 8.26 9.89 15.47
CA PRO C 102 9.63 9.72 14.98
C PRO C 102 9.69 9.00 13.62
N CYS C 103 8.69 8.18 13.30
CA CYS C 103 8.58 7.55 11.96
C CYS C 103 7.12 7.25 11.66
N GLY C 104 6.74 7.15 10.39
CA GLY C 104 5.38 6.75 9.99
C GLY C 104 5.38 5.37 9.33
N GLN C 105 4.43 4.53 9.70
CA GLN C 105 4.33 3.15 9.16
C GLN C 105 3.56 3.15 7.85
N GLN C 106 4.01 2.29 6.96
CA GLN C 106 3.43 2.11 5.61
C GLN C 106 3.60 0.65 5.33
N SER C 107 2.71 0.06 4.54
CA SER C 107 2.81 -1.38 4.22
C SER C 107 2.79 -1.56 2.70
N ILE C 108 3.45 -2.63 2.27
CA ILE C 108 3.54 -3.09 0.87
C ILE C 108 3.05 -4.54 0.91
N HIS C 109 2.21 -4.94 -0.04
CA HIS C 109 1.94 -6.36 -0.32
C HIS C 109 2.37 -6.72 -1.77
N LEU C 110 3.08 -7.82 -1.97
CA LEU C 110 3.52 -8.37 -3.28
C LEU C 110 2.95 -9.79 -3.38
N GLY C 111 2.52 -10.24 -4.54
CA GLY C 111 2.07 -11.63 -4.67
C GLY C 111 1.84 -12.00 -6.12
N GLY C 112 2.09 -13.26 -6.46
CA GLY C 112 1.78 -13.76 -7.80
C GLY C 112 2.19 -15.21 -8.04
N VAL C 113 1.81 -15.71 -9.19
CA VAL C 113 1.99 -17.12 -9.57
C VAL C 113 3.25 -17.18 -10.42
N PHE C 114 4.16 -18.09 -10.06
CA PHE C 114 5.46 -18.30 -10.74
C PHE C 114 5.75 -19.80 -10.84
N GLU C 115 6.32 -20.17 -11.98
CA GLU C 115 7.04 -21.47 -12.19
C GLU C 115 8.35 -21.50 -11.41
N LEU C 116 8.52 -22.45 -10.51
CA LEU C 116 9.80 -22.66 -9.83
C LEU C 116 10.41 -23.99 -10.31
N GLN C 117 11.74 -24.01 -10.37
CA GLN C 117 12.55 -25.17 -10.77
CA GLN C 117 12.55 -25.19 -10.76
C GLN C 117 12.93 -25.90 -9.48
N PRO C 118 13.33 -27.18 -9.54
CA PRO C 118 13.74 -27.84 -8.31
C PRO C 118 14.95 -27.11 -7.70
N GLY C 119 14.93 -26.87 -6.38
CA GLY C 119 16.06 -26.25 -5.64
C GLY C 119 16.08 -24.73 -5.79
N ALA C 120 15.09 -24.15 -6.45
CA ALA C 120 14.89 -22.69 -6.55
C ALA C 120 14.58 -22.09 -5.19
N SER C 121 15.00 -20.84 -4.96
CA SER C 121 14.90 -20.13 -3.67
C SER C 121 14.31 -18.76 -3.94
N VAL C 122 13.34 -18.34 -3.13
CA VAL C 122 12.88 -16.95 -3.18
C VAL C 122 13.24 -16.22 -1.89
N PHE C 123 13.46 -14.93 -2.04
CA PHE C 123 13.89 -14.09 -0.90
C PHE C 123 13.36 -12.68 -1.15
N VAL C 124 13.43 -11.88 -0.12
CA VAL C 124 12.89 -10.49 -0.13
C VAL C 124 14.02 -9.56 0.27
N ASN C 125 14.23 -8.57 -0.58
CA ASN C 125 15.23 -7.49 -0.46
C ASN C 125 14.48 -6.17 -0.31
N VAL C 126 15.00 -5.24 0.46
CA VAL C 126 14.41 -3.90 0.61
C VAL C 126 15.53 -2.86 0.59
N THR C 127 15.17 -1.63 0.31
CA THR C 127 16.11 -0.49 0.40
CA THR C 127 16.06 -0.44 0.43
C THR C 127 16.65 -0.31 1.83
N ASP C 128 15.85 -0.48 2.89
CA ASP C 128 16.46 -0.35 4.25
C ASP C 128 15.88 -1.31 5.27
N PRO C 129 16.59 -2.42 5.51
CA PRO C 129 16.06 -3.50 6.33
C PRO C 129 15.90 -3.05 7.79
N SER C 130 16.69 -2.06 8.23
CA SER C 130 16.65 -1.59 9.63
C SER C 130 15.30 -0.89 9.92
N GLN C 131 14.62 -0.39 8.89
CA GLN C 131 13.35 0.39 9.00
CA GLN C 131 13.35 0.38 9.02
C GLN C 131 12.13 -0.54 9.00
N VAL C 132 12.30 -1.85 8.80
CA VAL C 132 11.17 -2.81 8.77
C VAL C 132 10.58 -2.93 10.18
N SER C 133 9.24 -2.98 10.23
CA SER C 133 8.45 -3.15 11.46
C SER C 133 8.32 -4.67 11.71
N HIS C 134 8.67 -5.15 12.92
CA HIS C 134 8.69 -6.58 13.28
C HIS C 134 7.58 -6.92 14.29
N GLY C 135 6.81 -5.92 14.73
CA GLY C 135 5.62 -6.16 15.57
C GLY C 135 4.72 -7.26 14.98
N THR C 136 3.93 -7.88 15.85
CA THR C 136 3.10 -9.06 15.48
C THR C 136 2.33 -8.76 14.20
N GLY C 137 2.53 -9.61 13.18
CA GLY C 137 1.72 -9.59 11.96
C GLY C 137 2.20 -8.60 10.88
N PHE C 138 3.10 -7.66 11.18
CA PHE C 138 3.41 -6.54 10.24
C PHE C 138 4.12 -7.02 8.97
N THR C 139 5.03 -7.97 9.08
CA THR C 139 5.99 -8.41 8.01
C THR C 139 6.02 -9.94 7.95
N SER C 140 5.76 -10.53 6.78
CA SER C 140 5.64 -11.99 6.58
C SER C 140 5.93 -12.28 5.12
N PHE C 141 6.22 -13.55 4.87
CA PHE C 141 6.69 -14.09 3.58
C PHE C 141 6.15 -15.51 3.48
N GLY C 142 5.63 -15.92 2.34
CA GLY C 142 5.18 -17.32 2.19
C GLY C 142 4.93 -17.70 0.76
N LEU C 143 4.49 -18.95 0.58
CA LEU C 143 4.15 -19.48 -0.74
C LEU C 143 3.24 -20.69 -0.55
N LEU C 144 2.50 -21.05 -1.59
CA LEU C 144 1.75 -22.32 -1.60
C LEU C 144 1.94 -22.91 -2.99
N LYS C 145 2.09 -24.22 -3.05
CA LYS C 145 2.14 -24.89 -4.36
C LYS C 145 0.71 -25.03 -4.85
N LEU C 146 0.44 -24.66 -6.10
CA LEU C 146 -0.87 -24.94 -6.77
C LEU C 146 -1.08 -26.45 -6.90
N GLN D 1 -35.75 13.79 18.81
CA GLN D 1 -36.41 13.42 17.56
C GLN D 1 -35.44 13.52 16.36
N VAL D 2 -35.26 12.46 15.60
CA VAL D 2 -34.45 12.50 14.34
C VAL D 2 -35.11 13.47 13.34
N GLN D 3 -34.40 14.51 12.85
CA GLN D 3 -34.96 15.44 11.83
C GLN D 3 -33.91 15.77 10.78
N LEU D 4 -34.38 15.88 9.54
CA LEU D 4 -33.62 16.31 8.37
C LEU D 4 -34.43 17.48 7.82
N VAL D 5 -33.90 18.70 7.89
CA VAL D 5 -34.60 19.92 7.38
C VAL D 5 -33.88 20.43 6.13
N GLN D 6 -34.56 20.43 5.00
CA GLN D 6 -33.96 20.86 3.72
C GLN D 6 -34.23 22.33 3.47
N SER D 7 -33.39 22.94 2.65
CA SER D 7 -33.53 24.33 2.19
C SER D 7 -34.77 24.48 1.28
N GLY D 8 -35.12 25.74 0.98
CA GLY D 8 -36.36 26.15 0.28
C GLY D 8 -36.25 25.96 -1.23
N ALA D 9 -37.42 25.91 -1.85
CA ALA D 9 -37.65 25.78 -3.30
C ALA D 9 -36.76 26.75 -4.08
N GLU D 10 -36.33 26.35 -5.26
CA GLU D 10 -35.48 27.21 -6.10
C GLU D 10 -36.01 27.17 -7.52
N VAL D 11 -36.09 28.34 -8.15
CA VAL D 11 -36.51 28.52 -9.56
C VAL D 11 -35.34 29.18 -10.29
N VAL D 12 -34.86 28.55 -11.35
CA VAL D 12 -33.50 28.87 -11.87
C VAL D 12 -33.56 28.69 -13.39
N LYS D 13 -32.65 29.34 -14.13
CA LYS D 13 -32.59 29.26 -15.61
C LYS D 13 -31.64 28.14 -16.02
N PRO D 14 -31.78 27.61 -17.27
CA PRO D 14 -30.84 26.62 -17.79
C PRO D 14 -29.40 27.16 -17.79
N GLY D 15 -28.42 26.35 -17.38
CA GLY D 15 -27.01 26.75 -17.31
C GLY D 15 -26.61 27.19 -15.91
N ALA D 16 -27.59 27.46 -15.05
CA ALA D 16 -27.35 27.82 -13.63
C ALA D 16 -26.92 26.58 -12.84
N SER D 17 -26.43 26.84 -11.63
CA SER D 17 -26.19 25.86 -10.55
C SER D 17 -27.09 26.22 -9.37
N VAL D 18 -27.37 25.25 -8.50
CA VAL D 18 -27.97 25.52 -7.17
C VAL D 18 -27.27 24.65 -6.15
N LYS D 19 -27.27 25.12 -4.91
CA LYS D 19 -26.68 24.39 -3.78
C LYS D 19 -27.77 24.21 -2.74
N LEU D 20 -28.11 22.94 -2.55
CA LEU D 20 -29.17 22.42 -1.65
C LEU D 20 -28.51 22.01 -0.33
N SER D 21 -29.18 22.26 0.78
CA SER D 21 -28.70 21.88 2.12
C SER D 21 -29.74 21.02 2.84
N CYS D 22 -29.23 20.24 3.77
CA CYS D 22 -29.98 19.26 4.57
C CYS D 22 -29.37 19.27 5.97
N LYS D 23 -30.11 19.86 6.92
CA LYS D 23 -29.62 20.07 8.31
C LYS D 23 -30.22 18.95 9.17
N ALA D 24 -29.35 18.16 9.78
CA ALA D 24 -29.67 16.99 10.63
C ALA D 24 -29.60 17.40 12.10
N SER D 25 -30.57 16.95 12.89
CA SER D 25 -30.60 17.07 14.36
C SER D 25 -31.11 15.78 14.97
N GLY D 26 -30.92 15.65 16.29
CA GLY D 26 -31.48 14.59 17.17
C GLY D 26 -30.78 13.25 17.02
N TYR D 27 -29.57 13.22 16.46
CA TYR D 27 -28.75 11.99 16.36
C TYR D 27 -27.30 12.34 16.14
N ILE D 28 -26.42 11.34 16.19
CA ILE D 28 -24.96 11.56 15.95
C ILE D 28 -24.71 11.60 14.43
N PHE D 29 -24.49 12.82 13.93
CA PHE D 29 -24.47 13.12 12.48
C PHE D 29 -23.46 12.23 11.73
N THR D 30 -22.27 12.01 12.30
CA THR D 30 -21.15 11.28 11.64
C THR D 30 -21.36 9.75 11.66
N SER D 31 -22.38 9.23 12.31
CA SER D 31 -22.64 7.77 12.50
C SER D 31 -23.52 7.21 11.39
N TYR D 32 -24.12 8.08 10.56
CA TYR D 32 -25.05 7.66 9.50
C TYR D 32 -24.55 8.11 8.15
N TYR D 33 -24.69 7.24 7.18
CA TYR D 33 -24.55 7.61 5.76
C TYR D 33 -25.75 8.49 5.39
N MET D 34 -25.53 9.35 4.41
CA MET D 34 -26.61 10.20 3.83
CA MET D 34 -26.60 10.21 3.84
C MET D 34 -26.69 10.00 2.32
N TYR D 35 -27.90 9.96 1.80
CA TYR D 35 -28.22 9.75 0.37
C TYR D 35 -28.97 11.00 -0.11
N TRP D 36 -28.80 11.29 -1.37
CA TRP D 36 -29.65 12.25 -2.08
C TRP D 36 -30.41 11.48 -3.13
N VAL D 37 -31.70 11.78 -3.21
CA VAL D 37 -32.67 11.06 -4.08
C VAL D 37 -33.45 12.10 -4.87
N LYS D 38 -33.64 11.81 -6.16
CA LYS D 38 -34.38 12.65 -7.12
C LYS D 38 -35.77 12.07 -7.34
N GLN D 39 -36.80 12.93 -7.34
CA GLN D 39 -38.18 12.55 -7.69
C GLN D 39 -38.72 13.60 -8.66
N ALA D 40 -38.67 13.28 -9.95
CA ALA D 40 -39.13 14.14 -11.06
C ALA D 40 -40.64 14.16 -10.99
N PRO D 41 -41.36 15.28 -11.31
CA PRO D 41 -42.84 15.31 -11.26
C PRO D 41 -43.48 13.99 -11.74
N GLY D 42 -43.06 13.52 -12.93
N GLY D 42 -43.10 13.46 -12.90
CA GLY D 42 -43.38 12.19 -13.49
CA GLY D 42 -43.49 12.09 -13.31
C GLY D 42 -42.35 11.12 -13.13
C GLY D 42 -43.26 11.06 -12.21
N GLN D 43 -42.28 10.75 -11.83
N GLN D 43 -41.98 10.81 -11.87
CA GLN D 43 -41.39 9.69 -11.27
CA GLN D 43 -41.46 9.53 -11.32
C GLN D 43 -41.80 9.32 -9.84
C GLN D 43 -41.82 9.29 -9.86
N GLY D 44 -41.31 8.19 -9.32
CA GLY D 44 -40.05 7.61 -9.74
C GLY D 44 -38.98 8.17 -8.82
N LEU D 45 -38.51 7.37 -7.88
CA LEU D 45 -37.34 7.68 -7.04
C LEU D 45 -36.06 7.16 -7.66
N GLU D 46 -35.07 8.05 -7.72
CA GLU D 46 -33.78 7.83 -8.40
C GLU D 46 -32.62 8.22 -7.46
N LEU D 47 -31.71 7.31 -7.21
CA LEU D 47 -30.59 7.61 -6.32
C LEU D 47 -29.54 8.45 -7.04
N ILE D 48 -29.11 9.55 -6.41
CA ILE D 48 -28.08 10.45 -7.01
C ILE D 48 -26.70 10.02 -6.51
N GLY D 49 -26.50 9.99 -5.20
CA GLY D 49 -25.23 9.54 -4.60
C GLY D 49 -25.31 9.49 -3.10
N GLU D 50 -24.20 9.16 -2.45
CA GLU D 50 -24.10 8.97 -1.00
C GLU D 50 -22.84 9.67 -0.52
N ILE D 51 -22.90 10.14 0.71
CA ILE D 51 -21.73 10.75 1.38
C ILE D 51 -21.64 10.12 2.77
N ASN D 52 -20.42 9.85 3.18
CA ASN D 52 -20.12 9.51 4.59
C ASN D 52 -19.84 10.82 5.32
N PRO D 53 -20.67 11.29 6.27
CA PRO D 53 -20.38 12.56 6.93
C PRO D 53 -19.14 12.54 7.82
N SER D 54 -18.65 11.38 8.22
CA SER D 54 -17.43 11.29 9.06
CA SER D 54 -17.45 11.36 9.09
C SER D 54 -16.22 11.86 8.30
N ASN D 55 -16.19 11.68 6.99
CA ASN D 55 -14.93 12.02 6.25
C ASN D 55 -15.19 12.73 4.92
N GLY D 56 -16.43 12.83 4.45
CA GLY D 56 -16.75 13.44 3.16
C GLY D 56 -16.55 12.50 1.98
N ASP D 57 -16.36 11.19 2.23
CA ASP D 57 -16.18 10.18 1.15
C ASP D 57 -17.50 10.04 0.42
N THR D 58 -17.50 10.03 -0.90
CA THR D 58 -18.74 9.94 -1.73
C THR D 58 -18.71 8.77 -2.70
N ASN D 59 -19.89 8.28 -3.06
CA ASN D 59 -20.05 7.35 -4.21
C ASN D 59 -21.25 7.86 -5.02
N PHE D 60 -21.17 7.82 -6.33
CA PHE D 60 -22.25 8.36 -7.19
C PHE D 60 -22.86 7.26 -8.04
N ASN D 61 -24.15 7.38 -8.25
CA ASN D 61 -24.85 6.86 -9.44
C ASN D 61 -24.13 7.50 -10.64
N GLU D 62 -23.66 6.65 -11.54
CA GLU D 62 -22.96 7.08 -12.78
C GLU D 62 -23.77 8.11 -13.59
N LYS D 63 -25.11 8.04 -13.57
CA LYS D 63 -25.98 9.03 -14.29
C LYS D 63 -25.70 10.46 -13.79
N PHE D 64 -25.38 10.67 -12.52
CA PHE D 64 -25.30 12.00 -11.86
C PHE D 64 -23.88 12.43 -11.54
N LYS D 65 -22.88 11.63 -11.90
CA LYS D 65 -21.47 11.87 -11.52
C LYS D 65 -20.98 13.22 -12.07
N SER D 66 -21.47 13.68 -13.21
CA SER D 66 -21.02 14.98 -13.78
C SER D 66 -22.03 16.11 -13.48
N LYS D 67 -23.08 15.84 -12.71
CA LYS D 67 -24.21 16.75 -12.39
C LYS D 67 -24.18 17.23 -10.93
N ALA D 68 -23.73 16.40 -9.98
CA ALA D 68 -23.91 16.61 -8.52
C ALA D 68 -22.56 16.56 -7.77
N THR D 69 -22.41 17.44 -6.78
CA THR D 69 -21.24 17.53 -5.85
C THR D 69 -21.82 17.44 -4.45
N LEU D 70 -21.34 16.50 -3.66
CA LEU D 70 -21.82 16.24 -2.29
C LEU D 70 -20.72 16.65 -1.33
N THR D 71 -21.06 17.43 -0.32
CA THR D 71 -20.17 17.83 0.79
C THR D 71 -20.95 17.74 2.09
N VAL D 72 -20.24 17.76 3.22
CA VAL D 72 -20.86 17.95 4.56
C VAL D 72 -20.06 18.97 5.33
N ASP D 73 -20.72 19.65 6.24
CA ASP D 73 -20.04 20.46 7.27
C ASP D 73 -20.40 19.81 8.60
N LYS D 74 -19.44 19.10 9.19
CA LYS D 74 -19.66 18.26 10.39
C LYS D 74 -20.11 19.20 11.50
N SER D 75 -19.44 20.34 11.65
CA SER D 75 -19.73 21.34 12.70
C SER D 75 -21.21 21.75 12.65
N ALA D 76 -21.72 22.02 11.44
CA ALA D 76 -23.10 22.48 11.17
C ALA D 76 -24.10 21.30 11.04
N SER D 77 -23.68 20.06 11.25
CA SER D 77 -24.49 18.85 10.95
C SER D 77 -25.30 19.02 9.67
N THR D 78 -24.66 19.42 8.57
CA THR D 78 -25.36 19.77 7.31
C THR D 78 -24.69 19.06 6.14
N ALA D 79 -25.51 18.46 5.29
CA ALA D 79 -25.10 17.87 4.00
C ALA D 79 -25.54 18.83 2.91
N TYR D 80 -24.76 18.95 1.86
CA TYR D 80 -25.07 19.83 0.71
C TYR D 80 -24.93 19.06 -0.60
N MET D 81 -25.77 19.39 -1.55
CA MET D 81 -25.65 18.95 -2.95
C MET D 81 -25.68 20.15 -3.88
N GLU D 82 -24.67 20.26 -4.72
CA GLU D 82 -24.60 21.30 -5.77
C GLU D 82 -24.94 20.61 -7.08
N LEU D 83 -25.93 21.13 -7.80
CA LEU D 83 -26.28 20.67 -9.16
C LEU D 83 -25.84 21.75 -10.15
N SER D 84 -24.94 21.46 -11.10
CA SER D 84 -24.47 22.41 -12.14
C SER D 84 -25.07 22.05 -13.51
N SER D 85 -24.89 22.95 -14.48
CA SER D 85 -25.30 22.78 -15.90
C SER D 85 -26.79 22.44 -16.02
N LEU D 86 -27.64 23.11 -15.26
CA LEU D 86 -29.06 22.72 -15.11
C LEU D 86 -29.79 22.78 -16.47
N ARG D 87 -30.56 21.74 -16.77
CA ARG D 87 -31.52 21.64 -17.91
C ARG D 87 -32.91 21.39 -17.31
N SER D 88 -33.98 21.64 -18.08
CA SER D 88 -35.40 21.46 -17.66
C SER D 88 -35.63 20.06 -17.04
N GLU D 89 -34.86 19.07 -17.47
CA GLU D 89 -34.95 17.66 -17.00
C GLU D 89 -34.41 17.50 -15.58
N ASP D 90 -33.76 18.53 -15.03
CA ASP D 90 -33.30 18.54 -13.62
C ASP D 90 -34.45 19.03 -12.72
N THR D 91 -35.59 19.43 -13.29
CA THR D 91 -36.80 19.81 -12.52
C THR D 91 -37.27 18.58 -11.72
N ALA D 92 -37.29 18.66 -10.39
CA ALA D 92 -37.63 17.53 -9.52
C ALA D 92 -37.73 18.01 -8.09
N VAL D 93 -38.29 17.17 -7.23
CA VAL D 93 -38.07 17.26 -5.75
C VAL D 93 -36.80 16.44 -5.46
N TYR D 94 -35.88 17.01 -4.69
CA TYR D 94 -34.63 16.37 -4.22
C TYR D 94 -34.76 16.14 -2.73
N TYR D 95 -34.58 14.90 -2.29
CA TYR D 95 -34.56 14.50 -0.85
C TYR D 95 -33.13 14.20 -0.39
N CYS D 96 -32.83 14.50 0.85
CA CYS D 96 -31.71 13.89 1.60
C CYS D 96 -32.34 12.85 2.53
N THR D 97 -31.61 11.78 2.81
CA THR D 97 -32.10 10.69 3.69
C THR D 97 -30.94 10.17 4.52
N ARG D 98 -31.20 9.59 5.70
CA ARG D 98 -30.09 8.98 6.43
C ARG D 98 -30.25 7.47 6.36
N SER D 99 -29.13 6.76 6.55
CA SER D 99 -29.05 5.30 6.45
C SER D 99 -28.06 4.80 7.52
N ASP D 100 -28.48 3.90 8.41
CA ASP D 100 -27.55 3.39 9.46
C ASP D 100 -26.52 2.41 8.87
N GLY D 101 -26.82 1.75 7.73
CA GLY D 101 -25.96 0.70 7.17
C GLY D 101 -25.89 0.67 5.63
N ARG D 102 -26.28 1.73 4.93
CA ARG D 102 -26.36 1.80 3.44
C ARG D 102 -27.34 0.77 2.92
N ASN D 103 -28.35 0.43 3.72
CA ASN D 103 -29.40 -0.51 3.26
C ASN D 103 -30.74 0.25 3.22
N ASP D 104 -31.54 0.16 4.29
CA ASP D 104 -32.79 0.96 4.37
C ASP D 104 -32.38 2.41 4.62
N MET D 105 -33.24 3.34 4.24
CA MET D 105 -33.10 4.80 4.50
C MET D 105 -34.22 5.19 5.47
N ASP D 106 -33.88 5.35 6.75
CA ASP D 106 -34.90 5.30 7.82
C ASP D 106 -35.47 6.69 8.06
N SER D 107 -34.89 7.76 7.53
CA SER D 107 -35.38 9.16 7.78
CA SER D 107 -35.42 9.14 7.76
C SER D 107 -35.16 9.99 6.52
N TRP D 108 -36.18 10.74 6.09
CA TRP D 108 -36.07 11.57 4.87
C TRP D 108 -36.31 13.05 5.20
N GLY D 109 -35.62 13.94 4.52
CA GLY D 109 -35.96 15.37 4.55
C GLY D 109 -37.34 15.58 3.90
N GLN D 110 -37.91 16.77 4.05
CA GLN D 110 -39.24 17.15 3.49
C GLN D 110 -39.11 17.36 1.97
N GLY D 111 -37.90 17.42 1.44
CA GLY D 111 -37.67 17.58 0.00
C GLY D 111 -37.54 19.04 -0.37
N THR D 112 -36.83 19.32 -1.46
CA THR D 112 -36.58 20.69 -2.00
C THR D 112 -36.92 20.62 -3.50
N LEU D 113 -37.91 21.40 -3.95
CA LEU D 113 -38.32 21.49 -5.37
C LEU D 113 -37.32 22.39 -6.09
N VAL D 114 -36.70 21.88 -7.14
CA VAL D 114 -35.87 22.69 -8.07
C VAL D 114 -36.61 22.73 -9.40
N THR D 115 -36.95 23.94 -9.86
CA THR D 115 -37.61 24.21 -11.16
C THR D 115 -36.58 24.91 -12.05
N VAL D 116 -36.19 24.27 -13.14
CA VAL D 116 -35.27 24.82 -14.16
C VAL D 116 -36.11 25.15 -15.40
N SER D 117 -36.26 26.45 -15.69
CA SER D 117 -36.99 26.97 -16.87
C SER D 117 -36.42 28.30 -17.38
N SER D 118 -36.24 28.40 -18.69
CA SER D 118 -35.88 29.65 -19.41
C SER D 118 -37.12 30.56 -19.44
N ALA D 119 -38.27 30.11 -18.95
CA ALA D 119 -39.43 30.99 -18.73
C ALA D 119 -39.09 32.03 -17.64
N SER D 120 -39.73 33.20 -17.70
CA SER D 120 -39.66 34.29 -16.69
C SER D 120 -41.03 34.44 -16.01
N THR D 121 -41.02 34.83 -14.73
CA THR D 121 -42.25 35.14 -13.94
C THR D 121 -43.25 35.89 -14.81
N LYS D 122 -44.52 35.49 -14.76
CA LYS D 122 -45.62 36.07 -15.57
C LYS D 122 -46.92 35.62 -14.92
N GLY D 123 -47.75 36.58 -14.53
CA GLY D 123 -49.05 36.35 -13.87
C GLY D 123 -50.08 35.81 -14.86
N PRO D 124 -51.13 35.12 -14.36
CA PRO D 124 -52.14 34.49 -15.23
C PRO D 124 -53.10 35.48 -15.90
N SER D 125 -53.48 35.16 -17.15
CA SER D 125 -54.76 35.54 -17.81
C SER D 125 -55.86 34.59 -17.32
N VAL D 126 -57.06 35.12 -17.09
CA VAL D 126 -58.20 34.34 -16.51
C VAL D 126 -59.39 34.50 -17.46
N PHE D 127 -59.90 33.37 -17.98
CA PHE D 127 -61.06 33.30 -18.88
C PHE D 127 -62.16 32.50 -18.18
N PRO D 128 -63.44 32.94 -18.29
CA PRO D 128 -64.55 32.25 -17.65
C PRO D 128 -64.83 30.97 -18.44
N LEU D 129 -65.20 29.91 -17.73
CA LEU D 129 -65.83 28.69 -18.30
C LEU D 129 -67.33 28.83 -18.03
N ALA D 130 -68.08 29.34 -19.02
CA ALA D 130 -69.48 29.79 -18.85
C ALA D 130 -70.43 28.58 -18.93
N PRO D 131 -71.48 28.52 -18.07
CA PRO D 131 -72.47 27.45 -18.14
C PRO D 131 -73.31 27.54 -19.43
N GLY D 138 -78.81 19.19 -17.77
CA GLY D 138 -79.87 18.74 -16.83
C GLY D 138 -79.97 19.65 -15.60
N GLY D 139 -80.36 19.07 -14.44
CA GLY D 139 -80.63 19.74 -13.14
C GLY D 139 -79.36 20.30 -12.53
N THR D 140 -78.19 19.84 -12.99
CA THR D 140 -76.86 20.30 -12.49
C THR D 140 -76.09 21.02 -13.60
N ALA D 141 -75.61 22.23 -13.33
CA ALA D 141 -74.77 23.03 -14.23
C ALA D 141 -73.31 23.00 -13.76
N ALA D 142 -72.37 23.08 -14.69
CA ALA D 142 -70.94 23.22 -14.39
C ALA D 142 -70.53 24.62 -14.83
N LEU D 143 -69.65 25.27 -14.07
CA LEU D 143 -68.98 26.51 -14.53
C LEU D 143 -67.56 26.55 -13.94
N GLY D 144 -66.72 27.50 -14.38
CA GLY D 144 -65.32 27.51 -13.95
C GLY D 144 -64.53 28.70 -14.47
N CYS D 145 -63.22 28.63 -14.26
CA CYS D 145 -62.17 29.61 -14.66
C CYS D 145 -60.96 28.88 -15.22
N LEU D 146 -60.55 29.26 -16.42
CA LEU D 146 -59.28 28.86 -17.08
C LEU D 146 -58.24 29.89 -16.67
N VAL D 147 -57.17 29.42 -16.01
CA VAL D 147 -56.02 30.22 -15.53
C VAL D 147 -54.83 29.85 -16.44
N LYS D 148 -54.53 30.72 -17.41
CA LYS D 148 -53.72 30.45 -18.62
C LYS D 148 -52.43 31.30 -18.61
N ASP D 149 -51.30 30.66 -18.86
CA ASP D 149 -50.01 31.26 -19.27
C ASP D 149 -49.35 31.96 -18.10
N TYR D 150 -49.15 31.22 -16.99
CA TYR D 150 -48.37 31.70 -15.82
C TYR D 150 -47.08 30.89 -15.66
N PHE D 151 -46.13 31.52 -14.97
CA PHE D 151 -44.87 30.93 -14.46
C PHE D 151 -44.40 31.72 -13.26
N PRO D 152 -43.82 31.07 -12.21
CA PRO D 152 -43.86 29.63 -12.03
C PRO D 152 -45.07 29.27 -11.16
N GLU D 153 -45.21 28.00 -10.74
CA GLU D 153 -46.25 27.53 -9.78
C GLU D 153 -45.91 28.09 -8.40
N PRO D 154 -46.85 28.11 -7.43
CA PRO D 154 -48.26 27.82 -7.69
C PRO D 154 -49.12 29.02 -8.12
N VAL D 155 -50.32 28.71 -8.60
CA VAL D 155 -51.49 29.62 -8.68
C VAL D 155 -52.46 29.12 -7.62
N THR D 156 -53.21 29.99 -6.97
CA THR D 156 -54.25 29.55 -6.00
C THR D 156 -55.63 30.04 -6.47
N VAL D 157 -56.69 29.31 -6.15
CA VAL D 157 -58.06 29.58 -6.69
C VAL D 157 -59.11 29.30 -5.61
N SER D 158 -59.96 30.30 -5.39
CA SER D 158 -61.04 30.38 -4.39
C SER D 158 -62.34 30.69 -5.16
N TRP D 159 -63.50 30.32 -4.63
CA TRP D 159 -64.81 30.70 -5.25
C TRP D 159 -65.59 31.60 -4.29
N ASN D 160 -66.07 32.75 -4.79
CA ASN D 160 -66.88 33.71 -3.99
C ASN D 160 -66.18 33.89 -2.64
N SER D 161 -64.87 34.22 -2.69
CA SER D 161 -64.00 34.59 -1.54
C SER D 161 -63.95 33.47 -0.49
N GLY D 162 -64.14 32.20 -0.89
CA GLY D 162 -64.05 31.03 0.02
C GLY D 162 -65.37 30.60 0.62
N ALA D 163 -66.49 31.21 0.22
CA ALA D 163 -67.85 30.84 0.68
C ALA D 163 -68.34 29.59 -0.08
N LEU D 164 -67.92 29.45 -1.34
CA LEU D 164 -68.28 28.29 -2.21
C LEU D 164 -67.08 27.35 -2.23
N THR D 165 -67.18 26.22 -1.52
CA THR D 165 -66.18 25.11 -1.51
C THR D 165 -66.78 23.87 -2.20
N SER D 166 -68.01 23.50 -1.84
CA SER D 166 -68.68 22.24 -2.23
C SER D 166 -68.77 22.11 -3.77
N GLY D 167 -68.36 20.96 -4.29
CA GLY D 167 -68.43 20.60 -5.72
C GLY D 167 -67.34 21.30 -6.49
N VAL D 168 -66.38 21.94 -5.79
CA VAL D 168 -65.23 22.64 -6.44
C VAL D 168 -64.14 21.61 -6.77
N HIS D 169 -63.62 21.63 -7.99
CA HIS D 169 -62.47 20.81 -8.43
C HIS D 169 -61.46 21.77 -9.04
N THR D 170 -60.29 21.92 -8.40
CA THR D 170 -59.19 22.73 -8.93
C THR D 170 -58.18 21.71 -9.42
N PHE D 171 -57.86 21.72 -10.71
CA PHE D 171 -57.07 20.64 -11.35
C PHE D 171 -55.59 20.91 -11.15
N PRO D 172 -54.77 19.85 -10.99
CA PRO D 172 -53.32 20.02 -11.05
C PRO D 172 -52.99 20.89 -12.28
N ALA D 173 -52.01 21.77 -12.17
CA ALA D 173 -51.58 22.60 -13.31
C ALA D 173 -50.88 21.71 -14.36
N VAL D 174 -50.94 22.15 -15.60
CA VAL D 174 -50.33 21.51 -16.80
C VAL D 174 -49.24 22.47 -17.36
N LEU D 175 -48.04 21.97 -17.68
CA LEU D 175 -46.94 22.73 -18.34
C LEU D 175 -47.16 22.69 -19.85
N GLN D 176 -47.13 23.84 -20.53
CA GLN D 176 -47.17 23.95 -22.02
C GLN D 176 -45.76 24.28 -22.55
N GLY D 179 -43.81 26.88 -22.50
CA GLY D 179 -43.10 26.69 -21.22
C GLY D 179 -43.78 27.40 -20.04
N LEU D 180 -45.01 27.84 -20.26
CA LEU D 180 -45.89 28.46 -19.23
C LEU D 180 -46.87 27.40 -18.70
N TYR D 181 -47.44 27.61 -17.51
CA TYR D 181 -48.46 26.74 -16.87
C TYR D 181 -49.89 27.19 -17.23
N SER D 182 -50.86 26.30 -16.98
CA SER D 182 -52.30 26.46 -17.24
C SER D 182 -53.07 25.49 -16.33
N LEU D 183 -54.08 25.96 -15.59
CA LEU D 183 -55.06 25.04 -14.96
C LEU D 183 -56.47 25.60 -15.14
N SER D 184 -57.49 24.75 -14.95
CA SER D 184 -58.91 25.13 -14.73
C SER D 184 -59.33 24.85 -13.28
N SER D 185 -60.22 25.69 -12.79
CA SER D 185 -61.05 25.44 -11.58
C SER D 185 -62.50 25.44 -12.06
N VAL D 186 -63.25 24.46 -11.59
CA VAL D 186 -64.63 24.15 -12.06
C VAL D 186 -65.49 23.93 -10.80
N VAL D 187 -66.79 24.12 -10.90
CA VAL D 187 -67.74 23.83 -9.78
C VAL D 187 -69.08 23.47 -10.40
N THR D 188 -69.84 22.61 -9.74
CA THR D 188 -71.20 22.19 -10.14
C THR D 188 -72.17 22.78 -9.10
N VAL D 189 -73.31 23.28 -9.56
CA VAL D 189 -74.37 23.86 -8.70
C VAL D 189 -75.69 23.50 -9.33
N PRO D 190 -76.81 23.65 -8.61
CA PRO D 190 -78.14 23.48 -9.21
C PRO D 190 -78.36 24.47 -10.37
N SER D 191 -78.85 23.99 -11.52
CA SER D 191 -79.27 24.85 -12.67
C SER D 191 -80.23 25.94 -12.19
N SER D 192 -81.08 25.62 -11.21
CA SER D 192 -82.00 26.58 -10.54
C SER D 192 -81.23 27.79 -10.02
N SER D 193 -80.04 27.56 -9.48
CA SER D 193 -79.25 28.56 -8.71
C SER D 193 -78.50 29.53 -9.64
N LEU D 194 -78.59 29.35 -10.97
CA LEU D 194 -77.87 30.24 -11.95
C LEU D 194 -78.53 31.64 -11.96
N GLY D 195 -79.75 31.78 -11.43
CA GLY D 195 -80.41 33.08 -11.20
C GLY D 195 -80.12 33.60 -9.80
N THR D 196 -80.57 32.89 -8.78
CA THR D 196 -80.42 33.20 -7.32
C THR D 196 -78.99 33.63 -6.97
N GLN D 197 -77.97 32.83 -7.31
CA GLN D 197 -76.58 32.95 -6.75
C GLN D 197 -75.60 33.48 -7.81
N THR D 198 -74.59 34.23 -7.38
CA THR D 198 -73.57 34.88 -8.24
C THR D 198 -72.25 34.12 -8.10
N TYR D 199 -71.42 34.03 -9.16
CA TYR D 199 -70.19 33.18 -9.19
C TYR D 199 -68.97 33.94 -9.76
N ILE D 200 -67.95 34.14 -8.91
CA ILE D 200 -66.65 34.82 -9.20
C ILE D 200 -65.52 33.90 -8.73
N CYS D 201 -64.49 33.68 -9.55
CA CYS D 201 -63.27 32.94 -9.15
C CYS D 201 -62.20 33.94 -8.71
N ASN D 202 -61.51 33.63 -7.62
CA ASN D 202 -60.43 34.45 -7.00
C ASN D 202 -59.11 33.75 -7.28
N VAL D 203 -58.35 34.25 -8.25
CA VAL D 203 -57.04 33.69 -8.67
C VAL D 203 -55.94 34.56 -8.04
N ASN D 204 -54.95 33.96 -7.37
CA ASN D 204 -53.81 34.66 -6.74
C ASN D 204 -52.48 33.99 -7.15
N HIS D 205 -51.58 34.74 -7.80
CA HIS D 205 -50.22 34.32 -8.22
C HIS D 205 -49.21 35.23 -7.52
N LYS D 206 -48.63 34.78 -6.40
CA LYS D 206 -47.77 35.56 -5.47
C LYS D 206 -46.40 35.83 -6.10
N PRO D 207 -45.82 34.92 -6.91
CA PRO D 207 -44.57 35.20 -7.62
C PRO D 207 -44.60 36.44 -8.54
N SER D 208 -45.77 36.78 -9.13
CA SER D 208 -45.95 37.97 -10.00
C SER D 208 -46.76 39.08 -9.30
N ASN D 209 -47.36 38.80 -8.13
CA ASN D 209 -48.19 39.75 -7.30
C ASN D 209 -49.54 40.01 -7.97
N THR D 210 -50.03 39.05 -8.77
CA THR D 210 -51.33 39.13 -9.50
C THR D 210 -52.44 38.61 -8.58
N LYS D 211 -53.61 39.25 -8.65
CA LYS D 211 -54.88 38.87 -7.97
C LYS D 211 -56.03 39.27 -8.92
N VAL D 212 -56.50 38.34 -9.74
CA VAL D 212 -57.61 38.56 -10.73
C VAL D 212 -58.88 37.91 -10.17
N ASP D 213 -60.01 38.62 -10.30
CA ASP D 213 -61.37 38.18 -9.89
C ASP D 213 -62.26 38.22 -11.13
N LYS D 214 -62.70 37.07 -11.62
CA LYS D 214 -63.45 36.94 -12.90
C LYS D 214 -64.87 36.43 -12.58
N LYS D 215 -65.89 37.23 -12.97
CA LYS D 215 -67.33 36.88 -12.86
C LYS D 215 -67.64 35.88 -13.96
N VAL D 216 -68.25 34.76 -13.61
CA VAL D 216 -68.66 33.71 -14.60
C VAL D 216 -70.18 33.61 -14.54
N GLU D 217 -70.83 34.05 -15.62
CA GLU D 217 -72.30 34.05 -15.77
C GLU D 217 -72.62 33.52 -17.16
N PRO D 218 -73.89 33.11 -17.43
CA PRO D 218 -74.34 32.72 -18.76
C PRO D 218 -73.89 33.73 -19.83
N LYS D 219 -73.20 33.27 -20.87
CA LYS D 219 -72.37 34.15 -21.75
C LYS D 219 -72.53 33.76 -23.22
N ASP E 1 -27.69 -2.28 -13.99
CA ASP E 1 -28.46 -1.86 -12.81
C ASP E 1 -29.61 -2.80 -12.62
N ILE E 2 -29.94 -3.12 -11.36
CA ILE E 2 -31.10 -3.97 -11.01
C ILE E 2 -32.38 -3.20 -11.32
N VAL E 3 -33.33 -3.88 -11.95
CA VAL E 3 -34.67 -3.31 -12.25
C VAL E 3 -35.69 -3.93 -11.30
N LEU E 4 -36.45 -3.08 -10.63
CA LEU E 4 -37.55 -3.56 -9.72
C LEU E 4 -38.91 -3.26 -10.35
N THR E 5 -39.72 -4.29 -10.58
CA THR E 5 -41.05 -4.16 -11.20
C THR E 5 -42.14 -4.45 -10.16
N GLN E 6 -42.94 -3.48 -9.83
CA GLN E 6 -44.01 -3.62 -8.83
C GLN E 6 -45.36 -3.88 -9.51
N SER E 7 -46.14 -4.75 -8.88
CA SER E 7 -47.45 -5.18 -9.38
C SER E 7 -48.42 -5.14 -8.21
N PRO E 8 -49.69 -4.73 -8.44
CA PRO E 8 -50.17 -4.14 -9.68
C PRO E 8 -49.77 -2.65 -9.71
N ALA E 9 -49.99 -1.94 -10.81
CA ALA E 9 -49.67 -0.49 -10.85
C ALA E 9 -50.58 0.19 -9.81
N THR E 10 -51.85 -0.24 -9.73
CA THR E 10 -52.88 0.29 -8.79
C THR E 10 -53.60 -0.89 -8.15
N LEU E 11 -53.77 -0.84 -6.83
CA LEU E 11 -54.60 -1.84 -6.13
C LEU E 11 -55.72 -1.07 -5.44
N SER E 12 -56.97 -1.39 -5.79
CA SER E 12 -58.16 -0.75 -5.22
C SER E 12 -58.64 -1.62 -4.07
N VAL E 13 -58.68 -1.09 -2.87
CA VAL E 13 -59.20 -1.85 -1.70
CA VAL E 13 -59.16 -1.84 -1.67
C VAL E 13 -60.05 -0.93 -0.84
N SER E 14 -60.95 -1.49 -0.03
CA SER E 14 -61.71 -0.72 0.98
C SER E 14 -61.01 -0.77 2.32
N PRO E 15 -61.29 0.16 3.26
CA PRO E 15 -60.85 -0.04 4.63
C PRO E 15 -61.45 -1.35 5.08
N GLY E 16 -60.72 -2.02 5.94
CA GLY E 16 -61.04 -3.33 6.50
C GLY E 16 -60.83 -4.44 5.49
N GLU E 17 -60.14 -4.17 4.37
CA GLU E 17 -59.78 -5.21 3.38
C GLU E 17 -58.28 -5.46 3.47
N ARG E 18 -57.86 -6.68 3.20
CA ARG E 18 -56.42 -7.04 3.19
C ARG E 18 -55.83 -6.55 1.86
N ALA E 19 -54.63 -6.00 1.84
CA ALA E 19 -53.96 -5.60 0.57
C ALA E 19 -52.59 -6.27 0.50
N THR E 20 -52.28 -6.90 -0.62
CA THR E 20 -50.94 -7.47 -0.88
C THR E 20 -50.42 -6.93 -2.20
N ILE E 21 -49.22 -6.39 -2.18
CA ILE E 21 -48.61 -5.84 -3.41
C ILE E 21 -47.26 -6.54 -3.56
N SER E 22 -46.69 -6.54 -4.76
CA SER E 22 -45.51 -7.37 -5.02
C SER E 22 -44.44 -6.57 -5.74
N CYS E 23 -43.21 -7.05 -5.63
CA CYS E 23 -41.98 -6.49 -6.22
C CYS E 23 -41.16 -7.63 -6.79
N ARG E 24 -40.84 -7.56 -8.08
CA ARG E 24 -40.02 -8.58 -8.74
C ARG E 24 -38.71 -7.91 -9.18
N ALA E 25 -37.57 -8.43 -8.73
CA ALA E 25 -36.22 -7.91 -9.05
C ALA E 25 -35.71 -8.61 -10.31
N SER E 26 -34.88 -7.93 -11.07
CA SER E 26 -34.28 -8.52 -12.30
C SER E 26 -33.28 -9.64 -11.97
N GLN E 27 -32.87 -9.79 -10.68
CA GLN E 27 -31.92 -10.83 -10.22
C GLN E 27 -32.16 -11.03 -8.72
N ARG E 28 -31.61 -12.09 -8.17
CA ARG E 28 -31.73 -12.44 -6.73
C ARG E 28 -31.07 -11.32 -5.92
N VAL E 29 -31.72 -10.92 -4.82
CA VAL E 29 -31.17 -9.94 -3.83
C VAL E 29 -31.25 -10.53 -2.42
N SER E 30 -31.19 -11.88 -2.32
CA SER E 30 -31.19 -12.71 -1.08
C SER E 30 -29.90 -13.52 -0.99
N SER E 31 -29.33 -13.67 0.18
CA SER E 31 -28.20 -14.62 0.40
C SER E 31 -28.50 -15.44 1.64
N SER E 32 -27.52 -15.88 2.42
CA SER E 32 -27.69 -16.90 3.50
C SER E 32 -28.65 -16.40 4.58
N THR E 33 -28.47 -15.15 5.02
CA THR E 33 -29.06 -14.63 6.27
C THR E 33 -30.12 -13.57 5.91
N TYR E 34 -29.90 -12.74 4.89
CA TYR E 34 -30.73 -11.54 4.66
C TYR E 34 -31.17 -11.40 3.21
N SER E 35 -32.30 -10.73 3.04
CA SER E 35 -32.82 -10.25 1.77
C SER E 35 -32.62 -8.72 1.74
N TYR E 36 -31.98 -8.15 0.72
CA TYR E 36 -31.69 -6.69 0.72
C TYR E 36 -32.78 -5.96 -0.04
N MET E 37 -33.98 -5.98 0.50
CA MET E 37 -35.19 -5.35 -0.07
C MET E 37 -35.92 -4.64 1.08
N HIS E 38 -36.33 -3.41 0.82
CA HIS E 38 -36.97 -2.48 1.79
C HIS E 38 -38.20 -1.87 1.14
N TRP E 39 -39.15 -1.47 1.96
CA TRP E 39 -40.44 -0.95 1.48
C TRP E 39 -40.77 0.38 2.15
N TYR E 40 -41.33 1.30 1.36
CA TYR E 40 -41.61 2.70 1.77
C TYR E 40 -43.06 3.04 1.41
N GLN E 41 -43.67 3.94 2.18
CA GLN E 41 -44.97 4.57 1.87
C GLN E 41 -44.73 6.03 1.50
N GLN E 42 -45.42 6.54 0.48
CA GLN E 42 -45.28 7.97 0.15
C GLN E 42 -46.64 8.56 -0.16
N LYS E 43 -46.99 9.65 0.50
CA LYS E 43 -48.22 10.41 0.22
C LYS E 43 -47.86 11.63 -0.62
N PRO E 44 -48.72 12.09 -1.56
CA PRO E 44 -48.42 13.28 -2.38
C PRO E 44 -47.87 14.42 -1.50
N GLY E 45 -46.79 15.07 -1.96
CA GLY E 45 -46.24 16.27 -1.31
C GLY E 45 -45.40 15.94 -0.07
N GLN E 46 -45.26 14.65 0.28
CA GLN E 46 -44.64 14.18 1.56
CA GLN E 46 -44.64 14.19 1.54
C GLN E 46 -43.45 13.29 1.22
N PRO E 47 -42.46 13.20 2.12
CA PRO E 47 -41.33 12.31 1.89
C PRO E 47 -41.73 10.86 2.09
N PRO E 48 -41.01 9.93 1.45
CA PRO E 48 -41.23 8.51 1.74
C PRO E 48 -40.97 8.27 3.24
N LYS E 49 -41.61 7.22 3.78
CA LYS E 49 -41.49 6.72 5.16
C LYS E 49 -41.11 5.24 5.09
N LEU E 50 -40.06 4.82 5.80
CA LEU E 50 -39.64 3.41 5.77
C LEU E 50 -40.67 2.57 6.55
N LEU E 51 -41.15 1.48 5.96
CA LEU E 51 -42.12 0.57 6.65
C LEU E 51 -41.46 -0.75 7.05
N ILE E 52 -40.74 -1.36 6.10
CA ILE E 52 -40.20 -2.73 6.24
C ILE E 52 -38.78 -2.72 5.75
N LYS E 53 -37.89 -3.31 6.53
CA LYS E 53 -36.47 -3.37 6.13
C LYS E 53 -36.04 -4.83 6.05
N TYR E 54 -35.16 -5.14 5.10
CA TYR E 54 -34.64 -6.51 4.89
C TYR E 54 -35.80 -7.48 4.74
N ALA E 55 -36.78 -7.13 3.91
CA ALA E 55 -37.91 -7.98 3.44
C ALA E 55 -39.01 -8.15 4.49
N SER E 56 -38.66 -8.38 5.74
CA SER E 56 -39.65 -8.89 6.76
C SER E 56 -39.56 -8.19 8.12
N ASN E 57 -38.67 -7.23 8.30
CA ASN E 57 -38.53 -6.57 9.62
C ASN E 57 -39.34 -5.26 9.63
N LEU E 58 -40.34 -5.22 10.49
CA LEU E 58 -41.19 -4.06 10.74
C LEU E 58 -40.34 -2.95 11.37
N GLU E 59 -40.30 -1.79 10.72
CA GLU E 59 -39.54 -0.62 11.26
C GLU E 59 -40.16 -0.19 12.59
N SER E 60 -39.32 0.19 13.53
CA SER E 60 -39.74 0.69 14.86
C SER E 60 -40.80 1.78 14.68
N GLY E 61 -41.93 1.70 15.37
CA GLY E 61 -43.04 2.69 15.27
C GLY E 61 -44.01 2.43 14.14
N VAL E 62 -43.77 1.49 13.25
CA VAL E 62 -44.73 1.21 12.14
C VAL E 62 -45.79 0.25 12.68
N PRO E 63 -47.08 0.50 12.39
CA PRO E 63 -48.17 -0.35 12.86
C PRO E 63 -48.04 -1.82 12.47
N ALA E 64 -48.51 -2.70 13.35
CA ALA E 64 -48.36 -4.18 13.23
C ALA E 64 -49.14 -4.70 12.02
N ARG E 65 -50.09 -3.96 11.43
CA ARG E 65 -50.86 -4.46 10.27
C ARG E 65 -49.96 -4.56 9.01
N PHE E 66 -48.78 -3.93 9.01
CA PHE E 66 -47.78 -4.02 7.91
C PHE E 66 -46.88 -5.25 8.11
N SER E 67 -46.68 -5.98 7.03
CA SER E 67 -45.71 -7.10 7.04
C SER E 67 -45.11 -7.23 5.64
N GLY E 68 -43.97 -7.88 5.59
CA GLY E 68 -43.24 -8.17 4.33
C GLY E 68 -42.82 -9.62 4.31
N SER E 69 -42.73 -10.18 3.12
CA SER E 69 -42.22 -11.55 2.92
C SER E 69 -41.52 -11.64 1.56
N GLY E 70 -40.80 -12.74 1.33
CA GLY E 70 -40.24 -13.08 0.04
C GLY E 70 -38.80 -13.46 0.15
N SER E 71 -38.21 -13.80 -0.99
CA SER E 71 -36.79 -14.12 -1.16
C SER E 71 -36.46 -14.18 -2.64
N GLY E 72 -35.16 -14.19 -2.92
CA GLY E 72 -34.60 -14.26 -4.28
C GLY E 72 -35.01 -13.04 -5.08
N THR E 73 -35.89 -13.25 -6.05
CA THR E 73 -36.38 -12.19 -6.95
C THR E 73 -37.76 -11.70 -6.55
N ASP E 74 -38.46 -12.27 -5.55
CA ASP E 74 -39.92 -11.96 -5.39
C ASP E 74 -40.26 -11.61 -3.94
N PHE E 75 -40.80 -10.42 -3.76
CA PHE E 75 -41.12 -9.84 -2.43
C PHE E 75 -42.57 -9.33 -2.41
N THR E 76 -43.22 -9.44 -1.26
CA THR E 76 -44.58 -8.95 -1.05
C THR E 76 -44.61 -8.09 0.20
N LEU E 77 -45.51 -7.13 0.18
CA LEU E 77 -45.91 -6.35 1.36
C LEU E 77 -47.39 -6.52 1.55
N THR E 78 -47.84 -6.77 2.78
CA THR E 78 -49.24 -7.02 3.11
C THR E 78 -49.68 -6.05 4.21
N ILE E 79 -50.82 -5.42 4.03
CA ILE E 79 -51.56 -4.69 5.10
C ILE E 79 -52.71 -5.61 5.48
N SER E 80 -52.72 -6.12 6.71
CA SER E 80 -53.69 -7.15 7.17
C SER E 80 -55.09 -6.59 7.03
N SER E 81 -55.26 -5.32 7.36
CA SER E 81 -56.55 -4.66 7.27
C SER E 81 -56.30 -3.18 7.07
N VAL E 82 -56.67 -2.69 5.89
CA VAL E 82 -56.32 -1.32 5.45
C VAL E 82 -57.12 -0.34 6.31
N GLU E 83 -56.51 0.81 6.62
CA GLU E 83 -57.13 1.88 7.41
C GLU E 83 -57.11 3.10 6.51
N PRO E 84 -58.00 4.10 6.65
CA PRO E 84 -57.99 5.28 5.77
C PRO E 84 -56.60 5.91 5.54
N GLU E 85 -55.73 5.89 6.57
CA GLU E 85 -54.39 6.54 6.50
CA GLU E 85 -54.36 6.47 6.60
C GLU E 85 -53.42 5.77 5.59
N ASP E 86 -53.76 4.54 5.16
CA ASP E 86 -52.84 3.69 4.38
C ASP E 86 -52.91 3.97 2.88
N PHE E 87 -53.90 4.70 2.37
CA PHE E 87 -54.02 4.99 0.92
C PHE E 87 -52.86 5.92 0.59
N ALA E 88 -52.00 5.49 -0.32
CA ALA E 88 -50.68 6.08 -0.57
C ALA E 88 -50.06 5.34 -1.74
N THR E 89 -48.88 5.77 -2.18
CA THR E 89 -48.03 4.95 -3.08
C THR E 89 -47.01 4.21 -2.21
N TYR E 90 -46.79 2.94 -2.51
CA TYR E 90 -45.78 2.06 -1.90
C TYR E 90 -44.66 1.76 -2.90
N TYR E 91 -43.41 1.87 -2.44
CA TYR E 91 -42.19 1.61 -3.24
C TYR E 91 -41.35 0.55 -2.55
N CYS E 92 -40.83 -0.39 -3.32
CA CYS E 92 -39.74 -1.33 -2.90
C CYS E 92 -38.39 -0.70 -3.29
N GLN E 93 -37.33 -1.08 -2.59
CA GLN E 93 -35.95 -0.62 -2.91
C GLN E 93 -34.97 -1.74 -2.60
N HIS E 94 -33.97 -2.00 -3.46
CA HIS E 94 -32.90 -2.98 -3.10
C HIS E 94 -31.66 -2.25 -2.61
N SER E 95 -30.83 -2.97 -1.87
CA SER E 95 -29.48 -2.50 -1.45
C SER E 95 -28.48 -3.62 -1.67
N TRP E 96 -28.64 -4.32 -2.79
CA TRP E 96 -27.79 -5.48 -3.11
C TRP E 96 -26.43 -5.02 -3.64
N GLU E 97 -26.43 -3.93 -4.41
CA GLU E 97 -25.17 -3.42 -5.06
C GLU E 97 -25.40 -2.00 -5.50
N PRO E 99 -25.97 0.97 -8.23
CA PRO E 99 -26.73 1.81 -7.29
C PRO E 99 -27.98 1.15 -6.72
N PRO E 100 -28.38 1.50 -5.49
CA PRO E 100 -29.70 1.15 -5.01
C PRO E 100 -30.71 1.73 -6.01
N THR E 101 -31.73 0.95 -6.35
CA THR E 101 -32.84 1.39 -7.21
C THR E 101 -34.13 1.05 -6.49
N PHE E 102 -35.19 1.72 -6.94
CA PHE E 102 -36.56 1.66 -6.38
C PHE E 102 -37.49 1.12 -7.47
N GLY E 103 -38.57 0.48 -7.06
CA GLY E 103 -39.68 0.13 -7.97
C GLY E 103 -40.40 1.36 -8.49
N GLY E 104 -41.26 1.17 -9.48
CA GLY E 104 -42.09 2.22 -10.11
C GLY E 104 -43.27 2.58 -9.22
N GLY E 105 -43.58 1.84 -8.16
CA GLY E 105 -44.61 2.21 -7.17
C GLY E 105 -45.90 1.45 -7.38
N THR E 106 -46.64 1.17 -6.31
CA THR E 106 -48.03 0.68 -6.38
C THR E 106 -48.90 1.70 -5.67
N LYS E 107 -49.87 2.27 -6.38
CA LYS E 107 -50.87 3.18 -5.77
C LYS E 107 -51.94 2.31 -5.11
N LEU E 108 -52.08 2.45 -3.80
CA LEU E 108 -53.18 1.84 -3.03
C LEU E 108 -54.31 2.86 -3.07
N GLU E 109 -55.38 2.51 -3.77
CA GLU E 109 -56.49 3.44 -4.12
C GLU E 109 -57.77 2.99 -3.39
N ILE E 110 -58.71 3.90 -3.18
CA ILE E 110 -59.94 3.64 -2.39
C ILE E 110 -60.98 3.03 -3.33
N LYS E 111 -61.34 1.77 -3.08
CA LYS E 111 -62.30 1.01 -3.89
C LYS E 111 -63.70 1.57 -3.63
N ARG E 112 -64.48 1.74 -4.68
CA ARG E 112 -65.91 2.15 -4.58
C ARG E 112 -66.61 1.61 -5.82
N THR E 113 -67.93 1.79 -5.94
CA THR E 113 -68.66 1.24 -7.08
C THR E 113 -68.36 2.10 -8.29
N VAL E 114 -68.54 1.49 -9.44
CA VAL E 114 -68.42 2.24 -10.71
C VAL E 114 -69.42 3.40 -10.70
N ALA E 115 -68.98 4.59 -11.10
CA ALA E 115 -69.77 5.83 -11.25
C ALA E 115 -69.48 6.45 -12.63
N ALA E 116 -70.49 6.81 -13.41
CA ALA E 116 -70.31 7.47 -14.73
C ALA E 116 -69.95 8.92 -14.51
N PRO E 117 -69.07 9.49 -15.34
CA PRO E 117 -68.82 10.92 -15.34
C PRO E 117 -70.05 11.67 -15.86
N SER E 118 -70.29 12.86 -15.31
CA SER E 118 -71.12 13.90 -15.92
C SER E 118 -70.22 14.70 -16.85
N VAL E 119 -70.63 14.91 -18.09
CA VAL E 119 -69.70 15.49 -19.12
C VAL E 119 -70.18 16.88 -19.51
N PHE E 120 -69.27 17.82 -19.61
CA PHE E 120 -69.59 19.24 -19.87
C PHE E 120 -68.55 19.77 -20.86
N ILE E 121 -68.97 20.55 -21.85
CA ILE E 121 -68.02 21.21 -22.77
C ILE E 121 -68.14 22.73 -22.61
N PHE E 122 -67.02 23.44 -22.69
CA PHE E 122 -66.97 24.93 -22.62
C PHE E 122 -66.29 25.48 -23.86
N PRO E 123 -66.96 26.34 -24.62
CA PRO E 123 -66.28 27.07 -25.67
C PRO E 123 -65.25 28.06 -25.09
N PRO E 124 -64.28 28.49 -25.92
CA PRO E 124 -63.38 29.58 -25.56
C PRO E 124 -64.22 30.84 -25.38
N SER E 125 -63.96 31.64 -24.34
CA SER E 125 -64.62 32.95 -24.11
C SER E 125 -64.22 33.98 -25.19
N ASP E 126 -65.04 35.00 -25.40
CA ASP E 126 -64.62 36.23 -26.12
C ASP E 126 -63.43 36.83 -25.35
N GLU E 127 -63.64 37.09 -24.03
CA GLU E 127 -62.65 37.64 -23.06
C GLU E 127 -61.29 36.96 -23.24
N SER E 135 -58.66 27.90 -26.57
CA SER E 135 -58.83 26.91 -25.46
C SER E 135 -60.26 26.35 -25.36
N VAL E 136 -60.48 25.09 -25.75
CA VAL E 136 -61.78 24.39 -25.60
C VAL E 136 -61.64 23.43 -24.40
N VAL E 137 -62.57 23.50 -23.45
CA VAL E 137 -62.46 22.72 -22.19
C VAL E 137 -63.59 21.70 -22.12
N CYS E 138 -63.21 20.48 -21.78
CA CYS E 138 -64.10 19.32 -21.54
C CYS E 138 -63.88 18.84 -20.10
N LEU E 139 -64.96 18.83 -19.33
CA LEU E 139 -64.93 18.37 -17.92
C LEU E 139 -65.66 17.02 -17.80
N LEU E 140 -64.99 16.07 -17.15
CA LEU E 140 -65.57 14.77 -16.75
C LEU E 140 -65.72 14.81 -15.23
N ASN E 141 -66.93 14.90 -14.72
CA ASN E 141 -67.13 15.18 -13.28
C ASN E 141 -67.56 13.92 -12.51
N ASN E 142 -66.79 13.60 -11.45
CA ASN E 142 -67.10 12.60 -10.40
C ASN E 142 -67.34 11.19 -10.97
N PHE E 143 -66.31 10.55 -11.50
CA PHE E 143 -66.41 9.18 -12.08
C PHE E 143 -65.44 8.22 -11.35
N TYR E 144 -65.69 6.92 -11.52
CA TYR E 144 -64.86 5.84 -10.96
C TYR E 144 -65.09 4.61 -11.83
N PRO E 145 -64.06 3.88 -12.27
CA PRO E 145 -62.68 4.11 -11.83
C PRO E 145 -62.05 5.19 -12.68
N ARG E 146 -60.75 5.42 -12.43
CA ARG E 146 -59.93 6.51 -13.02
C ARG E 146 -59.88 6.42 -14.55
N GLU E 147 -59.95 5.23 -15.16
CA GLU E 147 -59.68 5.07 -16.62
C GLU E 147 -60.80 5.70 -17.46
N ALA E 148 -60.46 6.63 -18.34
CA ALA E 148 -61.42 7.34 -19.20
C ALA E 148 -60.70 7.76 -20.50
N LYS E 149 -61.34 7.65 -21.66
CA LYS E 149 -60.80 8.09 -22.96
C LYS E 149 -61.57 9.36 -23.33
N VAL E 150 -60.87 10.44 -23.62
CA VAL E 150 -61.46 11.72 -24.12
C VAL E 150 -60.96 11.89 -25.55
N GLN E 151 -61.84 11.91 -26.55
CA GLN E 151 -61.47 12.11 -27.97
C GLN E 151 -62.00 13.48 -28.36
N TRP E 152 -61.17 14.31 -28.96
CA TRP E 152 -61.62 15.62 -29.53
C TRP E 152 -61.91 15.46 -31.02
N LYS E 153 -63.08 15.89 -31.46
CA LYS E 153 -63.42 15.96 -32.91
C LYS E 153 -63.71 17.42 -33.26
N VAL E 154 -63.23 17.85 -34.42
CA VAL E 154 -63.55 19.17 -35.01
C VAL E 154 -64.01 18.88 -36.44
N ASP E 155 -65.29 19.15 -36.70
CA ASP E 155 -66.00 18.80 -37.95
C ASP E 155 -65.79 17.32 -38.26
N ASN E 156 -65.87 16.46 -37.24
CA ASN E 156 -65.88 14.99 -37.40
C ASN E 156 -64.45 14.47 -37.60
N ALA E 157 -63.43 15.35 -37.55
CA ALA E 157 -61.99 15.00 -37.69
C ALA E 157 -61.36 14.80 -36.30
N LEU E 158 -60.89 13.57 -36.00
CA LEU E 158 -60.26 13.19 -34.71
C LEU E 158 -58.99 14.02 -34.55
N GLN E 159 -58.88 14.75 -33.44
CA GLN E 159 -57.71 15.60 -33.10
C GLN E 159 -56.64 14.71 -32.45
N SER E 160 -55.38 15.15 -32.47
CA SER E 160 -54.21 14.43 -31.91
C SER E 160 -52.98 15.27 -32.18
N GLY E 161 -52.01 15.33 -31.26
CA GLY E 161 -52.17 15.69 -29.86
C GLY E 161 -52.02 17.20 -29.71
N ASN E 162 -53.12 17.92 -29.81
CA ASN E 162 -53.28 19.37 -29.50
C ASN E 162 -54.12 19.52 -28.21
N SER E 163 -54.14 18.50 -27.36
CA SER E 163 -54.89 18.49 -26.07
C SER E 163 -53.97 18.03 -24.94
N GLN E 164 -54.34 18.40 -23.70
CA GLN E 164 -53.67 17.95 -22.44
C GLN E 164 -54.76 17.67 -21.40
N GLU E 165 -54.53 16.65 -20.58
CA GLU E 165 -55.45 16.20 -19.50
C GLU E 165 -54.85 16.49 -18.15
N SER E 166 -55.69 16.84 -17.19
CA SER E 166 -55.35 16.91 -15.75
C SER E 166 -56.41 16.14 -14.98
N VAL E 167 -56.03 15.48 -13.89
CA VAL E 167 -56.95 14.64 -13.06
C VAL E 167 -56.79 14.99 -11.58
N THR E 168 -57.89 15.02 -10.83
CA THR E 168 -57.86 15.26 -9.37
C THR E 168 -57.53 13.96 -8.63
N GLU E 169 -57.15 14.08 -7.37
CA GLU E 169 -57.04 12.94 -6.45
C GLU E 169 -58.49 12.50 -6.09
N GLN E 170 -58.63 11.30 -5.57
CA GLN E 170 -59.94 10.75 -5.17
C GLN E 170 -60.59 11.76 -4.23
N ASP E 171 -61.86 12.08 -4.46
CA ASP E 171 -62.60 13.03 -3.62
C ASP E 171 -62.66 12.48 -2.18
N SER E 172 -62.52 13.34 -1.17
CA SER E 172 -62.49 12.90 0.25
C SER E 172 -63.82 12.28 0.66
N LYS E 173 -64.94 12.66 0.05
CA LYS E 173 -66.30 12.23 0.47
C LYS E 173 -66.80 11.07 -0.41
N ASP E 174 -66.66 11.14 -1.74
CA ASP E 174 -67.30 10.16 -2.63
C ASP E 174 -66.28 9.19 -3.26
N SER E 175 -64.97 9.46 -3.13
CA SER E 175 -63.87 8.61 -3.64
C SER E 175 -63.84 8.63 -5.17
N THR E 176 -64.43 9.64 -5.83
CA THR E 176 -64.45 9.75 -7.32
C THR E 176 -63.31 10.63 -7.83
N TYR E 177 -63.06 10.52 -9.11
CA TYR E 177 -62.12 11.40 -9.84
C TYR E 177 -62.91 12.40 -10.67
N SER E 178 -62.27 13.53 -10.95
CA SER E 178 -62.68 14.48 -12.01
C SER E 178 -61.49 14.71 -12.96
N LEU E 179 -61.79 14.95 -14.23
CA LEU E 179 -60.78 15.12 -15.28
C LEU E 179 -61.16 16.28 -16.19
N SER E 180 -60.19 17.09 -16.53
CA SER E 180 -60.30 18.19 -17.49
C SER E 180 -59.44 17.78 -18.69
N SER E 181 -59.96 17.95 -19.91
CA SER E 181 -59.20 17.90 -21.18
C SER E 181 -59.31 19.26 -21.88
N THR E 182 -58.17 19.85 -22.26
CA THR E 182 -58.09 21.21 -22.84
C THR E 182 -57.53 21.06 -24.25
N LEU E 183 -58.34 21.40 -25.27
CA LEU E 183 -57.91 21.50 -26.68
C LEU E 183 -57.46 22.95 -26.92
N THR E 184 -56.25 23.16 -27.40
CA THR E 184 -55.70 24.54 -27.66
C THR E 184 -55.54 24.69 -29.18
N LEU E 185 -56.00 25.81 -29.76
CA LEU E 185 -55.88 26.11 -31.21
C LEU E 185 -55.58 27.59 -31.42
N SER E 186 -54.97 27.95 -32.57
CA SER E 186 -54.90 29.33 -33.15
C SER E 186 -56.33 29.80 -33.44
N LYS E 187 -56.53 31.12 -33.47
CA LYS E 187 -57.86 31.80 -33.63
C LYS E 187 -58.41 31.51 -35.02
N ASP E 189 -57.94 29.66 -37.51
CA ASP E 189 -57.70 28.20 -37.46
C ASP E 189 -58.80 27.51 -36.62
N TYR E 190 -59.06 28.00 -35.40
CA TYR E 190 -60.33 27.76 -34.64
C TYR E 190 -61.53 28.26 -35.46
N GLU E 191 -61.41 29.44 -36.07
CA GLU E 191 -62.51 30.07 -36.82
C GLU E 191 -62.71 29.38 -38.18
N LYS E 192 -61.86 28.41 -38.57
CA LYS E 192 -61.97 27.65 -39.85
C LYS E 192 -62.90 26.42 -39.72
N HIS E 193 -63.51 26.19 -38.54
CA HIS E 193 -64.32 24.97 -38.22
C HIS E 193 -65.58 25.36 -37.43
N LYS E 194 -66.65 24.54 -37.49
CA LYS E 194 -68.00 24.83 -36.90
C LYS E 194 -68.21 24.04 -35.61
N VAL E 195 -68.25 22.71 -35.69
CA VAL E 195 -68.68 21.86 -34.54
C VAL E 195 -67.43 21.38 -33.77
N TYR E 196 -67.38 21.69 -32.48
CA TYR E 196 -66.34 21.21 -31.54
C TYR E 196 -67.01 20.22 -30.56
N ALA E 197 -66.46 19.01 -30.51
CA ALA E 197 -67.04 17.83 -29.81
C ALA E 197 -65.96 17.15 -28.95
N CYS E 198 -66.34 16.88 -27.72
CA CYS E 198 -65.65 16.04 -26.72
C CYS E 198 -66.40 14.70 -26.63
N GLU E 199 -65.82 13.58 -27.07
CA GLU E 199 -66.42 12.23 -26.97
C GLU E 199 -65.74 11.46 -25.82
N VAL E 200 -66.51 11.01 -24.83
CA VAL E 200 -65.89 10.32 -23.69
C VAL E 200 -66.38 8.88 -23.58
N THR E 201 -65.40 8.00 -23.35
CA THR E 201 -65.58 6.54 -23.19
C THR E 201 -65.18 6.24 -21.75
N HIS E 202 -66.07 5.59 -21.01
CA HIS E 202 -65.92 5.19 -19.59
C HIS E 202 -66.85 4.01 -19.31
N GLN E 203 -66.40 3.04 -18.53
CA GLN E 203 -67.17 1.78 -18.33
C GLN E 203 -68.50 2.07 -17.61
N GLY E 204 -68.66 3.25 -17.02
CA GLY E 204 -69.91 3.62 -16.34
C GLY E 204 -70.96 4.06 -17.33
N LEU E 205 -70.58 4.38 -18.57
CA LEU E 205 -71.50 4.87 -19.62
C LEU E 205 -71.86 3.67 -20.49
N SER E 206 -73.14 3.51 -20.84
CA SER E 206 -73.59 2.37 -21.70
C SER E 206 -72.97 2.51 -23.10
N SER E 207 -72.76 3.73 -23.57
CA SER E 207 -72.04 4.03 -24.83
C SER E 207 -71.34 5.36 -24.67
N PRO E 208 -70.38 5.67 -25.56
CA PRO E 208 -69.62 6.91 -25.43
C PRO E 208 -70.58 8.09 -25.52
N VAL E 209 -70.33 9.08 -24.69
CA VAL E 209 -71.13 10.33 -24.61
C VAL E 209 -70.34 11.43 -25.31
N THR E 210 -71.01 12.20 -26.17
CA THR E 210 -70.41 13.36 -26.90
C THR E 210 -71.14 14.64 -26.50
N LYS E 211 -70.41 15.59 -25.94
CA LYS E 211 -70.84 16.99 -25.74
C LYS E 211 -70.22 17.86 -26.85
N SER E 212 -71.01 18.69 -27.49
CA SER E 212 -70.56 19.51 -28.64
C SER E 212 -71.26 20.87 -28.61
N PHE E 213 -70.64 21.86 -29.24
CA PHE E 213 -71.24 23.18 -29.56
C PHE E 213 -70.88 23.55 -31.00
N ASN E 214 -71.62 24.52 -31.54
CA ASN E 214 -71.25 25.29 -32.75
C ASN E 214 -70.68 26.64 -32.31
N ARG E 215 -69.49 26.99 -32.81
CA ARG E 215 -68.87 28.34 -32.67
C ARG E 215 -69.92 29.41 -32.98
N GLY E 216 -70.39 30.18 -31.98
CA GLY E 216 -71.72 30.84 -31.94
C GLY E 216 -72.64 30.16 -30.93
N GLN F 1 6.16 16.17 -39.02
CA GLN F 1 7.26 15.19 -38.93
C GLN F 1 7.67 14.94 -37.47
N VAL F 2 7.74 13.68 -37.06
CA VAL F 2 8.35 13.30 -35.74
C VAL F 2 9.83 13.64 -35.81
N GLN F 3 10.34 14.40 -34.84
CA GLN F 3 11.75 14.85 -34.84
C GLN F 3 12.29 14.84 -33.42
N LEU F 4 13.48 14.28 -33.27
CA LEU F 4 14.27 14.39 -32.02
C LEU F 4 15.55 15.10 -32.42
N VAL F 5 15.78 16.29 -31.89
CA VAL F 5 16.98 17.11 -32.20
C VAL F 5 17.85 17.18 -30.94
N GLN F 6 19.05 16.64 -31.03
CA GLN F 6 20.00 16.60 -29.89
C GLN F 6 20.93 17.81 -29.92
N SER F 7 21.52 18.13 -28.77
CA SER F 7 22.50 19.21 -28.57
C SER F 7 23.80 18.83 -29.29
N GLY F 8 24.66 19.83 -29.43
CA GLY F 8 25.93 19.74 -30.17
C GLY F 8 26.95 18.95 -29.40
N ALA F 9 27.98 18.51 -30.13
CA ALA F 9 29.15 17.76 -29.63
C ALA F 9 29.76 18.47 -28.42
N GLU F 10 30.30 17.67 -27.50
CA GLU F 10 30.97 18.18 -26.29
C GLU F 10 32.37 17.56 -26.27
N VAL F 11 33.35 18.37 -25.96
CA VAL F 11 34.74 17.92 -25.75
C VAL F 11 35.08 18.35 -24.34
N VAL F 12 35.43 17.43 -23.45
CA VAL F 12 35.63 17.80 -22.03
C VAL F 12 36.76 16.95 -21.43
N LYS F 13 37.27 17.40 -20.29
CA LYS F 13 38.41 16.79 -19.54
C LYS F 13 37.86 15.66 -18.67
N PRO F 14 38.64 14.58 -18.39
CA PRO F 14 38.23 13.57 -17.41
C PRO F 14 37.77 14.22 -16.09
N GLY F 15 36.77 13.65 -15.41
CA GLY F 15 36.29 14.18 -14.12
C GLY F 15 35.12 15.15 -14.25
N ALA F 16 34.96 15.81 -15.39
CA ALA F 16 33.85 16.75 -15.69
C ALA F 16 32.51 16.01 -15.80
N SER F 17 31.45 16.79 -15.96
CA SER F 17 30.07 16.38 -16.28
C SER F 17 29.61 17.11 -17.54
N VAL F 18 28.68 16.51 -18.29
CA VAL F 18 27.93 17.21 -19.36
C VAL F 18 26.46 16.91 -19.15
N LYS F 19 25.63 17.84 -19.58
CA LYS F 19 24.16 17.68 -19.68
C LYS F 19 23.81 17.72 -21.17
N LEU F 20 23.38 16.58 -21.70
CA LEU F 20 22.94 16.43 -23.10
C LEU F 20 21.45 16.73 -23.14
N SER F 21 20.97 17.29 -24.23
CA SER F 21 19.54 17.58 -24.44
C SER F 21 19.06 16.96 -25.75
N CYS F 22 17.75 16.75 -25.79
CA CYS F 22 17.02 16.09 -26.87
C CYS F 22 15.64 16.74 -26.98
N LYS F 23 15.44 17.61 -27.99
CA LYS F 23 14.19 18.40 -28.18
C LYS F 23 13.25 17.61 -29.10
N ALA F 24 12.03 17.35 -28.67
CA ALA F 24 11.02 16.54 -29.40
C ALA F 24 9.96 17.45 -30.00
N SER F 25 9.63 17.25 -31.27
CA SER F 25 8.50 17.95 -31.93
C SER F 25 7.70 16.98 -32.80
N GLY F 26 6.48 17.37 -33.14
CA GLY F 26 5.65 16.69 -34.15
C GLY F 26 4.86 15.56 -33.57
N TYR F 27 4.88 15.43 -32.26
CA TYR F 27 4.10 14.38 -31.57
C TYR F 27 3.83 14.80 -30.13
N ILE F 28 2.95 14.08 -29.44
CA ILE F 28 2.62 14.35 -28.01
C ILE F 28 3.73 13.75 -27.15
N PHE F 29 4.60 14.63 -26.66
CA PHE F 29 5.85 14.31 -25.94
C PHE F 29 5.61 13.33 -24.76
N THR F 30 4.57 13.55 -23.96
CA THR F 30 4.25 12.74 -22.75
C THR F 30 3.71 11.34 -23.09
N SER F 31 3.39 11.03 -24.36
CA SER F 31 2.73 9.77 -24.81
C SER F 31 3.74 8.68 -25.15
N TYR F 32 5.02 9.01 -25.22
CA TYR F 32 6.07 8.05 -25.61
C TYR F 32 7.19 8.01 -24.59
N TYR F 33 7.63 6.80 -24.24
CA TYR F 33 8.88 6.60 -23.48
C TYR F 33 10.05 7.09 -24.34
N MET F 34 11.08 7.55 -23.64
CA MET F 34 12.36 7.92 -24.31
CA MET F 34 12.37 7.99 -24.26
C MET F 34 13.50 7.09 -23.71
N TYR F 35 14.35 6.56 -24.60
CA TYR F 35 15.59 5.86 -24.20
C TYR F 35 16.79 6.72 -24.57
N TRP F 36 17.85 6.50 -23.85
CA TRP F 36 19.21 6.96 -24.20
C TRP F 36 20.06 5.71 -24.42
N VAL F 37 20.82 5.77 -25.51
CA VAL F 37 21.64 4.67 -26.05
C VAL F 37 23.06 5.19 -26.34
N LYS F 38 24.05 4.39 -26.00
CA LYS F 38 25.49 4.73 -26.16
C LYS F 38 26.04 3.95 -27.33
N GLN F 39 26.88 4.58 -28.13
CA GLN F 39 27.58 3.89 -29.24
C GLN F 39 29.04 4.37 -29.23
N ALA F 40 29.92 3.56 -28.67
CA ALA F 40 31.34 3.90 -28.50
C ALA F 40 32.00 3.79 -29.87
N PRO F 41 33.09 4.51 -30.17
CA PRO F 41 33.64 4.49 -31.53
C PRO F 41 33.87 3.04 -31.99
N GLY F 42 33.45 2.71 -33.20
CA GLY F 42 33.59 1.35 -33.78
C GLY F 42 32.72 0.29 -33.13
N GLN F 43 31.88 0.60 -32.13
CA GLN F 43 31.13 -0.46 -31.40
C GLN F 43 29.63 -0.42 -31.76
N GLY F 44 28.85 -1.33 -31.16
CA GLY F 44 27.40 -1.38 -31.31
C GLY F 44 26.72 -0.48 -30.30
N LEU F 45 25.45 -0.78 -30.04
CA LEU F 45 24.52 0.04 -29.26
C LEU F 45 24.38 -0.60 -27.87
N GLU F 46 24.40 0.24 -26.85
CA GLU F 46 24.24 -0.13 -25.41
C GLU F 46 23.16 0.75 -24.76
N LEU F 47 22.13 0.15 -24.15
CA LEU F 47 21.04 0.94 -23.53
C LEU F 47 21.56 1.51 -22.20
N ILE F 48 21.39 2.80 -21.98
CA ILE F 48 21.75 3.50 -20.72
C ILE F 48 20.53 3.47 -19.78
N GLY F 49 19.38 3.91 -20.25
CA GLY F 49 18.14 3.81 -19.48
C GLY F 49 16.97 4.48 -20.19
N GLU F 50 15.88 4.63 -19.45
CA GLU F 50 14.60 5.07 -20.01
C GLU F 50 13.94 6.01 -19.02
N ILE F 51 13.20 6.93 -19.59
CA ILE F 51 12.42 7.94 -18.85
C ILE F 51 11.03 7.93 -19.46
N ASN F 52 10.04 7.97 -18.60
CA ASN F 52 8.66 8.36 -18.90
C ASN F 52 8.51 9.88 -18.78
N PRO F 53 8.33 10.59 -19.91
CA PRO F 53 8.17 12.04 -19.84
C PRO F 53 6.91 12.52 -19.11
N SER F 54 5.84 11.71 -18.96
CA SER F 54 4.62 12.23 -18.28
C SER F 54 4.89 12.44 -16.80
N ASN F 55 5.82 11.70 -16.17
CA ASN F 55 6.02 11.83 -14.72
C ASN F 55 7.49 11.97 -14.32
N GLY F 56 8.45 11.64 -15.17
CA GLY F 56 9.89 11.64 -14.83
C GLY F 56 10.38 10.31 -14.25
N ASP F 57 9.54 9.27 -14.25
CA ASP F 57 9.92 7.93 -13.74
C ASP F 57 11.00 7.36 -14.64
N THR F 58 12.04 6.75 -14.06
CA THR F 58 13.25 6.25 -14.76
C THR F 58 13.46 4.78 -14.44
N ASN F 59 14.13 4.09 -15.36
CA ASN F 59 14.65 2.71 -15.15
C ASN F 59 16.03 2.72 -15.78
N PHE F 60 17.05 2.30 -15.06
CA PHE F 60 18.44 2.27 -15.58
C PHE F 60 18.92 0.85 -15.86
N ASN F 61 19.73 0.73 -16.92
CA ASN F 61 20.67 -0.39 -17.08
C ASN F 61 21.65 -0.29 -15.89
N GLU F 62 21.79 -1.34 -15.09
CA GLU F 62 22.59 -1.37 -13.83
C GLU F 62 23.95 -0.69 -14.07
N LYS F 63 24.53 -0.91 -15.24
CA LYS F 63 25.88 -0.43 -15.58
C LYS F 63 25.95 1.10 -15.47
N PHE F 64 24.85 1.84 -15.68
CA PHE F 64 24.88 3.31 -15.90
C PHE F 64 24.21 4.02 -14.72
N LYS F 65 23.79 3.26 -13.71
CA LYS F 65 22.99 3.76 -12.56
C LYS F 65 23.78 4.88 -11.83
N SER F 66 25.11 4.82 -11.78
CA SER F 66 25.89 5.87 -11.08
C SER F 66 26.51 6.86 -12.09
N LYS F 67 26.25 6.68 -13.38
CA LYS F 67 26.90 7.46 -14.46
C LYS F 67 25.92 8.54 -14.92
N ALA F 68 24.63 8.23 -14.94
CA ALA F 68 23.65 8.95 -15.78
C ALA F 68 22.42 9.35 -14.96
N THR F 69 22.00 10.59 -15.12
CA THR F 69 20.76 11.16 -14.55
C THR F 69 19.87 11.59 -15.72
N LEU F 70 18.62 11.17 -15.72
CA LEU F 70 17.65 11.48 -16.80
C LEU F 70 16.52 12.34 -16.23
N THR F 71 16.16 13.37 -16.97
CA THR F 71 15.06 14.28 -16.60
C THR F 71 14.37 14.74 -17.88
N VAL F 72 13.23 15.39 -17.70
CA VAL F 72 12.53 16.02 -18.83
C VAL F 72 12.09 17.40 -18.37
N ASP F 73 11.90 18.29 -19.31
CA ASP F 73 11.13 19.52 -19.11
C ASP F 73 9.90 19.42 -20.01
N LYS F 74 8.75 19.05 -19.46
CA LYS F 74 7.50 18.84 -20.24
C LYS F 74 7.18 20.11 -21.03
N SER F 75 7.31 21.27 -20.38
CA SER F 75 6.96 22.58 -20.98
C SER F 75 7.82 22.80 -22.23
N ALA F 76 9.07 22.33 -22.25
CA ALA F 76 10.01 22.54 -23.36
C ALA F 76 10.08 21.31 -24.28
N SER F 77 9.31 20.25 -24.03
CA SER F 77 9.32 19.00 -24.83
C SER F 77 10.76 18.52 -25.00
N THR F 78 11.53 18.59 -23.93
CA THR F 78 12.97 18.28 -23.97
C THR F 78 13.30 17.24 -22.90
N ALA F 79 14.12 16.29 -23.28
CA ALA F 79 14.71 15.30 -22.39
C ALA F 79 16.18 15.65 -22.25
N TYR F 80 16.71 15.45 -21.04
CA TYR F 80 18.13 15.67 -20.74
C TYR F 80 18.73 14.43 -20.12
N MET F 81 20.00 14.20 -20.42
CA MET F 81 20.85 13.22 -19.72
C MET F 81 22.11 13.90 -19.23
N GLU F 82 22.37 13.83 -17.92
CA GLU F 82 23.64 14.29 -17.32
C GLU F 82 24.53 13.07 -17.10
N LEU F 83 25.73 13.06 -17.68
CA LEU F 83 26.83 12.12 -17.35
C LEU F 83 27.82 12.82 -16.42
N SER F 84 28.20 12.15 -15.33
CA SER F 84 29.08 12.61 -14.23
C SER F 84 30.41 11.81 -14.21
N SER F 85 31.41 12.33 -13.52
CA SER F 85 32.80 11.79 -13.39
C SER F 85 33.23 11.17 -14.72
N LEU F 86 33.16 11.97 -15.79
CA LEU F 86 33.43 11.50 -17.17
C LEU F 86 34.87 10.97 -17.25
N ARG F 87 35.07 9.88 -17.98
CA ARG F 87 36.41 9.32 -18.28
C ARG F 87 36.45 8.84 -19.74
N SER F 88 37.65 8.53 -20.25
CA SER F 88 37.86 8.33 -21.71
C SER F 88 36.90 7.25 -22.23
N GLU F 89 36.58 6.22 -21.44
CA GLU F 89 35.62 5.14 -21.83
C GLU F 89 34.19 5.67 -22.02
N ASP F 90 33.91 6.92 -21.62
CA ASP F 90 32.58 7.56 -21.81
C ASP F 90 32.55 8.19 -23.22
N THR F 91 33.66 8.17 -23.97
CA THR F 91 33.72 8.71 -25.34
C THR F 91 32.80 7.87 -26.24
N ALA F 92 31.77 8.48 -26.81
CA ALA F 92 30.79 7.75 -27.64
C ALA F 92 29.86 8.77 -28.25
N VAL F 93 29.04 8.33 -29.20
CA VAL F 93 27.82 9.06 -29.65
C VAL F 93 26.68 8.59 -28.75
N TYR F 94 25.91 9.51 -28.21
CA TYR F 94 24.75 9.21 -27.34
C TYR F 94 23.49 9.59 -28.10
N TYR F 95 22.57 8.63 -28.28
CA TYR F 95 21.27 8.85 -28.94
C TYR F 95 20.16 8.94 -27.89
N CYS F 96 19.19 9.84 -28.08
CA CYS F 96 17.82 9.72 -27.51
C CYS F 96 16.93 9.08 -28.59
N THR F 97 15.94 8.30 -28.18
CA THR F 97 15.01 7.66 -29.14
C THR F 97 13.63 7.51 -28.50
N ARG F 98 12.54 7.67 -29.24
CA ARG F 98 11.23 7.50 -28.61
C ARG F 98 10.77 6.07 -28.84
N SER F 99 9.85 5.64 -28.01
CA SER F 99 9.30 4.27 -28.06
C SER F 99 7.81 4.31 -27.68
N ASP F 100 6.96 3.76 -28.53
CA ASP F 100 5.50 3.90 -28.27
C ASP F 100 5.11 2.94 -27.13
N GLY F 101 5.87 1.86 -26.93
CA GLY F 101 5.48 0.72 -26.06
C GLY F 101 6.65 0.06 -25.34
N ARG F 102 7.84 0.67 -25.39
CA ARG F 102 9.07 0.16 -24.75
C ARG F 102 9.50 -1.14 -25.43
N ASN F 103 9.13 -1.28 -26.70
CA ASN F 103 9.54 -2.41 -27.56
C ASN F 103 10.41 -1.81 -28.68
N ASP F 104 9.87 -1.56 -29.86
CA ASP F 104 10.70 -0.91 -30.90
C ASP F 104 10.97 0.55 -30.51
N MET F 105 12.04 1.10 -31.06
CA MET F 105 12.42 2.52 -30.93
C MET F 105 12.27 3.14 -32.33
N ASP F 106 11.17 3.84 -32.59
CA ASP F 106 10.72 4.15 -33.96
C ASP F 106 11.36 5.46 -34.49
N SER F 107 11.92 6.34 -33.67
CA SER F 107 12.62 7.56 -34.19
C SER F 107 13.76 7.90 -33.25
N TRP F 108 14.86 8.30 -33.85
CA TRP F 108 16.13 8.52 -33.11
C TRP F 108 16.57 9.96 -33.33
N GLY F 109 17.20 10.59 -32.35
CA GLY F 109 17.95 11.83 -32.55
C GLY F 109 19.18 11.55 -33.40
N GLN F 110 19.87 12.61 -33.79
CA GLN F 110 21.01 12.56 -34.75
C GLN F 110 22.25 12.10 -33.97
N GLY F 111 22.18 12.05 -32.64
CA GLY F 111 23.33 11.70 -31.80
C GLY F 111 24.12 12.93 -31.40
N THR F 112 24.75 12.83 -30.25
CA THR F 112 25.66 13.84 -29.67
C THR F 112 26.95 13.09 -29.38
N LEU F 113 28.05 13.50 -30.03
CA LEU F 113 29.41 13.01 -29.71
C LEU F 113 29.85 13.67 -28.41
N VAL F 114 30.22 12.84 -27.46
CA VAL F 114 30.91 13.31 -26.24
C VAL F 114 32.30 12.72 -26.34
N THR F 115 33.30 13.59 -26.40
CA THR F 115 34.73 13.24 -26.37
C THR F 115 35.28 13.64 -25.02
N VAL F 116 35.74 12.67 -24.23
CA VAL F 116 36.47 12.97 -22.98
C VAL F 116 37.96 12.63 -23.15
N SER F 117 38.78 13.65 -22.93
CA SER F 117 40.23 13.68 -23.24
C SER F 117 40.91 14.76 -22.40
N SER F 118 42.14 14.48 -21.99
CA SER F 118 43.11 15.47 -21.45
C SER F 118 43.57 16.41 -22.58
N ALA F 119 43.33 16.06 -23.84
CA ALA F 119 43.90 16.84 -24.97
C ALA F 119 43.26 18.24 -25.04
N SER F 120 44.00 19.24 -25.54
CA SER F 120 43.51 20.59 -25.93
C SER F 120 43.41 20.76 -27.45
N THR F 121 42.53 21.64 -27.92
CA THR F 121 42.36 21.91 -29.38
C THR F 121 43.74 22.15 -29.99
N LYS F 122 44.10 21.44 -31.04
CA LYS F 122 45.46 21.52 -31.65
C LYS F 122 45.35 21.19 -33.14
N GLY F 123 45.90 22.09 -33.96
CA GLY F 123 46.02 21.87 -35.41
C GLY F 123 47.11 20.85 -35.71
N PRO F 124 46.99 20.12 -36.84
CA PRO F 124 47.93 19.06 -37.17
C PRO F 124 49.33 19.51 -37.62
N SER F 125 50.35 18.68 -37.38
CA SER F 125 51.59 18.64 -38.21
C SER F 125 51.26 17.95 -39.54
N VAL F 126 51.77 18.45 -40.67
CA VAL F 126 51.51 17.90 -42.04
C VAL F 126 52.87 17.53 -42.65
N PHE F 127 53.09 16.25 -42.91
CA PHE F 127 54.38 15.73 -43.39
C PHE F 127 54.15 15.04 -44.73
N PRO F 128 55.07 15.20 -45.70
CA PRO F 128 54.93 14.58 -47.00
C PRO F 128 55.14 13.06 -46.86
N LEU F 129 54.34 12.29 -47.59
CA LEU F 129 54.62 10.88 -47.99
C LEU F 129 55.15 10.96 -49.43
N ALA F 130 56.46 11.03 -49.57
CA ALA F 130 57.14 11.36 -50.85
C ALA F 130 57.21 10.11 -51.74
N PRO F 131 56.85 10.23 -53.02
CA PRO F 131 56.67 9.08 -53.94
C PRO F 131 57.93 8.25 -54.25
N SER F 137 58.70 1.50 -58.27
CA SER F 137 57.35 0.88 -58.05
C SER F 137 56.49 0.84 -59.34
N GLY F 138 57.09 1.02 -60.52
CA GLY F 138 56.44 0.78 -61.83
C GLY F 138 55.65 1.99 -62.34
N GLY F 139 54.61 1.73 -63.16
CA GLY F 139 53.83 2.72 -63.94
C GLY F 139 53.15 3.73 -63.04
N THR F 140 52.71 3.30 -61.85
CA THR F 140 51.93 4.11 -60.88
C THR F 140 52.82 4.48 -59.70
N ALA F 141 52.82 5.75 -59.29
CA ALA F 141 53.43 6.20 -58.02
C ALA F 141 52.34 6.50 -56.99
N ALA F 142 52.63 6.26 -55.71
CA ALA F 142 51.81 6.69 -54.54
C ALA F 142 52.49 7.87 -53.86
N LEU F 143 51.74 8.90 -53.51
CA LEU F 143 52.26 9.98 -52.62
C LEU F 143 51.15 10.39 -51.67
N GLY F 144 51.47 11.13 -50.62
CA GLY F 144 50.43 11.50 -49.65
C GLY F 144 50.90 12.59 -48.73
N CYS F 145 50.08 12.87 -47.72
CA CYS F 145 50.41 13.72 -46.55
C CYS F 145 50.00 12.92 -45.30
N LEU F 146 50.89 12.82 -44.33
CA LEU F 146 50.62 12.33 -42.97
C LEU F 146 50.19 13.57 -42.19
N VAL F 147 48.96 13.52 -41.69
CA VAL F 147 48.36 14.64 -40.95
C VAL F 147 48.31 14.20 -39.49
N LYS F 148 49.29 14.65 -38.71
CA LYS F 148 49.59 14.04 -37.39
C LYS F 148 49.34 15.01 -36.22
N ASP F 149 48.76 14.45 -35.17
CA ASP F 149 48.76 15.05 -33.80
C ASP F 149 47.81 16.26 -33.76
N TYR F 150 46.54 16.06 -34.12
CA TYR F 150 45.53 17.12 -34.03
C TYR F 150 44.44 16.65 -33.07
N PHE F 151 43.59 17.57 -32.66
CA PHE F 151 42.47 17.32 -31.72
C PHE F 151 41.54 18.52 -31.78
N PRO F 152 40.20 18.34 -31.76
CA PRO F 152 39.56 17.04 -31.94
C PRO F 152 39.39 16.77 -33.44
N GLU F 153 38.67 15.72 -33.79
CA GLU F 153 38.27 15.47 -35.19
C GLU F 153 37.30 16.57 -35.61
N PRO F 154 37.11 16.85 -36.91
CA PRO F 154 37.89 16.25 -37.98
C PRO F 154 38.83 17.20 -38.72
N VAL F 155 39.71 16.59 -39.50
CA VAL F 155 40.50 17.21 -40.61
C VAL F 155 39.78 16.90 -41.93
N THR F 156 39.87 17.78 -42.93
CA THR F 156 39.61 17.36 -44.35
C THR F 156 40.88 17.61 -45.16
N VAL F 157 41.04 16.83 -46.22
CA VAL F 157 42.21 16.94 -47.13
C VAL F 157 41.63 16.97 -48.53
N SER F 158 41.97 18.01 -49.27
CA SER F 158 41.83 18.06 -50.74
C SER F 158 43.24 18.11 -51.31
N TRP F 159 43.35 17.93 -52.62
CA TRP F 159 44.62 17.87 -53.39
C TRP F 159 44.54 18.91 -54.50
N ASN F 160 45.58 19.73 -54.64
CA ASN F 160 45.67 20.79 -55.69
C ASN F 160 44.39 21.61 -55.67
N SER F 161 43.91 21.95 -54.47
CA SER F 161 42.69 22.76 -54.20
C SER F 161 41.46 22.09 -54.86
N GLY F 162 41.38 20.76 -54.89
CA GLY F 162 40.18 20.06 -55.38
C GLY F 162 40.24 19.73 -56.86
N ALA F 163 41.27 20.13 -57.60
CA ALA F 163 41.51 19.75 -59.01
C ALA F 163 41.91 18.26 -59.13
N LEU F 164 42.50 17.64 -58.10
CA LEU F 164 42.90 16.20 -58.13
C LEU F 164 41.98 15.40 -57.18
N THR F 165 41.12 14.54 -57.73
CA THR F 165 40.18 13.70 -56.92
C THR F 165 40.38 12.22 -57.25
N SER F 166 40.74 11.92 -58.49
CA SER F 166 40.99 10.55 -58.99
C SER F 166 42.11 9.85 -58.20
N GLY F 167 41.79 8.68 -57.62
CA GLY F 167 42.69 7.82 -56.84
C GLY F 167 43.06 8.40 -55.47
N VAL F 168 42.37 9.43 -55.01
CA VAL F 168 42.58 9.97 -53.63
C VAL F 168 41.95 9.04 -52.59
N HIS F 169 42.69 8.70 -51.54
CA HIS F 169 42.16 7.98 -50.35
C HIS F 169 42.61 8.73 -49.10
N THR F 170 41.67 9.22 -48.32
CA THR F 170 41.91 9.87 -47.01
C THR F 170 41.36 8.92 -45.95
N PHE F 171 42.23 8.42 -45.09
CA PHE F 171 41.92 7.34 -44.15
C PHE F 171 41.15 7.91 -42.98
N PRO F 172 40.32 7.08 -42.33
CA PRO F 172 39.76 7.51 -41.05
C PRO F 172 40.93 7.77 -40.09
N ALA F 173 40.76 8.77 -39.24
CA ALA F 173 41.69 9.10 -38.15
C ALA F 173 41.79 7.91 -37.19
N VAL F 174 42.98 7.65 -36.66
CA VAL F 174 43.17 6.77 -35.47
C VAL F 174 43.51 7.66 -34.29
N LEU F 175 42.98 7.36 -33.11
CA LEU F 175 43.43 7.99 -31.84
C LEU F 175 44.76 7.33 -31.45
N GLN F 176 45.84 8.10 -31.23
CA GLN F 176 47.14 7.53 -30.79
C GLN F 176 47.12 7.41 -29.27
N SER F 177 48.12 6.77 -28.66
CA SER F 177 48.24 6.68 -27.19
C SER F 177 48.54 8.06 -26.58
N SER F 178 48.98 9.05 -27.36
CA SER F 178 49.16 10.44 -26.88
C SER F 178 47.82 11.13 -26.57
N GLY F 179 46.70 10.60 -27.06
CA GLY F 179 45.39 11.29 -26.96
C GLY F 179 45.10 12.15 -28.17
N LEU F 180 46.02 12.21 -29.15
CA LEU F 180 45.80 13.01 -30.39
C LEU F 180 45.58 12.07 -31.59
N TYR F 181 44.84 12.57 -32.57
CA TYR F 181 44.44 11.87 -33.79
C TYR F 181 45.50 12.09 -34.90
N SER F 182 45.53 11.13 -35.82
CA SER F 182 46.44 11.08 -36.96
C SER F 182 45.73 10.32 -38.08
N LEU F 183 45.93 10.81 -39.31
CA LEU F 183 45.46 10.15 -40.54
C LEU F 183 46.43 10.48 -41.67
N SER F 184 46.45 9.64 -42.71
CA SER F 184 47.15 9.99 -43.97
C SER F 184 46.10 10.19 -45.05
N SER F 185 46.45 11.02 -46.01
CA SER F 185 45.77 11.17 -47.32
C SER F 185 46.78 10.78 -48.39
N VAL F 186 46.33 9.94 -49.32
CA VAL F 186 47.20 9.24 -50.29
C VAL F 186 46.57 9.44 -51.68
N VAL F 187 47.37 9.59 -52.72
CA VAL F 187 46.85 9.54 -54.11
C VAL F 187 47.84 8.71 -54.94
N THR F 188 47.30 7.99 -55.92
CA THR F 188 48.10 7.30 -56.94
C THR F 188 48.03 8.14 -58.21
N VAL F 189 49.17 8.32 -58.85
CA VAL F 189 49.29 9.09 -60.11
C VAL F 189 50.29 8.36 -60.99
N PRO F 190 50.35 8.70 -62.29
CA PRO F 190 51.37 8.14 -63.17
C PRO F 190 52.78 8.55 -62.70
N SER F 191 53.72 7.60 -62.65
CA SER F 191 55.16 7.85 -62.35
C SER F 191 55.69 8.94 -63.27
N SER F 192 55.24 8.93 -64.53
CA SER F 192 55.75 9.85 -65.59
C SER F 192 55.36 11.31 -65.28
N SER F 193 54.29 11.52 -64.52
CA SER F 193 53.78 12.85 -64.10
C SER F 193 54.66 13.48 -63.03
N LEU F 194 55.52 12.71 -62.33
CA LEU F 194 56.27 13.21 -61.14
C LEU F 194 57.30 14.27 -61.58
N GLY F 195 57.41 15.35 -60.80
CA GLY F 195 58.39 16.44 -61.02
C GLY F 195 58.18 17.25 -62.30
N THR F 196 57.09 17.02 -63.05
CA THR F 196 56.46 18.00 -63.98
C THR F 196 55.09 18.46 -63.45
N GLN F 197 54.31 17.57 -62.84
CA GLN F 197 53.06 17.94 -62.15
C GLN F 197 53.35 18.31 -60.68
N THR F 198 52.62 19.28 -60.15
CA THR F 198 52.70 19.72 -58.75
C THR F 198 51.57 19.06 -57.94
N TYR F 199 51.92 18.44 -56.83
CA TYR F 199 50.98 17.77 -55.90
C TYR F 199 51.05 18.53 -54.58
N ILE F 200 49.94 19.16 -54.19
CA ILE F 200 49.82 19.93 -52.94
C ILE F 200 48.62 19.41 -52.18
N CYS F 201 48.83 18.93 -50.96
CA CYS F 201 47.69 18.58 -50.09
C CYS F 201 47.26 19.83 -49.31
N ASN F 202 45.96 20.06 -49.29
CA ASN F 202 45.30 21.18 -48.58
C ASN F 202 44.65 20.58 -47.32
N VAL F 203 45.23 20.82 -46.17
CA VAL F 203 44.73 20.24 -44.89
C VAL F 203 43.97 21.35 -44.13
N ASN F 204 42.65 21.20 -43.93
CA ASN F 204 41.84 22.14 -43.11
C ASN F 204 41.47 21.42 -41.81
N HIS F 205 41.72 22.09 -40.68
CA HIS F 205 41.30 21.65 -39.32
C HIS F 205 40.39 22.76 -38.77
N LYS F 206 39.08 22.69 -39.04
CA LYS F 206 38.15 23.80 -38.77
C LYS F 206 38.09 24.04 -37.26
N PRO F 207 38.18 23.04 -36.35
CA PRO F 207 38.17 23.34 -34.91
C PRO F 207 39.31 24.27 -34.42
N SER F 208 40.48 24.28 -35.07
CA SER F 208 41.63 25.19 -34.74
C SER F 208 41.75 26.34 -35.75
N ASN F 209 40.77 26.47 -36.66
CA ASN F 209 40.71 27.42 -37.83
C ASN F 209 42.08 27.44 -38.54
N THR F 210 42.64 26.28 -38.85
CA THR F 210 43.94 26.20 -39.58
C THR F 210 43.79 25.51 -40.94
N LYS F 211 44.42 26.09 -41.96
CA LYS F 211 44.53 25.60 -43.36
C LYS F 211 46.03 25.55 -43.69
N VAL F 212 46.58 24.35 -43.89
CA VAL F 212 48.03 24.11 -44.20
C VAL F 212 48.07 23.48 -45.60
N ASP F 213 48.85 24.08 -46.49
CA ASP F 213 49.13 23.53 -47.84
C ASP F 213 50.58 22.99 -47.79
N LYS F 214 50.79 21.75 -48.25
CA LYS F 214 52.12 21.10 -48.23
C LYS F 214 52.32 20.51 -49.62
N LYS F 215 53.34 21.02 -50.32
CA LYS F 215 53.83 20.50 -51.61
C LYS F 215 54.49 19.15 -51.32
N VAL F 216 54.10 18.12 -52.05
CA VAL F 216 54.70 16.77 -51.91
C VAL F 216 55.53 16.55 -53.19
N GLU F 217 56.87 16.50 -53.06
CA GLU F 217 57.79 16.34 -54.23
C GLU F 217 58.70 15.13 -53.97
N PRO F 218 59.21 14.50 -55.06
CA PRO F 218 59.93 13.23 -54.95
C PRO F 218 61.24 13.20 -54.14
N ASP G 1 21.91 -10.98 -18.55
CA ASP G 1 21.22 -10.22 -19.60
C ASP G 1 21.17 -11.10 -20.85
N ILE G 2 20.23 -10.84 -21.75
CA ILE G 2 20.11 -11.63 -22.99
C ILE G 2 21.26 -11.21 -23.90
N VAL G 3 21.89 -12.18 -24.54
CA VAL G 3 22.91 -11.90 -25.60
C VAL G 3 22.31 -12.24 -26.97
N LEU G 4 22.49 -11.32 -27.93
CA LEU G 4 22.06 -11.52 -29.33
C LEU G 4 23.32 -11.65 -30.18
N THR G 5 23.48 -12.75 -30.90
CA THR G 5 24.62 -13.03 -31.79
C THR G 5 24.15 -12.99 -33.24
N GLN G 6 24.62 -12.04 -34.01
CA GLN G 6 24.17 -11.90 -35.41
C GLN G 6 25.14 -12.65 -36.31
N SER G 7 24.67 -13.26 -37.41
CA SER G 7 25.54 -13.93 -38.40
C SER G 7 25.06 -13.56 -39.79
N PRO G 8 25.98 -13.40 -40.80
CA PRO G 8 27.41 -13.38 -40.57
C PRO G 8 27.77 -11.99 -40.02
N ALA G 9 29.03 -11.81 -39.63
CA ALA G 9 29.57 -10.50 -39.22
C ALA G 9 29.51 -9.56 -40.44
N THR G 10 29.90 -10.05 -41.62
CA THR G 10 29.82 -9.32 -42.92
C THR G 10 29.09 -10.20 -43.92
N LEU G 11 28.09 -9.65 -44.60
CA LEU G 11 27.49 -10.32 -45.78
C LEU G 11 27.81 -9.54 -47.06
N SER G 12 28.46 -10.19 -48.03
CA SER G 12 28.84 -9.60 -49.33
C SER G 12 27.77 -9.94 -50.39
N VAL G 13 27.06 -8.92 -50.87
CA VAL G 13 26.04 -9.06 -51.95
C VAL G 13 26.22 -7.99 -53.04
N SER G 14 25.63 -8.18 -54.22
CA SER G 14 25.53 -7.15 -55.29
C SER G 14 24.14 -6.54 -55.25
N PRO G 15 23.90 -5.32 -55.82
CA PRO G 15 22.54 -4.87 -56.08
C PRO G 15 21.89 -5.97 -56.91
N GLY G 16 20.58 -6.16 -56.70
CA GLY G 16 19.75 -7.15 -57.38
C GLY G 16 19.95 -8.56 -56.88
N GLU G 17 20.70 -8.74 -55.78
CA GLU G 17 20.88 -10.04 -55.10
C GLU G 17 20.05 -10.02 -53.80
N ARG G 18 19.49 -11.17 -53.45
CA ARG G 18 18.75 -11.35 -52.19
C ARG G 18 19.77 -11.42 -51.04
N ALA G 19 19.50 -10.80 -49.89
CA ALA G 19 20.36 -10.89 -48.68
C ALA G 19 19.50 -11.37 -47.50
N THR G 20 19.97 -12.39 -46.82
CA THR G 20 19.35 -12.81 -45.54
C THR G 20 20.40 -12.80 -44.43
N ILE G 21 20.06 -12.22 -43.29
CA ILE G 21 20.99 -12.15 -42.16
C ILE G 21 20.23 -12.73 -40.98
N SER G 22 20.95 -13.20 -39.95
CA SER G 22 20.26 -13.93 -38.86
C SER G 22 20.67 -13.39 -37.50
N CYS G 23 19.82 -13.66 -36.50
CA CYS G 23 20.07 -13.22 -35.12
C CYS G 23 19.69 -14.35 -34.21
N ARG G 24 20.59 -14.78 -33.32
CA ARG G 24 20.26 -15.89 -32.37
C ARG G 24 20.32 -15.29 -30.95
N ALA G 25 19.27 -15.46 -30.19
CA ALA G 25 19.11 -14.96 -28.82
C ALA G 25 19.56 -16.07 -27.87
N SER G 26 20.20 -15.70 -26.77
CA SER G 26 20.63 -16.61 -25.66
C SER G 26 19.40 -17.31 -25.03
N GLN G 27 18.18 -16.78 -25.20
CA GLN G 27 16.95 -17.49 -24.77
C GLN G 27 15.77 -17.06 -25.65
N ARG G 28 14.65 -17.79 -25.55
CA ARG G 28 13.47 -17.53 -26.42
C ARG G 28 12.93 -16.13 -26.05
N VAL G 29 12.53 -15.38 -27.07
CA VAL G 29 11.92 -14.04 -26.91
C VAL G 29 10.56 -13.97 -27.63
N SER G 30 9.91 -15.13 -27.76
CA SER G 30 8.56 -15.33 -28.35
C SER G 30 7.61 -15.95 -27.34
N SER G 31 6.34 -15.58 -27.42
CA SER G 31 5.28 -16.14 -26.57
C SER G 31 4.08 -16.40 -27.48
N SER G 32 2.87 -16.33 -26.94
CA SER G 32 1.64 -16.79 -27.63
C SER G 32 1.50 -16.08 -28.95
N THR G 33 1.58 -14.74 -28.92
CA THR G 33 1.06 -13.85 -29.98
C THR G 33 2.23 -13.11 -30.64
N TYR G 34 3.24 -12.68 -29.90
CA TYR G 34 4.30 -11.82 -30.47
C TYR G 34 5.68 -12.38 -30.17
N SER G 35 6.61 -12.00 -31.02
CA SER G 35 8.08 -12.09 -30.83
C SER G 35 8.61 -10.69 -30.53
N TYR G 36 9.39 -10.53 -29.46
CA TYR G 36 9.93 -9.21 -28.99
C TYR G 36 11.35 -9.03 -29.54
N MET G 37 11.41 -8.92 -30.85
CA MET G 37 12.66 -8.82 -31.66
C MET G 37 12.40 -7.78 -32.75
N HIS G 38 13.30 -6.82 -32.89
CA HIS G 38 13.18 -5.67 -33.81
C HIS G 38 14.49 -5.49 -34.60
N TRP G 39 14.38 -4.91 -35.78
CA TRP G 39 15.55 -4.75 -36.66
C TRP G 39 15.75 -3.32 -37.12
N TYR G 40 17.03 -2.91 -37.13
CA TYR G 40 17.47 -1.55 -37.45
C TYR G 40 18.56 -1.59 -38.54
N GLN G 41 18.58 -0.52 -39.35
CA GLN G 41 19.63 -0.16 -40.31
C GLN G 41 20.39 1.04 -39.74
N GLN G 42 21.72 0.99 -39.80
CA GLN G 42 22.55 2.16 -39.49
C GLN G 42 23.62 2.37 -40.56
N LYS G 43 23.70 3.58 -41.08
CA LYS G 43 24.81 4.04 -41.99
C LYS G 43 25.78 4.83 -41.15
N PRO G 44 27.09 4.77 -41.46
CA PRO G 44 28.13 5.51 -40.72
C PRO G 44 27.77 6.98 -40.49
N GLY G 45 27.95 7.50 -39.28
CA GLY G 45 27.61 8.91 -38.99
C GLY G 45 26.11 9.21 -38.95
N GLN G 46 25.20 8.21 -39.09
CA GLN G 46 23.73 8.42 -39.04
C GLN G 46 23.14 7.59 -37.90
N PRO G 47 21.97 7.95 -37.39
CA PRO G 47 21.34 7.13 -36.36
C PRO G 47 20.71 5.88 -36.97
N PRO G 48 20.48 4.85 -36.13
CA PRO G 48 19.70 3.67 -36.53
C PRO G 48 18.33 4.15 -37.00
N LYS G 49 17.71 3.37 -37.88
CA LYS G 49 16.38 3.55 -38.48
C LYS G 49 15.65 2.21 -38.26
N LEU G 50 14.47 2.24 -37.66
CA LEU G 50 13.69 0.98 -37.46
C LEU G 50 13.20 0.49 -38.81
N LEU G 51 13.35 -0.80 -39.06
CA LEU G 51 12.85 -1.44 -40.31
C LEU G 51 11.69 -2.38 -40.00
N ILE G 52 11.90 -3.23 -39.01
CA ILE G 52 11.01 -4.37 -38.69
C ILE G 52 10.78 -4.40 -37.18
N LYS G 53 9.52 -4.50 -36.81
CA LYS G 53 9.12 -4.56 -35.38
C LYS G 53 8.34 -5.85 -35.14
N TYR G 54 8.52 -6.43 -33.94
CA TYR G 54 7.93 -7.74 -33.52
C TYR G 54 8.15 -8.78 -34.65
N ALA G 55 9.42 -8.94 -35.02
CA ALA G 55 9.98 -10.01 -35.88
C ALA G 55 9.57 -9.87 -37.35
N SER G 56 8.32 -9.50 -37.67
CA SER G 56 7.81 -9.62 -39.07
C SER G 56 6.96 -8.43 -39.54
N ASN G 57 6.79 -7.39 -38.74
CA ASN G 57 5.96 -6.22 -39.13
C ASN G 57 6.86 -5.13 -39.71
N LEU G 58 6.68 -4.84 -40.99
CA LEU G 58 7.34 -3.74 -41.73
C LEU G 58 6.91 -2.41 -41.10
N GLU G 59 7.85 -1.60 -40.62
CA GLU G 59 7.56 -0.23 -40.13
C GLU G 59 6.97 0.59 -41.28
N SER G 60 6.01 1.44 -40.97
CA SER G 60 5.36 2.33 -41.97
C SER G 60 6.44 3.10 -42.72
N GLY G 61 6.38 3.15 -44.05
CA GLY G 61 7.32 3.87 -44.93
C GLY G 61 8.58 3.09 -45.19
N VAL G 62 8.74 1.90 -44.65
CA VAL G 62 9.94 1.08 -45.03
C VAL G 62 9.58 0.32 -46.28
N PRO G 63 10.50 0.25 -47.28
CA PRO G 63 10.22 -0.38 -48.56
C PRO G 63 9.91 -1.86 -48.45
N ALA G 64 9.06 -2.36 -49.36
CA ALA G 64 8.46 -3.70 -49.26
C ALA G 64 9.55 -4.78 -49.40
N ARG G 65 10.71 -4.44 -49.98
CA ARG G 65 11.81 -5.44 -50.16
C ARG G 65 12.35 -5.92 -48.79
N PHE G 66 12.08 -5.23 -47.67
CA PHE G 66 12.49 -5.70 -46.32
C PHE G 66 11.42 -6.59 -45.71
N SER G 67 11.85 -7.69 -45.14
CA SER G 67 10.95 -8.60 -44.43
C SER G 67 11.73 -9.26 -43.31
N GLY G 68 11.01 -9.74 -42.30
CA GLY G 68 11.56 -10.40 -41.11
C GLY G 68 10.81 -11.67 -40.84
N SER G 69 11.50 -12.65 -40.34
CA SER G 69 10.83 -13.90 -39.96
C SER G 69 11.48 -14.51 -38.71
N GLY G 70 10.92 -15.57 -38.16
CA GLY G 70 11.58 -16.23 -37.03
C GLY G 70 10.67 -16.39 -35.86
N SER G 71 11.13 -17.18 -34.89
CA SER G 71 10.51 -17.34 -33.55
C SER G 71 11.50 -17.97 -32.58
N GLY G 72 11.15 -17.96 -31.29
CA GLY G 72 11.94 -18.56 -30.21
C GLY G 72 13.28 -17.86 -30.03
N THR G 73 14.36 -18.55 -30.39
CA THR G 73 15.73 -18.03 -30.29
C THR G 73 16.22 -17.53 -31.66
N ASP G 74 15.47 -17.69 -32.77
CA ASP G 74 16.10 -17.48 -34.12
C ASP G 74 15.26 -16.62 -35.04
N PHE G 75 15.86 -15.54 -35.55
CA PHE G 75 15.19 -14.50 -36.36
C PHE G 75 16.04 -14.19 -37.60
N THR G 76 15.39 -13.88 -38.70
CA THR G 76 16.08 -13.51 -39.94
C THR G 76 15.49 -12.20 -40.46
N LEU G 77 16.32 -11.46 -41.15
CA LEU G 77 15.92 -10.27 -41.93
C LEU G 77 16.35 -10.53 -43.36
N THR G 78 15.44 -10.31 -44.30
CA THR G 78 15.71 -10.56 -45.74
C THR G 78 15.44 -9.31 -46.52
N ILE G 79 16.35 -9.00 -47.42
CA ILE G 79 16.13 -7.94 -48.44
C ILE G 79 15.97 -8.67 -49.76
N SER G 80 14.80 -8.60 -50.37
CA SER G 80 14.40 -9.51 -51.48
C SER G 80 15.33 -9.28 -52.67
N SER G 81 15.69 -8.02 -52.92
CA SER G 81 16.62 -7.56 -53.98
C SER G 81 17.31 -6.26 -53.51
N VAL G 82 18.62 -6.34 -53.28
CA VAL G 82 19.41 -5.26 -52.63
C VAL G 82 19.50 -4.08 -53.61
N GLU G 83 19.36 -2.86 -53.09
CA GLU G 83 19.56 -1.61 -53.84
C GLU G 83 20.78 -0.90 -53.28
N PRO G 84 21.42 0.01 -54.04
CA PRO G 84 22.65 0.66 -53.57
C PRO G 84 22.48 1.29 -52.16
N GLU G 85 21.31 1.81 -51.79
CA GLU G 85 21.18 2.50 -50.48
C GLU G 85 21.05 1.51 -49.31
N ASP G 86 20.98 0.20 -49.58
CA ASP G 86 20.82 -0.83 -48.56
C ASP G 86 22.16 -1.21 -47.93
N PHE G 87 23.29 -0.88 -48.55
CA PHE G 87 24.61 -1.21 -47.98
C PHE G 87 24.76 -0.38 -46.69
N ALA G 88 24.88 -1.06 -45.56
CA ALA G 88 24.69 -0.50 -44.20
C ALA G 88 25.03 -1.58 -43.19
N THR G 89 24.99 -1.23 -41.90
CA THR G 89 25.04 -2.24 -40.83
C THR G 89 23.59 -2.43 -40.31
N TYR G 90 23.24 -3.67 -40.03
CA TYR G 90 21.90 -4.08 -39.55
C TYR G 90 22.09 -4.65 -38.15
N TYR G 91 21.21 -4.19 -37.25
CA TYR G 91 21.19 -4.57 -35.83
C TYR G 91 19.83 -5.19 -35.48
N CYS G 92 19.87 -6.29 -34.73
CA CYS G 92 18.68 -6.84 -34.06
C CYS G 92 18.65 -6.31 -32.61
N GLN G 93 17.47 -6.28 -32.00
CA GLN G 93 17.25 -5.79 -30.63
C GLN G 93 16.10 -6.56 -30.02
N HIS G 94 16.22 -7.02 -28.78
CA HIS G 94 15.04 -7.64 -28.10
C HIS G 94 14.42 -6.61 -27.16
N SER G 95 13.16 -6.86 -26.80
CA SER G 95 12.39 -6.12 -25.78
C SER G 95 11.70 -7.14 -24.88
N TRP G 96 12.39 -8.26 -24.59
CA TRP G 96 11.80 -9.32 -23.75
C TRP G 96 11.83 -8.97 -22.26
N GLU G 97 12.90 -8.34 -21.81
CA GLU G 97 13.05 -7.98 -20.37
C GLU G 97 14.14 -6.92 -20.25
N PRO G 99 17.71 -5.31 -19.26
CA PRO G 99 17.65 -4.26 -20.27
C PRO G 99 17.46 -4.78 -21.68
N PRO G 100 16.77 -4.04 -22.58
CA PRO G 100 16.85 -4.32 -24.01
C PRO G 100 18.33 -4.37 -24.41
N THR G 101 18.69 -5.34 -25.21
CA THR G 101 20.05 -5.43 -25.80
C THR G 101 19.96 -5.58 -27.31
N PHE G 102 21.06 -5.18 -27.91
CA PHE G 102 21.27 -5.20 -29.38
C PHE G 102 22.31 -6.26 -29.74
N GLY G 103 22.17 -6.83 -30.94
CA GLY G 103 23.22 -7.65 -31.55
C GLY G 103 24.42 -6.82 -31.86
N GLY G 104 25.49 -7.49 -32.23
CA GLY G 104 26.75 -6.86 -32.58
C GLY G 104 26.79 -6.40 -34.02
N GLY G 105 25.77 -6.66 -34.82
CA GLY G 105 25.59 -6.09 -36.17
C GLY G 105 26.12 -7.01 -37.27
N THR G 106 25.50 -6.91 -38.45
CA THR G 106 25.92 -7.49 -39.73
C THR G 106 26.12 -6.33 -40.67
N LYS G 107 27.34 -6.18 -41.18
CA LYS G 107 27.63 -5.25 -42.29
C LYS G 107 27.24 -5.89 -43.62
N LEU G 108 26.34 -5.23 -44.35
CA LEU G 108 26.01 -5.59 -45.75
C LEU G 108 27.03 -4.86 -46.62
N GLU G 109 27.87 -5.60 -47.30
CA GLU G 109 29.00 -5.05 -48.08
C GLU G 109 28.80 -5.38 -49.57
N ILE G 110 29.33 -4.51 -50.44
CA ILE G 110 29.23 -4.58 -51.92
C ILE G 110 30.18 -5.65 -52.44
N LYS G 111 29.61 -6.66 -53.07
CA LYS G 111 30.36 -7.80 -53.56
C LYS G 111 31.00 -7.38 -54.89
N ARG G 112 32.24 -7.81 -55.08
CA ARG G 112 32.96 -7.60 -56.36
C ARG G 112 34.02 -8.68 -56.42
N THR G 113 34.77 -8.72 -57.51
CA THR G 113 35.74 -9.81 -57.65
C THR G 113 36.93 -9.47 -56.75
N VAL G 114 37.67 -10.49 -56.41
CA VAL G 114 38.98 -10.35 -55.72
C VAL G 114 39.89 -9.42 -56.52
N ALA G 115 40.56 -8.48 -55.82
CA ALA G 115 41.59 -7.56 -56.35
C ALA G 115 42.79 -7.54 -55.41
N ALA G 116 43.99 -7.66 -55.97
CA ALA G 116 45.27 -7.61 -55.21
C ALA G 116 45.53 -6.16 -54.81
N PRO G 117 46.08 -5.90 -53.61
CA PRO G 117 46.56 -4.57 -53.30
C PRO G 117 47.84 -4.21 -54.09
N SER G 118 47.98 -2.95 -54.49
CA SER G 118 49.28 -2.32 -54.82
C SER G 118 49.91 -1.86 -53.50
N VAL G 119 51.14 -2.28 -53.21
CA VAL G 119 51.80 -2.01 -51.89
C VAL G 119 52.87 -0.95 -52.11
N PHE G 120 52.95 0.03 -51.25
CA PHE G 120 53.94 1.14 -51.29
C PHE G 120 54.42 1.37 -49.87
N ILE G 121 55.70 1.71 -49.69
CA ILE G 121 56.26 2.01 -48.33
C ILE G 121 56.79 3.44 -48.33
N PHE G 122 56.60 4.19 -47.23
CA PHE G 122 57.07 5.59 -47.07
C PHE G 122 57.99 5.72 -45.85
N PRO G 123 59.26 6.10 -46.06
CA PRO G 123 60.17 6.44 -44.95
C PRO G 123 59.59 7.64 -44.21
N PRO G 124 59.98 7.95 -42.96
CA PRO G 124 59.56 9.19 -42.31
C PRO G 124 60.16 10.35 -43.09
N SER G 125 59.49 11.51 -43.11
CA SER G 125 60.01 12.77 -43.69
C SER G 125 61.20 13.26 -42.84
N ASP G 126 62.12 13.97 -43.46
CA ASP G 126 63.22 14.68 -42.76
C ASP G 126 62.61 15.65 -41.77
N GLU G 127 61.56 16.42 -42.14
CA GLU G 127 60.98 17.43 -41.20
C GLU G 127 60.50 16.69 -39.95
N GLN G 128 59.81 15.56 -40.07
CA GLN G 128 59.34 14.79 -38.88
C GLN G 128 60.51 14.21 -38.07
N LEU G 129 61.52 13.61 -38.70
CA LEU G 129 62.58 12.83 -38.01
C LEU G 129 63.49 13.73 -37.17
N LYS G 130 63.76 14.94 -37.67
CA LYS G 130 64.49 15.98 -36.92
C LYS G 130 63.76 16.23 -35.58
N SER G 131 62.43 16.19 -35.57
CA SER G 131 61.58 16.62 -34.43
C SER G 131 61.39 15.51 -33.40
N GLY G 132 61.94 14.30 -33.61
CA GLY G 132 62.14 13.28 -32.56
C GLY G 132 61.35 11.99 -32.78
N THR G 133 60.53 11.92 -33.83
CA THR G 133 59.68 10.74 -34.08
C THR G 133 59.72 10.39 -35.57
N ALA G 134 59.65 9.08 -35.86
CA ALA G 134 59.67 8.50 -37.20
C ALA G 134 58.38 7.71 -37.37
N SER G 135 57.50 8.16 -38.26
CA SER G 135 56.33 7.39 -38.73
C SER G 135 56.74 6.73 -40.05
N VAL G 136 56.72 5.41 -40.13
CA VAL G 136 56.88 4.66 -41.40
C VAL G 136 55.49 4.23 -41.85
N VAL G 137 55.12 4.50 -43.10
CA VAL G 137 53.76 4.21 -43.60
C VAL G 137 53.85 3.13 -44.67
N CYS G 138 52.99 2.13 -44.53
CA CYS G 138 52.75 1.10 -45.54
C CYS G 138 51.31 1.28 -46.05
N LEU G 139 51.16 1.43 -47.36
CA LEU G 139 49.87 1.68 -48.05
C LEU G 139 49.52 0.42 -48.82
N LEU G 140 48.34 -0.14 -48.55
CA LEU G 140 47.73 -1.18 -49.40
C LEU G 140 46.59 -0.56 -50.20
N ASN G 141 46.73 -0.49 -51.52
CA ASN G 141 45.85 0.35 -52.36
C ASN G 141 44.91 -0.54 -53.19
N ASN G 142 43.61 -0.33 -53.01
CA ASN G 142 42.54 -0.83 -53.91
C ASN G 142 42.49 -2.38 -53.94
N PHE G 143 42.18 -3.00 -52.82
CA PHE G 143 42.16 -4.47 -52.73
C PHE G 143 40.76 -4.93 -52.34
N TYR G 144 40.47 -6.20 -52.57
CA TYR G 144 39.20 -6.83 -52.17
C TYR G 144 39.44 -8.32 -52.06
N PRO G 145 38.94 -9.05 -51.04
CA PRO G 145 38.15 -8.48 -49.94
C PRO G 145 38.98 -7.75 -48.87
N ARG G 146 38.33 -7.33 -47.79
CA ARG G 146 38.88 -6.50 -46.69
CA ARG G 146 38.95 -6.46 -46.75
C ARG G 146 40.06 -7.21 -46.00
N GLU G 147 40.00 -8.53 -45.89
CA GLU G 147 40.97 -9.25 -45.04
C GLU G 147 42.38 -9.10 -45.61
N ALA G 148 43.30 -8.51 -44.83
CA ALA G 148 44.70 -8.31 -45.21
C ALA G 148 45.57 -8.44 -43.95
N LYS G 149 46.75 -9.02 -44.09
CA LYS G 149 47.75 -9.14 -42.99
C LYS G 149 48.92 -8.26 -43.39
N VAL G 150 49.24 -7.30 -42.53
CA VAL G 150 50.45 -6.46 -42.68
C VAL G 150 51.37 -6.80 -41.53
N GLN G 151 52.60 -7.25 -41.81
CA GLN G 151 53.65 -7.53 -40.78
C GLN G 151 54.79 -6.53 -41.01
N TRP G 152 55.25 -5.84 -39.97
CA TRP G 152 56.46 -4.98 -40.05
C TRP G 152 57.71 -5.74 -39.61
N LYS G 153 58.81 -5.57 -40.33
CA LYS G 153 60.10 -6.17 -39.97
C LYS G 153 61.13 -5.06 -40.02
N VAL G 154 61.99 -5.00 -38.99
CA VAL G 154 63.09 -4.02 -38.85
C VAL G 154 64.36 -4.85 -38.63
N ASP G 155 65.29 -4.77 -39.58
CA ASP G 155 66.47 -5.68 -39.68
C ASP G 155 66.04 -7.14 -39.52
N ASN G 156 64.83 -7.42 -39.97
CA ASN G 156 64.30 -8.81 -40.04
C ASN G 156 63.74 -9.24 -38.70
N ALA G 157 63.60 -8.34 -37.72
CA ALA G 157 62.89 -8.61 -36.45
C ALA G 157 61.40 -8.26 -36.60
N LEU G 158 60.48 -9.22 -36.46
CA LEU G 158 59.00 -9.00 -36.52
C LEU G 158 58.61 -8.01 -35.41
N GLN G 159 57.94 -6.91 -35.77
CA GLN G 159 57.49 -5.85 -34.82
C GLN G 159 56.09 -6.18 -34.30
N SER G 160 55.68 -5.68 -33.12
CA SER G 160 54.28 -5.96 -32.67
C SER G 160 53.61 -4.89 -31.77
N GLY G 161 54.28 -4.08 -31.01
CA GLY G 161 53.39 -3.22 -30.18
C GLY G 161 53.13 -1.84 -30.77
N ASN G 162 53.60 -1.58 -31.98
CA ASN G 162 54.05 -0.20 -32.32
C ASN G 162 53.54 0.21 -33.69
N SER G 163 52.45 -0.40 -34.14
CA SER G 163 51.80 -0.07 -35.44
C SER G 163 50.29 0.10 -35.21
N GLN G 164 49.65 0.93 -36.04
CA GLN G 164 48.17 1.07 -36.06
C GLN G 164 47.70 0.99 -37.51
N GLU G 165 46.54 0.40 -37.72
CA GLU G 165 45.90 0.29 -39.05
C GLU G 165 44.64 1.16 -39.12
N SER G 166 44.39 1.66 -40.32
CA SER G 166 43.20 2.41 -40.73
C SER G 166 42.78 1.92 -42.12
N VAL G 167 41.47 1.77 -42.32
CA VAL G 167 40.91 1.26 -43.61
C VAL G 167 39.84 2.22 -44.08
N THR G 168 39.79 2.48 -45.38
CA THR G 168 38.69 3.25 -45.97
C THR G 168 37.42 2.39 -46.07
N GLU G 169 36.31 3.06 -46.28
CA GLU G 169 35.04 2.45 -46.69
C GLU G 169 35.16 2.05 -48.16
N GLN G 170 34.34 1.11 -48.62
CA GLN G 170 34.46 0.68 -50.03
C GLN G 170 34.46 1.90 -50.96
N ASP G 171 35.36 1.92 -51.96
CA ASP G 171 35.46 3.02 -52.92
C ASP G 171 34.13 3.19 -53.67
N SER G 172 33.62 4.40 -53.85
CA SER G 172 32.32 4.65 -54.56
C SER G 172 32.35 4.10 -55.99
N LYS G 173 33.50 4.06 -56.66
CA LYS G 173 33.61 3.66 -58.11
C LYS G 173 33.96 2.17 -58.26
N ASP G 174 34.94 1.61 -57.55
CA ASP G 174 35.38 0.23 -57.81
C ASP G 174 35.13 -0.71 -56.64
N SER G 175 34.59 -0.24 -55.52
CA SER G 175 34.09 -1.07 -54.39
C SER G 175 35.27 -1.74 -53.71
N THR G 176 36.48 -1.26 -53.91
CA THR G 176 37.67 -1.77 -53.18
C THR G 176 37.92 -1.03 -51.87
N TYR G 177 38.83 -1.61 -51.09
CA TYR G 177 39.31 -1.06 -49.82
C TYR G 177 40.74 -0.57 -50.09
N SER G 178 41.16 0.37 -49.28
CA SER G 178 42.60 0.71 -49.09
C SER G 178 42.92 0.76 -47.59
N LEU G 179 44.19 0.54 -47.24
CA LEU G 179 44.61 0.37 -45.82
C LEU G 179 45.99 1.00 -45.66
N SER G 180 46.16 1.71 -44.57
CA SER G 180 47.44 2.26 -44.13
C SER G 180 47.82 1.52 -42.85
N SER G 181 49.07 1.10 -42.78
CA SER G 181 49.70 0.65 -41.53
C SER G 181 50.78 1.65 -41.21
N THR G 182 50.78 2.24 -40.02
CA THR G 182 51.78 3.25 -39.65
C THR G 182 52.61 2.71 -38.49
N LEU G 183 53.91 2.51 -38.70
CA LEU G 183 54.82 2.08 -37.63
C LEU G 183 55.46 3.35 -37.03
N THR G 184 55.32 3.56 -35.71
CA THR G 184 55.85 4.74 -34.99
C THR G 184 57.03 4.34 -34.10
N LEU G 185 58.16 5.02 -34.27
CA LEU G 185 59.37 4.82 -33.46
C LEU G 185 59.87 6.20 -33.04
N SER G 186 60.69 6.26 -32.00
CA SER G 186 61.42 7.49 -31.65
C SER G 186 62.53 7.65 -32.69
N LYS G 187 63.07 8.87 -32.82
CA LYS G 187 64.29 9.17 -33.62
C LYS G 187 65.37 8.13 -33.27
N ALA G 188 65.69 7.96 -31.99
CA ALA G 188 66.82 7.13 -31.55
C ALA G 188 66.62 5.70 -32.04
N ASP G 189 65.45 5.10 -31.77
CA ASP G 189 65.18 3.67 -32.09
C ASP G 189 65.24 3.48 -33.60
N TYR G 190 64.66 4.42 -34.37
CA TYR G 190 64.63 4.42 -35.86
C TYR G 190 66.08 4.32 -36.39
N GLU G 191 66.95 5.22 -35.91
CA GLU G 191 68.36 5.40 -36.38
C GLU G 191 69.28 4.23 -35.99
N LYS G 192 68.92 3.27 -35.12
CA LYS G 192 69.81 2.12 -34.79
C LYS G 192 69.57 0.94 -35.74
N HIS G 193 68.71 1.09 -36.76
CA HIS G 193 68.27 -0.04 -37.63
C HIS G 193 68.40 0.41 -39.10
N LYS G 194 68.55 -0.55 -40.02
CA LYS G 194 68.84 -0.27 -41.46
C LYS G 194 67.60 -0.56 -42.33
N VAL G 195 67.14 -1.80 -42.38
CA VAL G 195 66.10 -2.21 -43.38
C VAL G 195 64.74 -2.21 -42.68
N TYR G 196 63.81 -1.44 -43.26
CA TYR G 196 62.41 -1.27 -42.83
C TYR G 196 61.58 -1.92 -43.93
N ALA G 197 60.81 -2.93 -43.56
CA ALA G 197 60.04 -3.79 -44.50
C ALA G 197 58.58 -3.94 -44.00
N CYS G 198 57.66 -3.77 -44.93
CA CYS G 198 56.21 -4.07 -44.86
C CYS G 198 55.94 -5.39 -45.62
N GLU G 199 55.55 -6.49 -44.96
CA GLU G 199 55.12 -7.74 -45.65
C GLU G 199 53.59 -7.88 -45.63
N VAL G 200 52.99 -7.98 -46.81
CA VAL G 200 51.52 -7.98 -47.01
C VAL G 200 51.04 -9.35 -47.51
N THR G 201 50.12 -9.97 -46.75
CA THR G 201 49.43 -11.22 -47.14
C THR G 201 47.98 -10.88 -47.47
N HIS G 202 47.54 -11.31 -48.64
CA HIS G 202 46.16 -11.10 -49.15
C HIS G 202 45.86 -12.16 -50.22
N GLN G 203 44.60 -12.58 -50.30
CA GLN G 203 44.25 -13.74 -51.16
C GLN G 203 44.51 -13.39 -52.64
N GLY G 204 44.58 -12.10 -53.02
CA GLY G 204 44.78 -11.63 -54.40
C GLY G 204 46.21 -11.76 -54.87
N LEU G 205 47.13 -11.89 -53.93
CA LEU G 205 48.59 -12.04 -54.16
C LEU G 205 48.89 -13.52 -54.24
N SER G 206 49.62 -13.97 -55.25
CA SER G 206 50.06 -15.39 -55.34
C SER G 206 50.91 -15.78 -54.11
N SER G 207 51.75 -14.87 -53.59
CA SER G 207 52.52 -15.08 -52.34
C SER G 207 52.72 -13.72 -51.71
N PRO G 208 53.10 -13.67 -50.41
CA PRO G 208 53.19 -12.41 -49.67
C PRO G 208 54.10 -11.42 -50.41
N VAL G 209 53.78 -10.13 -50.46
CA VAL G 209 54.67 -9.14 -51.13
C VAL G 209 55.30 -8.29 -50.03
N THR G 210 56.60 -8.07 -50.14
CA THR G 210 57.39 -7.28 -49.16
C THR G 210 57.89 -6.02 -49.85
N LYS G 211 57.60 -4.84 -49.32
CA LYS G 211 58.21 -3.57 -49.79
C LYS G 211 59.10 -3.07 -48.64
N SER G 212 60.34 -2.70 -48.94
CA SER G 212 61.34 -2.31 -47.93
C SER G 212 62.14 -1.10 -48.43
N PHE G 213 62.77 -0.36 -47.52
CA PHE G 213 63.83 0.63 -47.85
C PHE G 213 64.96 0.40 -46.86
N ASN G 214 66.13 0.91 -47.22
CA ASN G 214 67.27 1.08 -46.30
C ASN G 214 67.26 2.52 -45.81
N ARG G 215 67.33 2.71 -44.50
CA ARG G 215 67.35 4.07 -43.90
C ARG G 215 68.53 4.82 -44.53
N GLY G 216 68.29 6.02 -45.05
CA GLY G 216 69.18 6.74 -45.99
C GLY G 216 68.73 6.49 -47.42
N GLU G 217 69.64 6.20 -48.34
CA GLU G 217 69.26 5.67 -49.68
C GLU G 217 67.80 6.03 -49.99
N GLN H 1 34.32 -1.78 24.87
CA GLN H 1 33.40 -2.57 25.68
C GLN H 1 31.98 -2.05 25.41
N VAL H 2 31.05 -2.97 25.17
CA VAL H 2 29.59 -2.69 25.09
C VAL H 2 29.12 -2.29 26.50
N GLN H 3 28.51 -1.12 26.66
CA GLN H 3 27.99 -0.64 27.97
C GLN H 3 26.67 0.08 27.80
N LEU H 4 25.73 -0.20 28.69
CA LEU H 4 24.48 0.54 28.86
C LEU H 4 24.54 1.16 30.26
N VAL H 5 24.48 2.47 30.36
CA VAL H 5 24.55 3.18 31.68
C VAL H 5 23.21 3.89 31.90
N GLN H 6 22.49 3.50 32.94
CA GLN H 6 21.17 4.05 33.28
C GLN H 6 21.32 5.19 34.29
N SER H 7 20.34 6.10 34.27
CA SER H 7 20.17 7.25 35.19
C SER H 7 19.93 6.80 36.64
N GLY H 8 20.15 7.72 37.58
CA GLY H 8 20.10 7.41 39.03
C GLY H 8 18.68 7.17 39.54
N ALA H 9 18.57 6.62 40.72
CA ALA H 9 17.32 6.19 41.38
C ALA H 9 16.35 7.38 41.48
N GLU H 10 15.05 7.08 41.43
CA GLU H 10 14.01 8.13 41.58
C GLU H 10 13.15 7.80 42.78
N VAL H 11 12.85 8.79 43.60
CA VAL H 11 11.85 8.67 44.69
C VAL H 11 10.80 9.73 44.43
N VAL H 12 9.60 9.31 44.11
CA VAL H 12 8.53 10.24 43.64
C VAL H 12 7.25 9.88 44.40
N LYS H 13 6.31 10.80 44.37
CA LYS H 13 4.96 10.64 44.97
C LYS H 13 4.04 10.10 43.89
N PRO H 14 2.89 9.51 44.26
CA PRO H 14 1.91 9.07 43.27
C PRO H 14 1.38 10.26 42.45
N GLY H 15 1.09 10.03 41.18
CA GLY H 15 0.61 11.06 40.25
C GLY H 15 1.75 11.72 39.51
N ALA H 16 3.00 11.51 39.91
CA ALA H 16 4.23 12.03 39.26
C ALA H 16 4.50 11.29 37.93
N SER H 17 5.46 11.79 37.16
CA SER H 17 6.12 11.07 36.03
C SER H 17 7.62 11.10 36.26
N VAL H 18 8.33 10.14 35.67
CA VAL H 18 9.80 10.14 35.62
C VAL H 18 10.21 9.82 34.20
N LYS H 19 11.38 10.32 33.83
CA LYS H 19 11.99 10.02 32.53
C LYS H 19 13.35 9.37 32.80
N LEU H 20 13.42 8.06 32.57
CA LEU H 20 14.61 7.19 32.73
C LEU H 20 15.43 7.23 31.42
N SER H 21 16.75 7.28 31.54
CA SER H 21 17.68 7.32 30.39
C SER H 21 18.58 6.07 30.43
N CYS H 22 19.07 5.68 29.27
CA CYS H 22 19.95 4.53 29.07
C CYS H 22 20.96 4.90 28.00
N LYS H 23 22.21 5.20 28.39
CA LYS H 23 23.28 5.69 27.48
C LYS H 23 24.09 4.49 27.00
N ALA H 24 24.12 4.28 25.68
CA ALA H 24 24.81 3.14 25.04
C ALA H 24 26.17 3.59 24.53
N SER H 25 27.20 2.79 24.76
CA SER H 25 28.52 3.03 24.16
C SER H 25 29.14 1.71 23.74
N GLY H 26 30.14 1.80 22.86
CA GLY H 26 31.02 0.71 22.44
C GLY H 26 30.39 -0.15 21.40
N TYR H 27 29.33 0.33 20.73
CA TYR H 27 28.71 -0.40 19.60
C TYR H 27 27.88 0.58 18.77
N ILE H 28 27.40 0.15 17.63
CA ILE H 28 26.57 0.98 16.72
C ILE H 28 25.14 0.94 17.23
N PHE H 29 24.75 2.05 17.81
CA PHE H 29 23.51 2.19 18.62
C PHE H 29 22.28 1.78 17.79
N THR H 30 22.20 2.20 16.52
CA THR H 30 21.04 2.02 15.61
C THR H 30 20.92 0.56 15.10
N SER H 31 21.92 -0.29 15.34
CA SER H 31 21.96 -1.68 14.80
C SER H 31 21.29 -2.68 15.76
N TYR H 32 20.88 -2.27 16.97
CA TYR H 32 20.37 -3.21 17.98
C TYR H 32 19.02 -2.74 18.48
N TYR H 33 18.09 -3.67 18.66
CA TYR H 33 16.81 -3.37 19.36
C TYR H 33 17.14 -3.12 20.82
N MET H 34 16.35 -2.27 21.47
CA MET H 34 16.44 -2.06 22.93
CA MET H 34 16.43 -1.99 22.93
C MET H 34 15.11 -2.39 23.60
N TYR H 35 15.19 -3.10 24.72
CA TYR H 35 14.03 -3.50 25.55
C TYR H 35 14.13 -2.79 26.89
N TRP H 36 12.99 -2.51 27.46
CA TRP H 36 12.88 -2.09 28.87
C TRP H 36 12.15 -3.20 29.59
N VAL H 37 12.71 -3.54 30.76
CA VAL H 37 12.28 -4.65 31.63
C VAL H 37 12.07 -4.13 33.05
N LYS H 38 10.97 -4.57 33.64
CA LYS H 38 10.58 -4.25 35.05
C LYS H 38 10.87 -5.43 36.00
N GLN H 39 11.45 -5.12 37.16
CA GLN H 39 11.68 -6.12 38.23
C GLN H 39 11.23 -5.48 39.54
N ALA H 40 10.03 -5.85 39.98
CA ALA H 40 9.41 -5.35 41.24
C ALA H 40 10.05 -6.09 42.40
N PRO H 41 10.13 -5.47 43.61
CA PRO H 41 10.88 -6.03 44.74
C PRO H 41 10.50 -7.48 45.02
N GLY H 42 11.50 -8.35 45.10
CA GLY H 42 11.36 -9.78 45.37
C GLY H 42 10.87 -10.58 44.17
N GLN H 43 10.61 -9.91 43.03
CA GLN H 43 9.84 -10.43 41.85
C GLN H 43 10.77 -10.78 40.67
N GLY H 44 10.15 -11.34 39.63
CA GLY H 44 10.84 -11.72 38.39
C GLY H 44 10.87 -10.57 37.40
N LEU H 45 11.10 -10.92 36.16
CA LEU H 45 11.33 -9.96 35.08
C LEU H 45 10.06 -9.89 34.24
N GLU H 46 9.67 -8.68 33.87
CA GLU H 46 8.44 -8.40 33.10
C GLU H 46 8.78 -7.47 31.96
N LEU H 47 8.53 -7.89 30.73
CA LEU H 47 8.82 -7.01 29.58
C LEU H 47 7.84 -5.84 29.50
N ILE H 48 8.36 -4.63 29.36
CA ILE H 48 7.55 -3.40 29.16
C ILE H 48 7.32 -3.16 27.67
N GLY H 49 8.40 -3.06 26.90
CA GLY H 49 8.30 -2.93 25.45
C GLY H 49 9.66 -2.83 24.83
N GLU H 50 9.66 -2.59 23.53
CA GLU H 50 10.87 -2.59 22.67
C GLU H 50 10.81 -1.34 21.80
N ILE H 51 11.99 -0.82 21.50
CA ILE H 51 12.17 0.28 20.53
C ILE H 51 13.30 -0.08 19.56
N ASN H 52 13.08 0.27 18.32
CA ASN H 52 14.09 0.25 17.25
C ASN H 52 14.73 1.63 17.24
N PRO H 53 15.98 1.76 17.72
CA PRO H 53 16.61 3.07 17.77
C PRO H 53 16.83 3.69 16.39
N SER H 54 16.79 2.86 15.35
CA SER H 54 17.07 3.31 13.96
C SER H 54 16.00 4.32 13.54
N ASN H 55 14.74 4.15 13.96
CA ASN H 55 13.58 4.94 13.44
C ASN H 55 12.64 5.39 14.55
N GLY H 56 12.73 4.84 15.77
CA GLY H 56 11.78 5.16 16.85
C GLY H 56 10.56 4.25 16.91
N ASP H 57 10.48 3.21 16.08
CA ASP H 57 9.30 2.32 16.03
C ASP H 57 9.24 1.54 17.35
N THR H 58 8.06 1.41 17.93
CA THR H 58 7.86 0.76 19.26
C THR H 58 6.82 -0.35 19.17
N ASN H 59 6.96 -1.35 20.02
CA ASN H 59 5.91 -2.36 20.29
C ASN H 59 5.83 -2.50 21.81
N PHE H 60 4.63 -2.56 22.35
CA PHE H 60 4.47 -2.64 23.82
C PHE H 60 3.86 -3.97 24.22
N ASN H 61 4.26 -4.46 25.39
CA ASN H 61 3.42 -5.34 26.22
C ASN H 61 2.14 -4.57 26.50
N GLU H 62 1.00 -5.16 26.13
CA GLU H 62 -0.36 -4.54 26.30
C GLU H 62 -0.52 -3.93 27.71
N LYS H 63 0.01 -4.58 28.76
CA LYS H 63 -0.10 -4.06 30.14
C LYS H 63 0.50 -2.64 30.27
N PHE H 64 1.52 -2.27 29.52
CA PHE H 64 2.30 -1.03 29.76
C PHE H 64 2.01 0.05 28.72
N LYS H 65 1.00 -0.16 27.88
CA LYS H 65 0.68 0.70 26.69
C LYS H 65 0.30 2.11 27.14
N SER H 66 -0.33 2.26 28.31
CA SER H 66 -0.75 3.59 28.85
C SER H 66 0.28 4.11 29.85
N LYS H 67 1.16 3.25 30.35
CA LYS H 67 2.13 3.54 31.42
C LYS H 67 3.47 4.04 30.84
N ALA H 68 3.93 3.54 29.69
CA ALA H 68 5.33 3.79 29.27
C ALA H 68 5.38 4.44 27.88
N THR H 69 6.33 5.37 27.72
CA THR H 69 6.67 6.02 26.42
C THR H 69 8.14 5.83 26.13
N LEU H 70 8.45 5.25 24.98
CA LEU H 70 9.83 4.95 24.57
C LEU H 70 10.26 5.88 23.44
N THR H 71 11.42 6.48 23.57
CA THR H 71 12.04 7.35 22.55
C THR H 71 13.53 7.07 22.53
N VAL H 72 14.21 7.60 21.52
CA VAL H 72 15.70 7.61 21.52
C VAL H 72 16.18 8.97 21.06
N ASP H 73 17.45 9.22 21.38
CA ASP H 73 18.25 10.33 20.79
C ASP H 73 19.43 9.66 20.08
N LYS H 74 19.32 9.48 18.78
CA LYS H 74 20.35 8.72 18.06
C LYS H 74 21.67 9.43 18.21
N SER H 75 21.66 10.76 18.16
CA SER H 75 22.92 11.54 18.14
C SER H 75 23.63 11.34 19.49
N ALA H 76 22.90 11.12 20.58
CA ALA H 76 23.46 10.92 21.93
C ALA H 76 23.54 9.42 22.31
N SER H 77 23.27 8.51 21.38
CA SER H 77 23.18 7.06 21.66
C SER H 77 22.46 6.83 22.97
N THR H 78 21.30 7.43 23.18
CA THR H 78 20.57 7.33 24.45
C THR H 78 19.15 6.88 24.18
N ALA H 79 18.64 5.96 24.98
CA ALA H 79 17.23 5.55 25.00
C ALA H 79 16.58 6.10 26.26
N TYR H 80 15.30 6.42 26.15
CA TYR H 80 14.50 7.03 27.24
C TYR H 80 13.20 6.26 27.40
N MET H 81 12.73 6.13 28.65
CA MET H 81 11.37 5.67 28.95
C MET H 81 10.73 6.60 29.96
N GLU H 82 9.61 7.18 29.59
CA GLU H 82 8.77 8.00 30.47
C GLU H 82 7.70 7.06 31.05
N LEU H 83 7.56 7.08 32.38
CA LEU H 83 6.49 6.39 33.13
C LEU H 83 5.54 7.45 33.70
N SER H 84 4.25 7.36 33.32
CA SER H 84 3.19 8.36 33.66
CA SER H 84 3.17 8.33 33.63
C SER H 84 2.33 7.84 34.81
N SER H 85 1.50 8.74 35.37
CA SER H 85 0.55 8.53 36.50
C SER H 85 1.10 7.48 37.46
N LEU H 86 2.23 7.75 38.10
CA LEU H 86 2.96 6.71 38.85
C LEU H 86 2.12 6.32 40.07
N ARG H 87 2.07 5.02 40.41
CA ARG H 87 1.45 4.54 41.67
C ARG H 87 2.42 3.59 42.35
N SER H 88 2.08 3.15 43.57
CA SER H 88 2.99 2.37 44.43
C SER H 88 3.37 1.07 43.71
N GLU H 89 2.47 0.53 42.88
CA GLU H 89 2.70 -0.71 42.10
C GLU H 89 3.77 -0.49 41.01
N ASP H 90 4.16 0.75 40.70
CA ASP H 90 5.22 1.03 39.70
C ASP H 90 6.60 0.95 40.36
N THR H 91 6.64 0.74 41.68
CA THR H 91 7.91 0.63 42.46
C THR H 91 8.67 -0.59 41.94
N ALA H 92 9.84 -0.38 41.36
CA ALA H 92 10.60 -1.46 40.74
C ALA H 92 11.97 -0.94 40.34
N VAL H 93 12.84 -1.89 40.01
CA VAL H 93 14.07 -1.63 39.23
C VAL H 93 13.66 -1.77 37.76
N TYR H 94 14.03 -0.80 36.93
CA TYR H 94 13.78 -0.85 35.47
C TYR H 94 15.11 -1.00 34.74
N TYR H 95 15.22 -2.01 33.87
CA TYR H 95 16.41 -2.22 33.02
C TYR H 95 16.14 -1.80 31.57
N CYS H 96 17.17 -1.25 30.92
CA CYS H 96 17.25 -1.21 29.45
C CYS H 96 18.16 -2.37 29.07
N THR H 97 17.92 -2.95 27.92
CA THR H 97 18.83 -4.01 27.43
C THR H 97 18.90 -3.93 25.91
N ARG H 98 20.02 -4.36 25.33
CA ARG H 98 20.09 -4.44 23.86
C ARG H 98 19.90 -5.90 23.41
N SER H 99 19.50 -6.03 22.17
CA SER H 99 19.12 -7.30 21.52
C SER H 99 19.53 -7.22 20.05
N ASP H 100 20.34 -8.15 19.58
CA ASP H 100 20.81 -8.11 18.18
C ASP H 100 19.68 -8.53 17.23
N GLY H 101 18.72 -9.35 17.69
CA GLY H 101 17.72 -10.06 16.87
C GLY H 101 16.30 -10.12 17.47
N ARG H 102 16.02 -9.39 18.55
CA ARG H 102 14.77 -9.51 19.35
C ARG H 102 14.64 -10.93 19.89
N ASN H 103 15.76 -11.62 20.12
CA ASN H 103 15.72 -12.97 20.77
C ASN H 103 16.41 -12.86 22.12
N ASP H 104 17.69 -13.20 22.21
CA ASP H 104 18.46 -13.04 23.47
C ASP H 104 18.65 -11.55 23.70
N MET H 105 18.84 -11.15 24.94
CA MET H 105 19.19 -9.78 25.37
C MET H 105 20.62 -9.82 25.96
N ASP H 106 21.62 -9.46 25.15
CA ASP H 106 23.04 -9.84 25.39
C ASP H 106 23.72 -8.86 26.35
N SER H 107 23.16 -7.68 26.59
CA SER H 107 23.76 -6.66 27.48
CA SER H 107 23.77 -6.64 27.46
C SER H 107 22.66 -5.87 28.19
N TRP H 108 22.80 -5.71 29.50
CA TRP H 108 21.81 -4.98 30.34
C TRP H 108 22.47 -3.79 31.06
N GLY H 109 21.74 -2.69 31.18
CA GLY H 109 22.03 -1.56 32.07
C GLY H 109 22.00 -2.05 33.52
N GLN H 110 22.51 -1.24 34.43
CA GLN H 110 22.69 -1.61 35.85
C GLN H 110 21.34 -1.50 36.55
N GLY H 111 20.31 -0.98 35.89
CA GLY H 111 19.02 -0.81 36.60
C GLY H 111 18.90 0.59 37.19
N THR H 112 17.67 1.08 37.19
CA THR H 112 17.24 2.34 37.86
C THR H 112 16.07 1.97 38.78
N LEU H 113 16.24 2.20 40.08
CA LEU H 113 15.17 2.00 41.07
C LEU H 113 14.23 3.19 40.98
N VAL H 114 12.95 2.88 40.84
CA VAL H 114 11.87 3.90 40.97
C VAL H 114 11.05 3.52 42.21
N THR H 115 11.06 4.37 43.21
CA THR H 115 10.19 4.25 44.41
C THR H 115 9.06 5.28 44.33
N VAL H 116 7.82 4.80 44.29
CA VAL H 116 6.60 5.63 44.29
C VAL H 116 5.94 5.47 45.66
N SER H 117 5.88 6.57 46.43
CA SER H 117 5.33 6.60 47.80
C SER H 117 4.76 7.99 48.14
N SER H 118 3.65 7.99 48.87
CA SER H 118 3.04 9.20 49.48
C SER H 118 3.85 9.57 50.73
N ALA H 119 4.72 8.70 51.24
CA ALA H 119 5.56 9.04 52.41
C ALA H 119 6.51 10.21 52.06
N SER H 120 6.93 10.94 53.10
CA SER H 120 7.99 11.98 53.02
C SER H 120 9.21 11.56 53.83
N THR H 121 10.37 12.15 53.47
CA THR H 121 11.68 11.90 54.12
C THR H 121 11.51 11.95 55.63
N LYS H 122 12.08 10.97 56.35
CA LYS H 122 11.95 10.87 57.82
C LYS H 122 13.12 10.03 58.36
N GLY H 123 13.85 10.59 59.30
CA GLY H 123 14.94 9.84 59.97
C GLY H 123 14.34 8.80 60.90
N PRO H 124 15.06 7.69 61.13
CA PRO H 124 14.57 6.61 61.98
C PRO H 124 14.70 6.94 63.47
N SER H 125 13.84 6.33 64.28
CA SER H 125 14.09 6.04 65.71
C SER H 125 14.95 4.77 65.79
N VAL H 126 15.91 4.74 66.71
CA VAL H 126 16.84 3.62 66.98
C VAL H 126 16.57 3.15 68.41
N PHE H 127 15.97 1.96 68.55
CA PHE H 127 15.59 1.35 69.84
C PHE H 127 16.53 0.19 70.10
N PRO H 128 16.96 -0.02 71.37
CA PRO H 128 17.86 -1.12 71.71
C PRO H 128 17.04 -2.41 71.71
N LEU H 129 17.68 -3.49 71.26
CA LEU H 129 17.26 -4.90 71.45
C LEU H 129 18.19 -5.43 72.55
N ALA H 130 17.67 -5.42 73.77
CA ALA H 130 18.52 -5.49 74.97
C ALA H 130 18.83 -6.96 75.22
N PRO H 131 20.10 -7.29 75.51
CA PRO H 131 20.48 -8.68 75.70
C PRO H 131 19.85 -9.31 76.94
N SER H 132 19.79 -10.64 76.91
CA SER H 132 19.54 -11.59 78.02
C SER H 132 20.00 -11.01 79.35
N SER H 137 23.11 -19.79 74.35
CA SER H 137 22.30 -18.61 74.79
C SER H 137 21.39 -18.82 76.02
N GLY H 138 21.88 -19.16 77.22
CA GLY H 138 23.14 -19.83 77.48
C GLY H 138 24.34 -18.91 77.33
N GLY H 139 25.48 -19.50 76.86
CA GLY H 139 26.84 -18.91 76.78
C GLY H 139 26.88 -17.78 75.79
N THR H 140 25.94 -17.74 74.84
CA THR H 140 25.84 -16.67 73.81
C THR H 140 24.67 -15.73 74.10
N ALA H 141 24.90 -14.42 74.11
CA ALA H 141 23.84 -13.38 74.19
C ALA H 141 23.66 -12.77 72.81
N ALA H 142 22.42 -12.45 72.44
CA ALA H 142 22.07 -11.64 71.26
C ALA H 142 21.70 -10.23 71.74
N LEU H 143 22.13 -9.22 71.00
CA LEU H 143 21.68 -7.81 71.18
C LEU H 143 21.52 -7.15 69.82
N GLY H 144 20.96 -5.96 69.80
CA GLY H 144 20.80 -5.27 68.51
C GLY H 144 20.15 -3.91 68.66
N CYS H 145 19.80 -3.38 67.49
CA CYS H 145 19.18 -2.06 67.29
C CYS H 145 18.03 -2.25 66.31
N LEU H 146 16.84 -1.86 66.76
CA LEU H 146 15.66 -1.68 65.91
C LEU H 146 15.68 -0.25 65.37
N VAL H 147 15.91 -0.18 64.06
CA VAL H 147 16.02 1.04 63.25
C VAL H 147 14.68 1.23 62.52
N LYS H 148 13.77 2.00 63.14
CA LYS H 148 12.33 1.98 62.84
C LYS H 148 11.85 3.31 62.27
N ASP H 149 10.96 3.23 61.27
CA ASP H 149 10.13 4.38 60.76
C ASP H 149 10.99 5.41 60.02
N TYR H 150 11.66 4.97 58.95
CA TYR H 150 12.40 5.90 58.09
C TYR H 150 11.90 5.78 56.66
N PHE H 151 12.23 6.81 55.88
CA PHE H 151 11.97 6.89 54.44
C PHE H 151 12.86 7.98 53.86
N PRO H 152 13.40 7.77 52.64
CA PRO H 152 13.39 6.46 51.97
C PRO H 152 14.56 5.57 52.43
N GLU H 153 14.74 4.37 51.83
CA GLU H 153 15.97 3.55 51.98
C GLU H 153 17.15 4.32 51.41
N PRO H 154 18.42 4.05 51.81
CA PRO H 154 18.74 3.08 52.85
C PRO H 154 19.19 3.72 54.18
N VAL H 155 19.30 2.91 55.23
CA VAL H 155 20.11 3.24 56.45
C VAL H 155 21.36 2.37 56.38
N THR H 156 22.47 2.83 56.93
CA THR H 156 23.63 1.96 57.22
C THR H 156 23.74 1.76 58.73
N VAL H 157 24.16 0.57 59.13
CA VAL H 157 24.38 0.19 60.55
C VAL H 157 25.79 -0.41 60.65
N SER H 158 26.57 0.05 61.59
CA SER H 158 27.85 -0.57 61.97
C SER H 158 27.76 -0.75 63.49
N TRP H 159 28.71 -1.48 64.08
CA TRP H 159 28.79 -1.69 65.54
C TRP H 159 30.16 -1.22 66.00
N ASN H 160 30.21 -0.55 67.15
CA ASN H 160 31.44 0.01 67.75
C ASN H 160 32.25 0.67 66.62
N SER H 161 31.61 1.55 65.84
CA SER H 161 32.18 2.34 64.72
C SER H 161 33.01 1.43 63.80
N GLY H 162 32.54 0.19 63.56
CA GLY H 162 33.08 -0.69 62.51
C GLY H 162 34.14 -1.66 63.02
N ALA H 163 34.44 -1.64 64.32
CA ALA H 163 35.44 -2.55 64.93
C ALA H 163 34.80 -3.89 65.30
N LEU H 164 33.47 -3.95 65.43
CA LEU H 164 32.68 -5.20 65.70
C LEU H 164 31.96 -5.58 64.40
N THR H 165 32.41 -6.65 63.74
CA THR H 165 31.83 -7.17 62.45
C THR H 165 31.47 -8.65 62.59
N SER H 166 32.13 -9.41 63.47
CA SER H 166 31.82 -10.85 63.70
C SER H 166 30.48 -11.01 64.37
N GLY H 167 29.64 -11.87 63.79
CA GLY H 167 28.32 -12.22 64.31
C GLY H 167 27.29 -11.14 64.05
N VAL H 168 27.63 -10.08 63.33
CA VAL H 168 26.66 -9.02 62.97
C VAL H 168 25.77 -9.53 61.83
N HIS H 169 24.45 -9.42 61.99
CA HIS H 169 23.44 -9.63 60.91
C HIS H 169 22.57 -8.38 60.81
N THR H 170 22.66 -7.68 59.69
CA THR H 170 21.78 -6.52 59.44
C THR H 170 20.72 -6.98 58.43
N PHE H 171 19.47 -6.93 58.81
CA PHE H 171 18.39 -7.53 58.02
C PHE H 171 18.01 -6.58 56.90
N PRO H 172 17.46 -7.14 55.80
CA PRO H 172 16.82 -6.33 54.77
C PRO H 172 15.72 -5.52 55.45
N ALA H 173 15.51 -4.29 54.97
CA ALA H 173 14.40 -3.44 55.42
C ALA H 173 13.06 -4.06 55.01
N VAL H 174 12.04 -3.93 55.87
CA VAL H 174 10.64 -4.25 55.53
C VAL H 174 9.91 -2.93 55.35
N LEU H 175 9.02 -2.86 54.34
CA LEU H 175 8.08 -1.72 54.21
C LEU H 175 6.90 -1.98 55.14
N GLN H 176 6.57 -1.08 56.05
CA GLN H 176 5.38 -1.23 56.92
C GLN H 176 4.17 -0.67 56.18
N SER H 177 2.97 -0.93 56.66
CA SER H 177 1.74 -0.42 56.00
C SER H 177 1.55 1.07 56.32
N SER H 178 2.39 1.67 57.17
CA SER H 178 2.54 3.14 57.27
C SER H 178 3.23 3.75 56.04
N GLY H 179 3.99 2.96 55.28
CA GLY H 179 4.77 3.49 54.14
C GLY H 179 6.19 3.82 54.60
N LEU H 180 6.47 3.60 55.88
CA LEU H 180 7.82 3.81 56.43
C LEU H 180 8.52 2.46 56.53
N TYR H 181 9.84 2.46 56.40
CA TYR H 181 10.69 1.26 56.55
C TYR H 181 11.09 1.04 58.00
N SER H 182 11.47 -0.19 58.28
CA SER H 182 12.10 -0.66 59.53
C SER H 182 13.10 -1.79 59.23
N LEU H 183 14.23 -1.80 59.89
CA LEU H 183 15.12 -2.97 59.92
C LEU H 183 15.72 -3.12 61.30
N SER H 184 16.11 -4.34 61.63
CA SER H 184 16.93 -4.62 62.84
C SER H 184 18.34 -5.01 62.41
N SER H 185 19.29 -4.69 63.25
CA SER H 185 20.68 -5.19 63.18
C SER H 185 20.97 -5.91 64.49
N VAL H 186 21.55 -7.09 64.44
CA VAL H 186 21.83 -7.87 65.68
C VAL H 186 23.28 -8.32 65.67
N VAL H 187 23.78 -8.65 66.85
CA VAL H 187 25.10 -9.31 66.99
C VAL H 187 24.97 -10.36 68.09
N THR H 188 25.67 -11.46 67.96
CA THR H 188 25.82 -12.40 69.06
C THR H 188 27.22 -12.24 69.63
N VAL H 189 27.28 -12.30 70.94
CA VAL H 189 28.56 -12.12 71.69
C VAL H 189 28.55 -13.14 72.82
N PRO H 190 29.72 -13.44 73.40
CA PRO H 190 29.77 -14.22 74.64
C PRO H 190 29.04 -13.48 75.79
N SER H 191 28.10 -14.17 76.48
CA SER H 191 27.44 -13.68 77.73
C SER H 191 28.49 -13.08 78.68
N SER H 192 29.58 -13.81 78.83
CA SER H 192 30.85 -13.50 79.55
C SER H 192 31.34 -12.06 79.34
N SER H 193 31.12 -11.49 78.15
CA SER H 193 31.63 -10.16 77.69
C SER H 193 30.69 -9.01 78.07
N LEU H 194 29.46 -9.28 78.52
CA LEU H 194 28.43 -8.22 78.72
C LEU H 194 28.83 -7.22 79.83
N GLY H 195 29.73 -7.59 80.76
CA GLY H 195 30.27 -6.69 81.82
C GLY H 195 31.70 -6.25 81.55
N THR H 196 32.17 -6.26 80.30
CA THR H 196 33.57 -5.95 79.93
C THR H 196 33.54 -5.05 78.68
N GLN H 197 32.71 -5.38 77.70
CA GLN H 197 32.67 -4.71 76.37
C GLN H 197 31.44 -3.78 76.30
N THR H 198 31.61 -2.65 75.64
CA THR H 198 30.52 -1.71 75.28
C THR H 198 30.03 -2.04 73.88
N TYR H 199 28.72 -2.11 73.69
CA TYR H 199 28.09 -2.33 72.37
C TYR H 199 27.24 -1.09 71.99
N ILE H 200 27.69 -0.41 70.95
CA ILE H 200 27.06 0.79 70.36
C ILE H 200 26.73 0.52 68.89
N CYS H 201 25.48 0.64 68.48
CA CYS H 201 25.15 0.63 67.02
C CYS H 201 25.32 2.04 66.46
N ASN H 202 25.93 2.17 65.28
CA ASN H 202 26.13 3.48 64.61
C ASN H 202 25.18 3.46 63.41
N VAL H 203 24.09 4.21 63.49
CA VAL H 203 23.05 4.25 62.43
C VAL H 203 23.15 5.59 61.72
N ASN H 204 23.28 5.55 60.39
CA ASN H 204 23.31 6.77 59.54
C ASN H 204 22.15 6.68 58.53
N HIS H 205 21.39 7.77 58.37
CA HIS H 205 20.36 7.90 57.30
C HIS H 205 20.68 9.19 56.56
N LYS H 206 21.35 9.08 55.39
CA LYS H 206 21.86 10.25 54.62
C LYS H 206 20.71 11.18 54.23
N PRO H 207 19.54 10.67 53.75
CA PRO H 207 18.43 11.52 53.28
C PRO H 207 17.86 12.53 54.29
N SER H 208 17.74 12.13 55.56
CA SER H 208 17.25 12.98 56.69
C SER H 208 18.45 13.64 57.41
N ASN H 209 19.69 13.34 56.99
CA ASN H 209 20.94 13.80 57.67
C ASN H 209 20.88 13.35 59.13
N THR H 210 20.48 12.11 59.43
CA THR H 210 20.41 11.70 60.84
C THR H 210 21.47 10.63 61.14
N LYS H 211 22.08 10.80 62.30
CA LYS H 211 23.24 10.02 62.79
C LYS H 211 22.91 9.72 64.25
N VAL H 212 22.97 8.45 64.60
CA VAL H 212 22.59 7.95 65.95
C VAL H 212 23.66 6.95 66.36
N ASP H 213 24.27 7.19 67.52
CA ASP H 213 25.11 6.21 68.24
C ASP H 213 24.29 5.78 69.46
N LYS H 214 23.86 4.50 69.51
CA LYS H 214 22.98 4.01 70.59
C LYS H 214 23.72 2.91 71.33
N LYS H 215 24.02 3.16 72.61
CA LYS H 215 24.55 2.14 73.53
C LYS H 215 23.42 1.13 73.84
N VAL H 216 23.72 -0.15 73.71
CA VAL H 216 22.72 -1.22 73.95
C VAL H 216 23.09 -1.85 75.30
N GLU H 217 22.26 -1.63 76.32
CA GLU H 217 22.50 -1.98 77.75
C GLU H 217 21.58 -3.14 78.16
N PRO H 218 22.08 -4.15 78.93
CA PRO H 218 21.24 -4.88 79.89
C PRO H 218 20.09 -4.13 80.59
N ASP I 1 -0.53 -15.29 26.57
CA ASP I 1 0.93 -15.16 26.69
C ASP I 1 1.50 -16.50 27.10
N ILE I 2 2.73 -16.78 26.70
CA ILE I 2 3.44 -18.01 27.10
C ILE I 2 3.84 -17.91 28.56
N VAL I 3 3.67 -18.98 29.31
CA VAL I 3 4.12 -19.07 30.74
C VAL I 3 5.29 -20.04 30.81
N LEU I 4 6.36 -19.62 31.47
CA LEU I 4 7.57 -20.44 31.72
C LEU I 4 7.63 -20.81 33.22
N THR I 5 7.64 -22.11 33.52
CA THR I 5 7.72 -22.66 34.88
C THR I 5 9.09 -23.30 35.07
N GLN I 6 9.88 -22.75 35.96
CA GLN I 6 11.24 -23.25 36.26
C GLN I 6 11.18 -24.19 37.44
N SER I 7 11.95 -25.27 37.42
CA SER I 7 12.05 -26.20 38.57
C SER I 7 13.50 -26.51 38.76
N PRO I 8 13.98 -26.74 40.00
CA PRO I 8 13.19 -26.50 41.20
C PRO I 8 13.17 -24.98 41.49
N ALA I 9 12.39 -24.52 42.46
CA ALA I 9 12.41 -23.10 42.87
C ALA I 9 13.79 -22.79 43.47
N THR I 10 14.37 -23.74 44.21
CA THR I 10 15.70 -23.63 44.88
C THR I 10 16.45 -24.91 44.60
N LEU I 11 17.70 -24.84 44.13
CA LEU I 11 18.62 -26.00 44.07
C LEU I 11 19.80 -25.74 45.00
N SER I 12 20.04 -26.61 45.98
CA SER I 12 21.20 -26.55 46.91
C SER I 12 22.31 -27.43 46.39
N VAL I 13 23.46 -26.85 46.07
CA VAL I 13 24.67 -27.59 45.61
C VAL I 13 25.90 -27.04 46.30
N SER I 14 26.97 -27.82 46.31
CA SER I 14 28.30 -27.38 46.83
C SER I 14 29.12 -26.95 45.63
N PRO I 15 30.18 -26.16 45.83
CA PRO I 15 31.19 -25.99 44.78
C PRO I 15 31.63 -27.42 44.45
N GLY I 16 31.94 -27.64 43.19
CA GLY I 16 32.41 -28.94 42.65
C GLY I 16 31.30 -29.94 42.43
N GLU I 17 30.03 -29.56 42.52
CA GLU I 17 28.90 -30.45 42.22
C GLU I 17 28.24 -30.01 40.92
N ARG I 18 27.68 -30.94 40.19
CA ARG I 18 26.96 -30.61 38.95
C ARG I 18 25.57 -30.05 39.33
N ALA I 19 25.11 -29.00 38.66
CA ALA I 19 23.76 -28.42 38.86
C ALA I 19 23.03 -28.46 37.52
N THR I 20 21.83 -29.02 37.51
CA THR I 20 20.93 -28.96 36.33
C THR I 20 19.60 -28.36 36.76
N ILE I 21 19.16 -27.33 36.06
CA ILE I 21 17.83 -26.73 36.33
C ILE I 21 16.99 -26.81 35.07
N SER I 22 15.67 -26.73 35.22
CA SER I 22 14.77 -26.95 34.07
C SER I 22 13.75 -25.81 33.93
N CYS I 23 13.23 -25.69 32.70
CA CYS I 23 12.26 -24.68 32.30
C CYS I 23 11.22 -25.36 31.44
N ARG I 24 9.96 -25.28 31.84
CA ARG I 24 8.89 -25.86 31.00
C ARG I 24 7.99 -24.72 30.49
N ALA I 25 7.85 -24.63 29.18
CA ALA I 25 6.98 -23.65 28.48
C ALA I 25 5.58 -24.20 28.32
N SER I 26 4.58 -23.32 28.36
CA SER I 26 3.14 -23.66 28.17
C SER I 26 2.87 -24.13 26.74
N GLN I 27 3.77 -23.88 25.78
CA GLN I 27 3.63 -24.41 24.39
C GLN I 27 5.02 -24.54 23.81
N ARG I 28 5.15 -25.30 22.74
CA ARG I 28 6.43 -25.54 22.03
C ARG I 28 7.00 -24.19 21.57
N VAL I 29 8.30 -24.01 21.74
CA VAL I 29 9.05 -22.79 21.32
C VAL I 29 10.23 -23.20 20.46
N SER I 30 10.10 -24.36 19.80
CA SER I 30 11.08 -24.95 18.84
C SER I 30 10.48 -25.14 17.46
N SER I 31 11.26 -24.95 16.41
CA SER I 31 10.83 -25.28 15.03
C SER I 31 11.98 -26.01 14.34
N SER I 32 12.11 -25.92 13.01
CA SER I 32 13.00 -26.81 12.23
CA SER I 32 12.99 -26.85 12.26
C SER I 32 14.45 -26.62 12.65
N THR I 33 14.88 -25.38 12.91
CA THR I 33 16.33 -25.06 13.03
C THR I 33 16.67 -24.62 14.46
N TYR I 34 15.82 -23.85 15.15
CA TYR I 34 16.14 -23.23 16.45
C TYR I 34 15.03 -23.45 17.47
N SER I 35 15.48 -23.39 18.72
CA SER I 35 14.67 -23.19 19.94
C SER I 35 14.84 -21.75 20.41
N TYR I 36 13.74 -21.03 20.58
CA TYR I 36 13.71 -19.60 20.99
C TYR I 36 13.61 -19.60 22.52
N MET I 37 14.65 -20.09 23.19
CA MET I 37 14.77 -20.15 24.67
C MET I 37 16.19 -19.68 25.01
N HIS I 38 16.30 -18.81 26.00
CA HIS I 38 17.54 -18.15 26.44
C HIS I 38 17.63 -18.24 27.97
N TRP I 39 18.86 -18.32 28.48
CA TRP I 39 19.07 -18.38 29.94
C TRP I 39 19.96 -17.25 30.44
N TYR I 40 19.60 -16.73 31.61
CA TYR I 40 20.29 -15.60 32.29
C TYR I 40 20.62 -15.96 33.74
N GLN I 41 21.69 -15.37 34.25
CA GLN I 41 22.11 -15.38 35.66
C GLN I 41 21.90 -13.97 36.25
N GLN I 42 21.33 -13.88 37.45
CA GLN I 42 21.23 -12.61 38.16
C GLN I 42 21.64 -12.79 39.62
N LYS I 43 22.56 -11.95 40.08
CA LYS I 43 22.87 -11.78 41.53
C LYS I 43 22.13 -10.57 42.08
N PRO I 44 21.82 -10.58 43.40
CA PRO I 44 21.06 -9.49 44.01
C PRO I 44 21.72 -8.14 43.75
N GLY I 45 20.96 -7.08 43.42
CA GLY I 45 21.49 -5.75 43.10
C GLY I 45 22.23 -5.67 41.75
N GLN I 46 22.32 -6.77 40.96
CA GLN I 46 23.05 -6.78 39.67
C GLN I 46 22.03 -7.07 38.55
N PRO I 47 22.33 -6.62 37.31
CA PRO I 47 21.46 -6.91 36.19
C PRO I 47 21.66 -8.37 35.80
N PRO I 48 20.68 -8.97 35.11
CA PRO I 48 20.84 -10.28 34.49
C PRO I 48 22.02 -10.25 33.52
N LYS I 49 22.59 -11.42 33.30
CA LYS I 49 23.71 -11.63 32.38
C LYS I 49 23.35 -12.83 31.49
N LEU I 50 23.51 -12.68 30.17
CA LEU I 50 23.14 -13.78 29.24
C LEU I 50 24.16 -14.90 29.34
N LEU I 51 23.69 -16.15 29.45
CA LEU I 51 24.57 -17.33 29.51
C LEU I 51 24.43 -18.19 28.26
N ILE I 52 23.20 -18.51 27.89
CA ILE I 52 22.88 -19.47 26.81
C ILE I 52 21.84 -18.81 25.94
N LYS I 53 22.08 -18.86 24.63
CA LYS I 53 21.09 -18.35 23.67
C LYS I 53 20.66 -19.49 22.73
N TYR I 54 19.38 -19.46 22.37
CA TYR I 54 18.73 -20.47 21.48
C TYR I 54 18.98 -21.87 22.04
N ALA I 55 18.71 -22.08 23.33
CA ALA I 55 18.69 -23.38 24.06
C ALA I 55 20.10 -23.91 24.35
N SER I 56 21.04 -23.85 23.41
CA SER I 56 22.31 -24.62 23.49
C SER I 56 23.56 -23.80 23.13
N ASN I 57 23.45 -22.52 22.82
CA ASN I 57 24.63 -21.76 22.32
C ASN I 57 25.21 -20.95 23.49
N LEU I 58 26.42 -21.31 23.92
CA LEU I 58 27.19 -20.62 24.99
C LEU I 58 27.47 -19.18 24.54
N GLU I 59 26.98 -18.17 25.26
CA GLU I 59 27.27 -16.75 24.93
C GLU I 59 28.80 -16.54 24.96
N SER I 60 29.33 -15.83 23.99
CA SER I 60 30.78 -15.52 23.96
C SER I 60 31.24 -14.92 25.30
N GLY I 61 32.40 -15.33 25.79
CA GLY I 61 32.93 -14.93 27.10
C GLY I 61 32.34 -15.68 28.29
N VAL I 62 31.34 -16.54 28.10
CA VAL I 62 30.74 -17.30 29.23
C VAL I 62 31.54 -18.57 29.44
N PRO I 63 31.92 -18.95 30.69
CA PRO I 63 32.74 -20.14 30.93
C PRO I 63 32.15 -21.45 30.36
N ALA I 64 33.03 -22.37 29.94
CA ALA I 64 32.65 -23.64 29.25
C ALA I 64 31.83 -24.56 30.16
N ARG I 65 31.80 -24.35 31.48
CA ARG I 65 31.05 -25.24 32.44
C ARG I 65 29.54 -25.00 32.30
N PHE I 66 29.12 -23.92 31.65
CA PHE I 66 27.69 -23.69 31.32
C PHE I 66 27.32 -24.34 30.01
N SER I 67 26.16 -25.02 30.04
CA SER I 67 25.61 -25.66 28.83
C SER I 67 24.08 -25.65 28.93
N GLY I 68 23.43 -25.71 27.79
CA GLY I 68 21.96 -25.76 27.70
C GLY I 68 21.53 -26.85 26.74
N SER I 69 20.40 -27.44 27.04
CA SER I 69 19.81 -28.47 26.17
C SER I 69 18.29 -28.38 26.15
N GLY I 70 17.66 -29.05 25.20
CA GLY I 70 16.20 -29.29 25.22
C GLY I 70 15.57 -28.95 23.92
N SER I 71 14.25 -29.11 23.83
CA SER I 71 13.46 -28.78 22.62
C SER I 71 11.97 -28.81 22.98
N GLY I 72 11.15 -28.22 22.15
CA GLY I 72 9.69 -28.26 22.30
C GLY I 72 9.28 -27.40 23.49
N THR I 73 8.72 -28.06 24.50
CA THR I 73 8.28 -27.41 25.78
C THR I 73 9.34 -27.51 26.88
N ASP I 74 10.47 -28.22 26.72
CA ASP I 74 11.34 -28.56 27.89
C ASP I 74 12.82 -28.30 27.62
N PHE I 75 13.44 -27.52 28.51
CA PHE I 75 14.79 -26.96 28.42
C PHE I 75 15.50 -27.12 29.76
N THR I 76 16.79 -27.40 29.72
CA THR I 76 17.64 -27.53 30.91
C THR I 76 18.87 -26.65 30.74
N LEU I 77 19.36 -26.15 31.85
CA LEU I 77 20.68 -25.47 31.98
C LEU I 77 21.48 -26.32 32.95
N THR I 78 22.73 -26.60 32.58
CA THR I 78 23.64 -27.44 33.39
C THR I 78 24.94 -26.67 33.63
N ILE I 79 25.38 -26.63 34.87
CA ILE I 79 26.75 -26.23 35.29
C ILE I 79 27.50 -27.52 35.68
N SER I 80 28.54 -27.87 34.93
CA SER I 80 29.26 -29.17 34.95
C SER I 80 29.86 -29.32 36.33
N SER I 81 30.36 -28.22 36.87
CA SER I 81 31.01 -28.20 38.19
C SER I 81 30.90 -26.77 38.72
N VAL I 82 30.08 -26.60 39.75
CA VAL I 82 29.71 -25.27 40.28
C VAL I 82 30.95 -24.64 40.89
N GLU I 83 31.12 -23.33 40.70
CA GLU I 83 32.16 -22.52 41.37
C GLU I 83 31.47 -21.54 42.30
N PRO I 84 32.16 -21.00 43.35
CA PRO I 84 31.57 -20.02 44.27
C PRO I 84 30.82 -18.84 43.60
N GLU I 85 31.30 -18.33 42.47
CA GLU I 85 30.68 -17.17 41.75
C GLU I 85 29.36 -17.56 41.04
N ASP I 86 29.00 -18.85 40.97
CA ASP I 86 27.81 -19.35 40.25
C ASP I 86 26.52 -19.27 41.12
N PHE I 87 26.63 -19.15 42.45
CA PHE I 87 25.43 -19.04 43.33
C PHE I 87 24.76 -17.72 42.98
N ALA I 88 23.49 -17.78 42.64
CA ALA I 88 22.73 -16.75 41.89
C ALA I 88 21.33 -17.29 41.60
N THR I 89 20.48 -16.44 41.06
CA THR I 89 19.20 -16.87 40.48
C THR I 89 19.36 -17.00 38.96
N TYR I 90 18.78 -18.04 38.39
CA TYR I 90 18.82 -18.34 36.94
C TYR I 90 17.39 -18.22 36.37
N TYR I 91 17.30 -17.53 35.24
CA TYR I 91 16.02 -17.26 34.56
C TYR I 91 16.09 -17.75 33.13
N CYS I 92 15.02 -18.36 32.68
CA CYS I 92 14.80 -18.72 31.26
C CYS I 92 13.91 -17.63 30.64
N GLN I 93 13.97 -17.46 29.33
CA GLN I 93 13.15 -16.49 28.56
C GLN I 93 12.84 -17.06 27.19
N HIS I 94 11.62 -16.92 26.68
CA HIS I 94 11.31 -17.26 25.26
C HIS I 94 11.33 -16.01 24.39
N SER I 95 11.52 -16.23 23.10
CA SER I 95 11.40 -15.17 22.08
C SER I 95 10.58 -15.72 20.90
N TRP I 96 9.54 -16.49 21.22
CA TRP I 96 8.71 -17.23 20.24
C TRP I 96 7.68 -16.26 19.63
N GLU I 97 7.15 -15.35 20.44
CA GLU I 97 6.11 -14.39 20.01
C GLU I 97 5.97 -13.30 21.06
N PRO I 99 4.27 -11.05 23.99
CA PRO I 99 5.56 -10.53 24.46
C PRO I 99 6.50 -11.65 24.87
N PRO I 100 7.83 -11.42 24.78
CA PRO I 100 8.78 -12.23 25.51
C PRO I 100 8.40 -12.25 27.01
N THR I 101 8.43 -13.46 27.58
CA THR I 101 8.23 -13.69 29.03
C THR I 101 9.41 -14.49 29.57
N PHE I 102 9.60 -14.37 30.87
CA PHE I 102 10.69 -15.00 31.66
C PHE I 102 10.07 -15.99 32.64
N GLY I 103 10.80 -17.05 32.98
CA GLY I 103 10.46 -17.91 34.15
C GLY I 103 10.45 -17.16 35.46
N GLY I 104 9.93 -17.78 36.52
CA GLY I 104 9.94 -17.20 37.88
C GLY I 104 11.29 -17.37 38.58
N GLY I 105 12.25 -18.07 37.99
CA GLY I 105 13.64 -18.18 38.50
C GLY I 105 13.92 -19.44 39.30
N THR I 106 15.18 -19.91 39.22
CA THR I 106 15.69 -20.95 40.14
C THR I 106 16.84 -20.34 40.92
N LYS I 107 16.74 -20.39 42.24
CA LYS I 107 17.83 -19.93 43.13
C LYS I 107 18.79 -21.08 43.30
N LEU I 108 20.05 -20.87 42.90
CA LEU I 108 21.13 -21.85 43.15
C LEU I 108 21.75 -21.41 44.47
N GLU I 109 21.57 -22.27 45.45
CA GLU I 109 21.88 -21.98 46.86
C GLU I 109 23.03 -22.88 47.33
N ILE I 110 23.80 -22.41 48.30
CA ILE I 110 25.01 -23.11 48.81
C ILE I 110 24.57 -24.21 49.78
N LYS I 111 24.86 -25.44 49.45
CA LYS I 111 24.44 -26.58 50.28
C LYS I 111 25.39 -26.65 51.48
N ARG I 112 24.83 -26.95 52.63
CA ARG I 112 25.62 -27.31 53.84
CA ARG I 112 25.59 -27.27 53.86
C ARG I 112 24.71 -28.17 54.71
N THR I 113 25.20 -28.59 55.86
CA THR I 113 24.46 -29.49 56.76
C THR I 113 23.36 -28.68 57.45
N VAL I 114 22.33 -29.37 57.80
CA VAL I 114 21.27 -28.76 58.63
C VAL I 114 21.88 -28.17 59.90
N ALA I 115 21.48 -26.96 60.25
CA ALA I 115 21.85 -26.28 61.50
C ALA I 115 20.57 -25.68 62.15
N ALA I 116 20.33 -25.97 63.42
CA ALA I 116 19.14 -25.47 64.15
C ALA I 116 19.34 -23.99 64.41
N PRO I 117 18.29 -23.16 64.39
CA PRO I 117 18.42 -21.77 64.80
C PRO I 117 18.60 -21.68 66.32
N SER I 118 19.36 -20.68 66.73
CA SER I 118 19.35 -20.16 68.10
C SER I 118 18.27 -19.10 68.12
N VAL I 119 17.30 -19.28 69.00
CA VAL I 119 16.11 -18.38 69.05
C VAL I 119 16.28 -17.45 70.25
N PHE I 120 15.96 -16.19 70.05
CA PHE I 120 16.02 -15.11 71.07
C PHE I 120 14.79 -14.21 70.90
N ILE I 121 14.22 -13.74 72.02
CA ILE I 121 13.07 -12.79 72.01
C ILE I 121 13.45 -11.45 72.70
N PHE I 122 13.02 -10.33 72.13
CA PHE I 122 13.32 -8.98 72.64
C PHE I 122 12.02 -8.25 72.91
N PRO I 123 11.75 -7.96 74.19
CA PRO I 123 10.64 -7.09 74.57
C PRO I 123 10.80 -5.70 73.95
N PRO I 124 9.74 -4.86 73.88
CA PRO I 124 9.89 -3.47 73.46
C PRO I 124 10.81 -2.72 74.44
N SER I 125 11.64 -1.79 73.95
CA SER I 125 12.51 -0.93 74.79
C SER I 125 11.63 0.01 75.63
N ASP I 126 12.12 0.38 76.82
CA ASP I 126 11.58 1.54 77.59
C ASP I 126 11.36 2.73 76.64
N GLU I 127 12.39 3.12 75.88
CA GLU I 127 12.36 4.30 74.98
C GLU I 127 11.09 4.23 74.09
N GLN I 128 10.83 3.09 73.43
CA GLN I 128 9.73 2.97 72.42
C GLN I 128 8.34 3.04 73.06
N LEU I 129 8.12 2.31 74.16
CA LEU I 129 6.84 2.30 74.95
C LEU I 129 6.41 3.74 75.27
N LYS I 130 7.35 4.60 75.65
CA LYS I 130 7.04 6.02 75.99
C LYS I 130 6.28 6.67 74.82
N SER I 131 6.43 6.21 73.56
CA SER I 131 5.85 6.87 72.35
C SER I 131 4.68 6.09 71.72
N GLY I 132 3.97 5.24 72.47
CA GLY I 132 2.65 4.68 72.04
C GLY I 132 2.73 3.45 71.13
N THR I 133 3.94 2.91 70.88
CA THR I 133 4.08 1.68 70.06
C THR I 133 5.06 0.75 70.76
N ALA I 134 4.79 -0.55 70.61
CA ALA I 134 5.57 -1.69 71.13
C ALA I 134 5.90 -2.61 69.94
N SER I 135 7.17 -2.78 69.64
CA SER I 135 7.64 -3.80 68.69
C SER I 135 8.25 -4.93 69.50
N VAL I 136 7.82 -6.16 69.29
CA VAL I 136 8.52 -7.29 69.95
C VAL I 136 9.22 -8.10 68.86
N VAL I 137 10.49 -8.44 69.08
CA VAL I 137 11.37 -9.02 68.02
C VAL I 137 11.76 -10.42 68.46
N CYS I 138 11.60 -11.36 67.56
CA CYS I 138 12.06 -12.76 67.67
C CYS I 138 13.17 -12.94 66.61
N LEU I 139 14.36 -13.34 67.04
CA LEU I 139 15.53 -13.57 66.16
C LEU I 139 15.75 -15.06 66.04
N LEU I 140 15.91 -15.55 64.82
CA LEU I 140 16.34 -16.94 64.52
C LEU I 140 17.75 -16.83 63.94
N ASN I 141 18.75 -17.34 64.63
CA ASN I 141 20.14 -17.04 64.28
C ASN I 141 20.83 -18.29 63.73
N ASN I 142 21.42 -18.13 62.55
CA ASN I 142 22.36 -19.07 61.89
C ASN I 142 21.73 -20.46 61.75
N PHE I 143 20.67 -20.58 60.97
CA PHE I 143 20.04 -21.88 60.73
C PHE I 143 20.15 -22.23 59.23
N TYR I 144 19.92 -23.50 58.95
CA TYR I 144 19.90 -24.06 57.57
C TYR I 144 19.09 -25.33 57.63
N PRO I 145 18.17 -25.59 56.68
CA PRO I 145 17.95 -24.72 55.53
C PRO I 145 17.06 -23.52 55.84
N ARG I 146 16.74 -22.76 54.80
CA ARG I 146 15.89 -21.55 54.82
C ARG I 146 14.52 -21.68 55.49
N GLU I 147 13.82 -22.79 55.30
CA GLU I 147 12.39 -22.97 55.66
C GLU I 147 12.27 -22.90 57.19
N ALA I 148 11.53 -21.94 57.72
CA ALA I 148 11.29 -21.84 59.17
C ALA I 148 9.91 -21.23 59.36
N LYS I 149 9.17 -21.68 60.36
CA LYS I 149 7.83 -21.16 60.71
C LYS I 149 8.03 -20.46 62.06
N VAL I 150 7.59 -19.21 62.15
CA VAL I 150 7.56 -18.40 63.39
C VAL I 150 6.09 -18.10 63.67
N GLN I 151 5.58 -18.57 64.81
CA GLN I 151 4.18 -18.33 65.23
C GLN I 151 4.21 -17.44 66.49
N TRP I 152 3.51 -16.32 66.48
CA TRP I 152 3.42 -15.41 67.65
C TRP I 152 2.18 -15.77 68.48
N LYS I 153 2.31 -15.81 69.79
CA LYS I 153 1.22 -16.13 70.74
C LYS I 153 1.19 -15.05 71.82
N VAL I 154 0.04 -14.48 72.09
CA VAL I 154 -0.15 -13.47 73.18
C VAL I 154 -1.19 -14.06 74.11
N ASP I 155 -0.82 -14.33 75.37
CA ASP I 155 -1.66 -15.06 76.35
C ASP I 155 -2.24 -16.31 75.67
N ASN I 156 -1.41 -17.01 74.91
CA ASN I 156 -1.74 -18.28 74.22
C ASN I 156 -2.72 -18.07 73.05
N ALA I 157 -3.02 -16.84 72.64
CA ALA I 157 -3.81 -16.57 71.41
C ALA I 157 -2.85 -16.48 70.21
N LEU I 158 -3.00 -17.34 69.20
CA LEU I 158 -2.16 -17.31 67.98
C LEU I 158 -2.42 -16.01 67.21
N GLN I 159 -1.37 -15.28 66.84
CA GLN I 159 -1.43 -13.93 66.20
C GLN I 159 -1.38 -14.06 64.67
N SER I 160 -2.19 -13.25 63.98
CA SER I 160 -2.31 -13.18 62.50
C SER I 160 -2.25 -11.72 62.07
N GLY I 161 -1.42 -11.40 61.08
CA GLY I 161 -1.48 -10.15 60.29
C GLY I 161 -0.81 -8.96 60.98
N ASN I 162 -0.17 -9.12 62.13
CA ASN I 162 0.50 -8.02 62.88
C ASN I 162 1.98 -8.34 63.06
N SER I 163 2.54 -9.17 62.20
CA SER I 163 3.99 -9.51 62.21
C SER I 163 4.58 -9.36 60.81
N GLN I 164 5.88 -9.11 60.74
CA GLN I 164 6.65 -9.09 59.47
C GLN I 164 8.00 -9.78 59.73
N GLU I 165 8.50 -10.52 58.75
CA GLU I 165 9.83 -11.17 58.83
C GLU I 165 10.73 -10.58 57.75
N SER I 166 12.00 -10.63 58.05
CA SER I 166 13.07 -10.33 57.10
C SER I 166 14.09 -11.48 57.22
N VAL I 167 14.76 -11.84 56.12
CA VAL I 167 15.80 -12.92 56.14
C VAL I 167 17.05 -12.38 55.47
N THR I 168 18.19 -12.77 56.00
CA THR I 168 19.49 -12.45 55.37
C THR I 168 19.74 -13.43 54.21
N GLU I 169 20.70 -13.07 53.40
CA GLU I 169 21.29 -13.97 52.38
C GLU I 169 22.19 -14.92 53.14
N GLN I 170 22.62 -16.02 52.51
CA GLN I 170 23.48 -17.01 53.14
C GLN I 170 24.75 -16.31 53.65
N ASP I 171 25.16 -16.62 54.87
CA ASP I 171 26.36 -16.02 55.48
C ASP I 171 27.59 -16.36 54.64
N SER I 172 28.49 -15.41 54.42
CA SER I 172 29.68 -15.63 53.54
C SER I 172 30.60 -16.68 54.13
N LYS I 173 30.60 -16.89 55.45
CA LYS I 173 31.60 -17.81 56.10
C LYS I 173 30.96 -19.18 56.41
N ASP I 174 29.72 -19.29 56.90
CA ASP I 174 29.10 -20.59 57.31
C ASP I 174 27.83 -20.93 56.51
N SER I 175 27.42 -20.11 55.56
CA SER I 175 26.32 -20.41 54.61
C SER I 175 24.98 -20.56 55.32
N THR I 176 24.80 -20.01 56.53
CA THR I 176 23.51 -20.08 57.26
C THR I 176 22.66 -18.84 56.92
N TYR I 177 21.38 -18.92 57.31
CA TYR I 177 20.40 -17.82 57.26
C TYR I 177 20.19 -17.35 58.71
N SER I 178 19.75 -16.10 58.79
CA SER I 178 19.17 -15.54 60.03
C SER I 178 17.86 -14.87 59.64
N LEU I 179 16.89 -14.86 60.56
CA LEU I 179 15.54 -14.32 60.32
C LEU I 179 15.11 -13.54 61.55
N SER I 180 14.47 -12.40 61.32
CA SER I 180 13.84 -11.58 62.37
C SER I 180 12.36 -11.57 62.02
N SER I 181 11.51 -11.73 63.03
CA SER I 181 10.05 -11.54 62.96
C SER I 181 9.71 -10.45 63.97
N THR I 182 9.01 -9.41 63.53
CA THR I 182 8.65 -8.26 64.38
C THR I 182 7.14 -8.24 64.54
N LEU I 183 6.66 -8.33 65.78
CA LEU I 183 5.24 -8.18 66.14
C LEU I 183 5.02 -6.74 66.57
N THR I 184 4.10 -6.04 65.92
CA THR I 184 3.79 -4.62 66.24
C THR I 184 2.40 -4.55 66.88
N LEU I 185 2.30 -3.90 68.05
CA LEU I 185 1.05 -3.62 68.79
C LEU I 185 1.03 -2.16 69.23
N SER I 186 -0.16 -1.60 69.41
CA SER I 186 -0.30 -0.31 70.13
C SER I 186 0.18 -0.53 71.57
N LYS I 187 0.68 0.53 72.21
CA LYS I 187 0.98 0.55 73.67
C LYS I 187 -0.27 0.00 74.37
N ALA I 188 -1.48 0.49 74.01
CA ALA I 188 -2.75 0.12 74.69
C ALA I 188 -2.97 -1.39 74.58
N ASP I 189 -2.87 -1.96 73.37
CA ASP I 189 -3.12 -3.41 73.16
C ASP I 189 -2.04 -4.22 73.88
N TYR I 190 -0.77 -3.83 73.73
CA TYR I 190 0.38 -4.47 74.41
C TYR I 190 0.08 -4.55 75.91
N GLU I 191 -0.44 -3.48 76.52
CA GLU I 191 -0.65 -3.40 78.00
C GLU I 191 -1.83 -4.30 78.45
N LYS I 192 -2.71 -4.80 77.57
CA LYS I 192 -3.82 -5.72 77.96
C LYS I 192 -3.36 -7.17 78.19
N HIS I 193 -2.09 -7.52 77.95
CA HIS I 193 -1.62 -8.94 77.93
C HIS I 193 -0.34 -9.13 78.75
N LYS I 194 -0.14 -10.35 79.25
CA LYS I 194 1.05 -10.68 80.06
C LYS I 194 2.11 -11.43 79.22
N VAL I 195 1.77 -12.58 78.64
CA VAL I 195 2.81 -13.49 78.09
C VAL I 195 2.93 -13.33 76.56
N TYR I 196 4.12 -12.93 76.13
CA TYR I 196 4.50 -12.76 74.71
C TYR I 196 5.47 -13.88 74.37
N ALA I 197 5.12 -14.67 73.37
CA ALA I 197 5.85 -15.89 73.00
C ALA I 197 6.00 -15.97 71.48
N CYS I 198 7.19 -16.35 71.04
N CYS I 198 7.19 -16.30 70.99
CA CYS I 198 7.61 -16.74 69.68
CA CYS I 198 7.44 -16.71 69.58
C CYS I 198 7.82 -18.26 69.66
C CYS I 198 7.81 -18.19 69.59
N GLU I 199 7.05 -19.00 68.87
CA GLU I 199 7.24 -20.46 68.70
C GLU I 199 7.87 -20.69 67.33
N VAL I 200 8.99 -21.39 67.34
CA VAL I 200 9.77 -21.61 66.11
C VAL I 200 9.69 -23.08 65.71
N THR I 201 9.38 -23.35 64.44
CA THR I 201 9.47 -24.69 63.84
C THR I 201 10.56 -24.72 62.76
N HIS I 202 11.48 -25.68 62.85
CA HIS I 202 12.59 -25.90 61.88
C HIS I 202 13.08 -27.33 62.02
N GLN I 203 13.50 -27.92 60.91
CA GLN I 203 13.87 -29.36 60.88
C GLN I 203 15.10 -29.61 61.76
N GLY I 204 15.89 -28.57 62.03
CA GLY I 204 17.05 -28.67 62.93
C GLY I 204 16.65 -28.90 64.38
N LEU I 205 15.43 -28.58 64.79
CA LEU I 205 14.97 -28.68 66.21
C LEU I 205 14.19 -29.98 66.34
N SER I 206 14.41 -30.74 67.41
CA SER I 206 13.63 -32.01 67.61
C SER I 206 12.13 -31.73 67.80
N SER I 207 11.75 -30.55 68.31
CA SER I 207 10.33 -30.12 68.41
C SER I 207 10.28 -28.60 68.43
N PRO I 208 9.12 -27.95 68.18
CA PRO I 208 9.03 -26.50 68.21
C PRO I 208 9.59 -25.89 69.50
N VAL I 209 10.38 -24.84 69.39
CA VAL I 209 10.97 -24.13 70.56
C VAL I 209 10.16 -22.83 70.76
N THR I 210 9.76 -22.56 72.00
CA THR I 210 9.04 -21.31 72.33
C THR I 210 9.93 -20.42 73.19
N LYS I 211 10.23 -19.19 72.79
CA LYS I 211 10.87 -18.23 73.72
C LYS I 211 9.79 -17.25 74.13
N SER I 212 9.74 -16.87 75.40
CA SER I 212 8.66 -15.99 75.91
C SER I 212 9.18 -15.09 77.03
N PHE I 213 8.49 -13.99 77.28
CA PHE I 213 8.70 -13.11 78.46
C PHE I 213 7.34 -12.69 78.98
N ASN I 214 7.32 -12.25 80.23
CA ASN I 214 6.15 -11.59 80.88
C ASN I 214 6.33 -10.08 80.81
N ARG I 215 5.35 -9.34 80.27
CA ARG I 215 5.40 -7.87 80.19
C ARG I 215 5.66 -7.34 81.60
N GLY I 216 6.77 -6.60 81.80
CA GLY I 216 7.21 -6.00 83.09
C GLY I 216 8.23 -6.85 83.87
#